data_2YVR
# 
_entry.id   2YVR 
# 
_audit_conform.dict_name       mmcif_pdbx.dic 
_audit_conform.dict_version    5.388 
_audit_conform.dict_location   http://mmcif.pdb.org/dictionaries/ascii/mmcif_pdbx.dic 
# 
loop_
_database_2.database_id 
_database_2.database_code 
_database_2.pdbx_database_accession 
_database_2.pdbx_DOI 
PDB   2YVR         pdb_00002yvr 10.2210/pdb2yvr/pdb 
RCSB  RCSB027195   ?            ?                   
WWPDB D_1000027195 ?            ?                   
# 
loop_
_pdbx_audit_revision_history.ordinal 
_pdbx_audit_revision_history.data_content_type 
_pdbx_audit_revision_history.major_revision 
_pdbx_audit_revision_history.minor_revision 
_pdbx_audit_revision_history.revision_date 
1 'Structure model' 1 0 2008-04-15 
2 'Structure model' 1 1 2011-07-13 
3 'Structure model' 1 2 2024-03-13 
# 
_pdbx_audit_revision_details.ordinal             1 
_pdbx_audit_revision_details.revision_ordinal    1 
_pdbx_audit_revision_details.data_content_type   'Structure model' 
_pdbx_audit_revision_details.provider            repository 
_pdbx_audit_revision_details.type                'Initial release' 
_pdbx_audit_revision_details.description         ? 
_pdbx_audit_revision_details.details             ? 
# 
loop_
_pdbx_audit_revision_group.ordinal 
_pdbx_audit_revision_group.revision_ordinal 
_pdbx_audit_revision_group.data_content_type 
_pdbx_audit_revision_group.group 
1 2 'Structure model' 'Version format compliance' 
2 3 'Structure model' 'Data collection'           
3 3 'Structure model' 'Database references'       
4 3 'Structure model' 'Derived calculations'      
# 
loop_
_pdbx_audit_revision_category.ordinal 
_pdbx_audit_revision_category.revision_ordinal 
_pdbx_audit_revision_category.data_content_type 
_pdbx_audit_revision_category.category 
1 3 'Structure model' chem_comp_atom 
2 3 'Structure model' chem_comp_bond 
3 3 'Structure model' database_2     
4 3 'Structure model' struct_conn    
5 3 'Structure model' struct_site    
# 
loop_
_pdbx_audit_revision_item.ordinal 
_pdbx_audit_revision_item.revision_ordinal 
_pdbx_audit_revision_item.data_content_type 
_pdbx_audit_revision_item.item 
1  3 'Structure model' '_database_2.pdbx_DOI'                
2  3 'Structure model' '_database_2.pdbx_database_accession' 
3  3 'Structure model' '_struct_conn.pdbx_dist_value'        
4  3 'Structure model' '_struct_conn.ptnr1_auth_comp_id'     
5  3 'Structure model' '_struct_conn.ptnr1_auth_seq_id'      
6  3 'Structure model' '_struct_conn.ptnr1_label_asym_id'    
7  3 'Structure model' '_struct_conn.ptnr1_label_atom_id'    
8  3 'Structure model' '_struct_conn.ptnr1_label_comp_id'    
9  3 'Structure model' '_struct_conn.ptnr1_label_seq_id'     
10 3 'Structure model' '_struct_conn.ptnr2_auth_comp_id'     
11 3 'Structure model' '_struct_conn.ptnr2_auth_seq_id'      
12 3 'Structure model' '_struct_conn.ptnr2_label_asym_id'    
13 3 'Structure model' '_struct_conn.ptnr2_label_atom_id'    
14 3 'Structure model' '_struct_conn.ptnr2_label_comp_id'    
15 3 'Structure model' '_struct_conn.ptnr2_label_seq_id'     
16 3 'Structure model' '_struct_site.pdbx_auth_asym_id'      
17 3 'Structure model' '_struct_site.pdbx_auth_comp_id'      
18 3 'Structure model' '_struct_site.pdbx_auth_seq_id'       
# 
_pdbx_database_status.status_code                     REL 
_pdbx_database_status.entry_id                        2YVR 
_pdbx_database_status.recvd_initial_deposition_date   2007-04-13 
_pdbx_database_status.deposit_site                    PDBJ 
_pdbx_database_status.process_site                    PDBJ 
_pdbx_database_status.status_code_sf                  REL 
_pdbx_database_status.status_code_mr                  ? 
_pdbx_database_status.SG_entry                        Y 
_pdbx_database_status.pdb_format_compatible           Y 
_pdbx_database_status.status_code_cs                  ? 
_pdbx_database_status.status_code_nmr_data            ? 
_pdbx_database_status.methods_development_category    ? 
# 
_pdbx_database_related.db_name        TargetDB 
_pdbx_database_related.db_id          ar_001000323.1 
_pdbx_database_related.details        . 
_pdbx_database_related.content_type   unspecified 
# 
loop_
_audit_author.name 
_audit_author.pdbx_ordinal 
'Wang, H.'                                               1 
'Kishishita, S.'                                         2 
'Murayama, K.'                                           3 
'Takemoto, C.'                                           4 
'Terada, T.'                                             5 
'Shirouzu, M.'                                           6 
'RIKEN Structural Genomics/Proteomics Initiative (RSGI)' 7 
# 
_citation.id                        primary 
_citation.title                     'Crystal structure of MS1043' 
_citation.journal_abbrev            'To be Published' 
_citation.journal_volume            ? 
_citation.page_first                ? 
_citation.page_last                 ? 
_citation.year                      ? 
_citation.journal_id_ASTM           ? 
_citation.country                   ? 
_citation.journal_id_ISSN           ? 
_citation.journal_id_CSD            0353 
_citation.book_publisher            ? 
_citation.pdbx_database_id_PubMed   ? 
_citation.pdbx_database_id_DOI      ? 
# 
loop_
_citation_author.citation_id 
_citation_author.name 
_citation_author.ordinal 
_citation_author.identifier_ORCID 
primary 'Wang, H.'       1 ? 
primary 'Kishishita, S.' 2 ? 
primary 'Takemoto, C.'   3 ? 
primary 'Terada, T.'     4 ? 
primary 'Shirouzu, M.'   5 ? 
primary 'Yokoyama, S.'   6 ? 
# 
loop_
_entity.id 
_entity.type 
_entity.src_method 
_entity.pdbx_description 
_entity.formula_weight 
_entity.pdbx_number_of_molecules 
_entity.pdbx_ec 
_entity.pdbx_mutation 
_entity.pdbx_fragment 
_entity.details 
1 polymer     man 'Transcription intermediary factor 1-beta' 5947.656 2  ? ? 'zf-B_box domain, residues in database 201-250' ? 
2 non-polymer syn 'ZINC ION'                                 65.409   4  ? ? ?                                               ? 
3 water       nat water                                      18.015   95 ? ? ?                                               ? 
# 
_entity_name_com.entity_id   1 
_entity_name_com.name        
;MS1043, TIF1-beta, Tripartite motif-containing protein 28, Nuclear corepressor KAP-1, KRAB- associated protein 1, KAP-1, KRAB-interacting protein 1, KRIP-1, RING finger protein 96
;
# 
_entity_poly.entity_id                      1 
_entity_poly.type                           'polypeptide(L)' 
_entity_poly.nstd_linkage                   no 
_entity_poly.nstd_monomer                   no 
_entity_poly.pdbx_seq_one_letter_code       RDGERTVYCNVHKHEPLVLFCESCDTLTCRDCQLNAHKDHQYQFLEDAVR 
_entity_poly.pdbx_seq_one_letter_code_can   RDGERTVYCNVHKHEPLVLFCESCDTLTCRDCQLNAHKDHQYQFLEDAVR 
_entity_poly.pdbx_strand_id                 A,B 
_entity_poly.pdbx_target_identifier         ar_001000323.1 
# 
loop_
_pdbx_entity_nonpoly.entity_id 
_pdbx_entity_nonpoly.name 
_pdbx_entity_nonpoly.comp_id 
2 'ZINC ION' ZN  
3 water      HOH 
# 
loop_
_entity_poly_seq.entity_id 
_entity_poly_seq.num 
_entity_poly_seq.mon_id 
_entity_poly_seq.hetero 
1 1  ARG n 
1 2  ASP n 
1 3  GLY n 
1 4  GLU n 
1 5  ARG n 
1 6  THR n 
1 7  VAL n 
1 8  TYR n 
1 9  CYS n 
1 10 ASN n 
1 11 VAL n 
1 12 HIS n 
1 13 LYS n 
1 14 HIS n 
1 15 GLU n 
1 16 PRO n 
1 17 LEU n 
1 18 VAL n 
1 19 LEU n 
1 20 PHE n 
1 21 CYS n 
1 22 GLU n 
1 23 SER n 
1 24 CYS n 
1 25 ASP n 
1 26 THR n 
1 27 LEU n 
1 28 THR n 
1 29 CYS n 
1 30 ARG n 
1 31 ASP n 
1 32 CYS n 
1 33 GLN n 
1 34 LEU n 
1 35 ASN n 
1 36 ALA n 
1 37 HIS n 
1 38 LYS n 
1 39 ASP n 
1 40 HIS n 
1 41 GLN n 
1 42 TYR n 
1 43 GLN n 
1 44 PHE n 
1 45 LEU n 
1 46 GLU n 
1 47 ASP n 
1 48 ALA n 
1 49 VAL n 
1 50 ARG n 
# 
_entity_src_gen.entity_id                          1 
_entity_src_gen.pdbx_src_id                        1 
_entity_src_gen.pdbx_alt_source_flag               sample 
_entity_src_gen.pdbx_seq_type                      ? 
_entity_src_gen.pdbx_beg_seq_num                   ? 
_entity_src_gen.pdbx_end_seq_num                   ? 
_entity_src_gen.gene_src_common_name               human 
_entity_src_gen.gene_src_genus                     Homo 
_entity_src_gen.pdbx_gene_src_gene                 ? 
_entity_src_gen.gene_src_species                   ? 
_entity_src_gen.gene_src_strain                    ? 
_entity_src_gen.gene_src_tissue                    ? 
_entity_src_gen.gene_src_tissue_fraction           ? 
_entity_src_gen.gene_src_details                   ? 
_entity_src_gen.pdbx_gene_src_fragment             ? 
_entity_src_gen.pdbx_gene_src_scientific_name      'Homo sapiens' 
_entity_src_gen.pdbx_gene_src_ncbi_taxonomy_id     9606 
_entity_src_gen.pdbx_gene_src_variant              ? 
_entity_src_gen.pdbx_gene_src_cell_line            ? 
_entity_src_gen.pdbx_gene_src_atcc                 ? 
_entity_src_gen.pdbx_gene_src_organ                ? 
_entity_src_gen.pdbx_gene_src_organelle            ? 
_entity_src_gen.pdbx_gene_src_cell                 ? 
_entity_src_gen.pdbx_gene_src_cellular_location    ? 
_entity_src_gen.host_org_common_name               ? 
_entity_src_gen.pdbx_host_org_scientific_name      ? 
_entity_src_gen.pdbx_host_org_ncbi_taxonomy_id     ? 
_entity_src_gen.host_org_genus                     ? 
_entity_src_gen.pdbx_host_org_gene                 ? 
_entity_src_gen.pdbx_host_org_organ                ? 
_entity_src_gen.host_org_species                   ? 
_entity_src_gen.pdbx_host_org_tissue               ? 
_entity_src_gen.pdbx_host_org_tissue_fraction      ? 
_entity_src_gen.pdbx_host_org_strain               ? 
_entity_src_gen.pdbx_host_org_variant              ? 
_entity_src_gen.pdbx_host_org_cell_line            ? 
_entity_src_gen.pdbx_host_org_atcc                 ? 
_entity_src_gen.pdbx_host_org_culture_collection   ? 
_entity_src_gen.pdbx_host_org_cell                 ? 
_entity_src_gen.pdbx_host_org_organelle            ? 
_entity_src_gen.pdbx_host_org_cellular_location    ? 
_entity_src_gen.pdbx_host_org_vector_type          PLASMID 
_entity_src_gen.pdbx_host_org_vector               ? 
_entity_src_gen.host_org_details                   ? 
_entity_src_gen.expression_system_id               ? 
_entity_src_gen.plasmid_name                       PK050725-03 
_entity_src_gen.plasmid_details                    ? 
_entity_src_gen.pdbx_description                   'Cell-free protein synthesis' 
# 
loop_
_chem_comp.id 
_chem_comp.type 
_chem_comp.mon_nstd_flag 
_chem_comp.name 
_chem_comp.pdbx_synonyms 
_chem_comp.formula 
_chem_comp.formula_weight 
ALA 'L-peptide linking' y ALANINE         ? 'C3 H7 N O2'     89.093  
ARG 'L-peptide linking' y ARGININE        ? 'C6 H15 N4 O2 1' 175.209 
ASN 'L-peptide linking' y ASPARAGINE      ? 'C4 H8 N2 O3'    132.118 
ASP 'L-peptide linking' y 'ASPARTIC ACID' ? 'C4 H7 N O4'     133.103 
CYS 'L-peptide linking' y CYSTEINE        ? 'C3 H7 N O2 S'   121.158 
GLN 'L-peptide linking' y GLUTAMINE       ? 'C5 H10 N2 O3'   146.144 
GLU 'L-peptide linking' y 'GLUTAMIC ACID' ? 'C5 H9 N O4'     147.129 
GLY 'peptide linking'   y GLYCINE         ? 'C2 H5 N O2'     75.067  
HIS 'L-peptide linking' y HISTIDINE       ? 'C6 H10 N3 O2 1' 156.162 
HOH non-polymer         . WATER           ? 'H2 O'           18.015  
LEU 'L-peptide linking' y LEUCINE         ? 'C6 H13 N O2'    131.173 
LYS 'L-peptide linking' y LYSINE          ? 'C6 H15 N2 O2 1' 147.195 
PHE 'L-peptide linking' y PHENYLALANINE   ? 'C9 H11 N O2'    165.189 
PRO 'L-peptide linking' y PROLINE         ? 'C5 H9 N O2'     115.130 
SER 'L-peptide linking' y SERINE          ? 'C3 H7 N O3'     105.093 
THR 'L-peptide linking' y THREONINE       ? 'C4 H9 N O3'     119.119 
TYR 'L-peptide linking' y TYROSINE        ? 'C9 H11 N O3'    181.189 
VAL 'L-peptide linking' y VALINE          ? 'C5 H11 N O2'    117.146 
ZN  non-polymer         . 'ZINC ION'      ? 'Zn 2'           65.409  
# 
loop_
_pdbx_poly_seq_scheme.asym_id 
_pdbx_poly_seq_scheme.entity_id 
_pdbx_poly_seq_scheme.seq_id 
_pdbx_poly_seq_scheme.mon_id 
_pdbx_poly_seq_scheme.ndb_seq_num 
_pdbx_poly_seq_scheme.pdb_seq_num 
_pdbx_poly_seq_scheme.auth_seq_num 
_pdbx_poly_seq_scheme.pdb_mon_id 
_pdbx_poly_seq_scheme.auth_mon_id 
_pdbx_poly_seq_scheme.pdb_strand_id 
_pdbx_poly_seq_scheme.pdb_ins_code 
_pdbx_poly_seq_scheme.hetero 
A 1 1  ARG 1  1  ?  ?   ?   A . n 
A 1 2  ASP 2  2  ?  ?   ?   A . n 
A 1 3  GLY 3  3  3  GLY GLY A . n 
A 1 4  GLU 4  4  4  GLU GLU A . n 
A 1 5  ARG 5  5  5  ARG ARG A . n 
A 1 6  THR 6  6  6  THR THR A . n 
A 1 7  VAL 7  7  7  VAL VAL A . n 
A 1 8  TYR 8  8  8  TYR TYR A . n 
A 1 9  CYS 9  9  9  CYS CYS A . n 
A 1 10 ASN 10 10 10 ASN ASN A . n 
A 1 11 VAL 11 11 11 VAL VAL A . n 
A 1 12 HIS 12 12 12 HIS HIS A . n 
A 1 13 LYS 13 13 13 LYS LYS A . n 
A 1 14 HIS 14 14 14 HIS HIS A . n 
A 1 15 GLU 15 15 15 GLU GLU A . n 
A 1 16 PRO 16 16 16 PRO PRO A . n 
A 1 17 LEU 17 17 17 LEU LEU A . n 
A 1 18 VAL 18 18 18 VAL VAL A . n 
A 1 19 LEU 19 19 19 LEU LEU A . n 
A 1 20 PHE 20 20 20 PHE PHE A . n 
A 1 21 CYS 21 21 21 CYS CYS A . n 
A 1 22 GLU 22 22 22 GLU GLU A . n 
A 1 23 SER 23 23 23 SER SER A . n 
A 1 24 CYS 24 24 24 CYS CYS A . n 
A 1 25 ASP 25 25 25 ASP ASP A . n 
A 1 26 THR 26 26 26 THR THR A . n 
A 1 27 LEU 27 27 27 LEU LEU A . n 
A 1 28 THR 28 28 28 THR THR A . n 
A 1 29 CYS 29 29 29 CYS CYS A . n 
A 1 30 ARG 30 30 30 ARG ARG A . n 
A 1 31 ASP 31 31 31 ASP ASP A . n 
A 1 32 CYS 32 32 32 CYS CYS A . n 
A 1 33 GLN 33 33 33 GLN GLN A . n 
A 1 34 LEU 34 34 34 LEU LEU A . n 
A 1 35 ASN 35 35 35 ASN ASN A . n 
A 1 36 ALA 36 36 36 ALA ALA A . n 
A 1 37 HIS 37 37 37 HIS HIS A . n 
A 1 38 LYS 38 38 38 LYS LYS A . n 
A 1 39 ASP 39 39 39 ASP ASP A . n 
A 1 40 HIS 40 40 40 HIS HIS A . n 
A 1 41 GLN 41 41 41 GLN GLN A . n 
A 1 42 TYR 42 42 42 TYR TYR A . n 
A 1 43 GLN 43 43 43 GLN GLN A . n 
A 1 44 PHE 44 44 44 PHE PHE A . n 
A 1 45 LEU 45 45 45 LEU LEU A . n 
A 1 46 GLU 46 46 46 GLU GLU A . n 
A 1 47 ASP 47 47 47 ASP ASP A . n 
A 1 48 ALA 48 48 ?  ?   ?   A . n 
A 1 49 VAL 49 49 ?  ?   ?   A . n 
A 1 50 ARG 50 50 ?  ?   ?   A . n 
B 1 1  ARG 1  1  ?  ?   ?   B . n 
B 1 2  ASP 2  2  ?  ?   ?   B . n 
B 1 3  GLY 3  3  3  GLY GLY B . n 
B 1 4  GLU 4  4  4  GLU GLU B . n 
B 1 5  ARG 5  5  5  ARG ARG B . n 
B 1 6  THR 6  6  6  THR THR B . n 
B 1 7  VAL 7  7  7  VAL VAL B . n 
B 1 8  TYR 8  8  8  TYR TYR B . n 
B 1 9  CYS 9  9  9  CYS CYS B . n 
B 1 10 ASN 10 10 10 ASN ASN B . n 
B 1 11 VAL 11 11 11 VAL VAL B . n 
B 1 12 HIS 12 12 12 HIS HIS B . n 
B 1 13 LYS 13 13 13 LYS LYS B . n 
B 1 14 HIS 14 14 14 HIS HIS B . n 
B 1 15 GLU 15 15 15 GLU GLU B . n 
B 1 16 PRO 16 16 16 PRO PRO B . n 
B 1 17 LEU 17 17 17 LEU LEU B . n 
B 1 18 VAL 18 18 18 VAL VAL B . n 
B 1 19 LEU 19 19 19 LEU LEU B . n 
B 1 20 PHE 20 20 20 PHE PHE B . n 
B 1 21 CYS 21 21 21 CYS CYS B . n 
B 1 22 GLU 22 22 22 GLU GLU B . n 
B 1 23 SER 23 23 23 SER SER B . n 
B 1 24 CYS 24 24 24 CYS CYS B . n 
B 1 25 ASP 25 25 25 ASP ASP B . n 
B 1 26 THR 26 26 26 THR THR B . n 
B 1 27 LEU 27 27 27 LEU LEU B . n 
B 1 28 THR 28 28 28 THR THR B . n 
B 1 29 CYS 29 29 29 CYS CYS B . n 
B 1 30 ARG 30 30 30 ARG ARG B . n 
B 1 31 ASP 31 31 31 ASP ASP B . n 
B 1 32 CYS 32 32 32 CYS CYS B . n 
B 1 33 GLN 33 33 33 GLN GLN B . n 
B 1 34 LEU 34 34 34 LEU LEU B . n 
B 1 35 ASN 35 35 35 ASN ASN B . n 
B 1 36 ALA 36 36 36 ALA ALA B . n 
B 1 37 HIS 37 37 37 HIS HIS B . n 
B 1 38 LYS 38 38 38 LYS LYS B . n 
B 1 39 ASP 39 39 39 ASP ASP B . n 
B 1 40 HIS 40 40 40 HIS HIS B . n 
B 1 41 GLN 41 41 41 GLN GLN B . n 
B 1 42 TYR 42 42 42 TYR TYR B . n 
B 1 43 GLN 43 43 43 GLN GLN B . n 
B 1 44 PHE 44 44 44 PHE PHE B . n 
B 1 45 LEU 45 45 45 LEU LEU B . n 
B 1 46 GLU 46 46 46 GLU GLU B . n 
B 1 47 ASP 47 47 47 ASP ASP B . n 
B 1 48 ALA 48 48 ?  ?   ?   B . n 
B 1 49 VAL 49 49 ?  ?   ?   B . n 
B 1 50 ARG 50 50 ?  ?   ?   B . n 
# 
loop_
_pdbx_nonpoly_scheme.asym_id 
_pdbx_nonpoly_scheme.entity_id 
_pdbx_nonpoly_scheme.mon_id 
_pdbx_nonpoly_scheme.ndb_seq_num 
_pdbx_nonpoly_scheme.pdb_seq_num 
_pdbx_nonpoly_scheme.auth_seq_num 
_pdbx_nonpoly_scheme.pdb_mon_id 
_pdbx_nonpoly_scheme.auth_mon_id 
_pdbx_nonpoly_scheme.pdb_strand_id 
_pdbx_nonpoly_scheme.pdb_ins_code 
C 2 ZN  1  1001 1   ZN  ZN  A . 
D 2 ZN  1  1002 2   ZN  ZN  A . 
E 2 ZN  1  1003 3   ZN  ZN  B . 
F 2 ZN  1  1004 4   ZN  ZN  B . 
G 3 HOH 1  1003 1   HOH HOH A . 
G 3 HOH 2  1004 3   HOH HOH A . 
G 3 HOH 3  1005 6   HOH HOH A . 
G 3 HOH 4  1006 9   HOH HOH A . 
G 3 HOH 5  1007 11  HOH HOH A . 
G 3 HOH 6  1008 15  HOH HOH A . 
G 3 HOH 7  1009 16  HOH HOH A . 
G 3 HOH 8  1010 18  HOH HOH A . 
G 3 HOH 9  1011 19  HOH HOH A . 
G 3 HOH 10 1012 20  HOH HOH A . 
G 3 HOH 11 1013 22  HOH HOH A . 
G 3 HOH 12 1014 23  HOH HOH A . 
G 3 HOH 13 1015 29  HOH HOH A . 
G 3 HOH 14 1016 31  HOH HOH A . 
G 3 HOH 15 1017 33  HOH HOH A . 
G 3 HOH 16 1018 37  HOH HOH A . 
G 3 HOH 17 1019 44  HOH HOH A . 
G 3 HOH 18 1020 49  HOH HOH A . 
G 3 HOH 19 1021 50  HOH HOH A . 
G 3 HOH 20 1022 51  HOH HOH A . 
G 3 HOH 21 1023 52  HOH HOH A . 
G 3 HOH 22 1024 54  HOH HOH A . 
G 3 HOH 23 1025 55  HOH HOH A . 
G 3 HOH 24 1026 59  HOH HOH A . 
G 3 HOH 25 1027 60  HOH HOH A . 
G 3 HOH 26 1028 61  HOH HOH A . 
G 3 HOH 27 1029 62  HOH HOH A . 
G 3 HOH 28 1030 68  HOH HOH A . 
G 3 HOH 29 1031 69  HOH HOH A . 
G 3 HOH 30 1032 74  HOH HOH A . 
G 3 HOH 31 1033 75  HOH HOH A . 
G 3 HOH 32 1034 79  HOH HOH A . 
G 3 HOH 33 1035 80  HOH HOH A . 
G 3 HOH 34 1036 81  HOH HOH A . 
G 3 HOH 35 1037 84  HOH HOH A . 
G 3 HOH 36 1038 85  HOH HOH A . 
G 3 HOH 37 1039 86  HOH HOH A . 
G 3 HOH 38 1040 90  HOH HOH A . 
G 3 HOH 39 1041 91  HOH HOH A . 
G 3 HOH 40 1042 95  HOH HOH A . 
G 3 HOH 41 1043 96  HOH HOH A . 
G 3 HOH 42 1044 99  HOH HOH A . 
G 3 HOH 43 1045 103 HOH HOH A . 
G 3 HOH 44 1046 104 HOH HOH A . 
H 3 HOH 1  1005 2   HOH HOH B . 
H 3 HOH 2  1006 4   HOH HOH B . 
H 3 HOH 3  1007 5   HOH HOH B . 
H 3 HOH 4  1008 7   HOH HOH B . 
H 3 HOH 5  1009 8   HOH HOH B . 
H 3 HOH 6  1010 10  HOH HOH B . 
H 3 HOH 7  1011 12  HOH HOH B . 
H 3 HOH 8  1012 13  HOH HOH B . 
H 3 HOH 9  1013 14  HOH HOH B . 
H 3 HOH 10 1014 17  HOH HOH B . 
H 3 HOH 11 1015 21  HOH HOH B . 
H 3 HOH 12 1016 24  HOH HOH B . 
H 3 HOH 13 1017 25  HOH HOH B . 
H 3 HOH 14 1018 26  HOH HOH B . 
H 3 HOH 15 1019 27  HOH HOH B . 
H 3 HOH 16 1020 28  HOH HOH B . 
H 3 HOH 17 1021 30  HOH HOH B . 
H 3 HOH 18 1022 32  HOH HOH B . 
H 3 HOH 19 1023 34  HOH HOH B . 
H 3 HOH 20 1024 35  HOH HOH B . 
H 3 HOH 21 1025 36  HOH HOH B . 
H 3 HOH 22 1026 38  HOH HOH B . 
H 3 HOH 23 1027 39  HOH HOH B . 
H 3 HOH 24 1028 40  HOH HOH B . 
H 3 HOH 25 1029 41  HOH HOH B . 
H 3 HOH 26 1030 42  HOH HOH B . 
H 3 HOH 27 1031 46  HOH HOH B . 
H 3 HOH 28 1032 47  HOH HOH B . 
H 3 HOH 29 1033 48  HOH HOH B . 
H 3 HOH 30 1034 53  HOH HOH B . 
H 3 HOH 31 1035 57  HOH HOH B . 
H 3 HOH 32 1036 58  HOH HOH B . 
H 3 HOH 33 1037 63  HOH HOH B . 
H 3 HOH 34 1038 66  HOH HOH B . 
H 3 HOH 35 1039 67  HOH HOH B . 
H 3 HOH 36 1040 71  HOH HOH B . 
H 3 HOH 37 1041 72  HOH HOH B . 
H 3 HOH 38 1042 73  HOH HOH B . 
H 3 HOH 39 1043 76  HOH HOH B . 
H 3 HOH 40 1044 77  HOH HOH B . 
H 3 HOH 41 1045 78  HOH HOH B . 
H 3 HOH 42 1046 65  HOH HOH B . 
H 3 HOH 43 1047 82  HOH HOH B . 
H 3 HOH 44 1048 87  HOH HOH B . 
H 3 HOH 45 1049 88  HOH HOH B . 
H 3 HOH 46 1050 92  HOH HOH B . 
H 3 HOH 47 1051 94  HOH HOH B . 
H 3 HOH 48 1052 100 HOH HOH B . 
H 3 HOH 49 1053 101 HOH HOH B . 
H 3 HOH 50 1054 102 HOH HOH B . 
H 3 HOH 51 1055 105 HOH HOH B . 
# 
loop_
_software.name 
_software.classification 
_software.version 
_software.citation_id 
_software.pdbx_ordinal 
CNS      refinement        1.1 ? 1 
HKL-2000 'data collection' .   ? 2 
HKL-2000 'data reduction'  .   ? 3 
HKL-2000 'data scaling'    .   ? 4 
SOLVE    phasing           .   ? 5 
# 
_cell.entry_id           2YVR 
_cell.length_a           38.950 
_cell.length_b           38.950 
_cell.length_c           125.835 
_cell.angle_alpha        90.00 
_cell.angle_beta         90.00 
_cell.angle_gamma        90.00 
_cell.Z_PDB              16 
_cell.pdbx_unique_axis   ? 
_cell.length_a_esd       ? 
_cell.length_b_esd       ? 
_cell.length_c_esd       ? 
_cell.angle_alpha_esd    ? 
_cell.angle_beta_esd     ? 
_cell.angle_gamma_esd    ? 
# 
_symmetry.entry_id                         2YVR 
_symmetry.space_group_name_H-M             'P 43 21 2' 
_symmetry.pdbx_full_space_group_name_H-M   ? 
_symmetry.cell_setting                     ? 
_symmetry.Int_Tables_number                96 
_symmetry.space_group_name_Hall            ? 
# 
_exptl.entry_id          2YVR 
_exptl.method            'X-RAY DIFFRACTION' 
_exptl.crystals_number   1 
# 
_exptl_crystal.id                    1 
_exptl_crystal.density_meas          ? 
_exptl_crystal.density_Matthews      2.01 
_exptl_crystal.density_percent_sol   38.68 
_exptl_crystal.description           ? 
_exptl_crystal.F_000                 ? 
_exptl_crystal.preparation           ? 
# 
_exptl_crystal_grow.crystal_id      1 
_exptl_crystal_grow.method          'VAPOR DIFFUSION, HANGING DROP' 
_exptl_crystal_grow.temp            293 
_exptl_crystal_grow.temp_details    ? 
_exptl_crystal_grow.pH              7.6 
_exptl_crystal_grow.pdbx_details    'HEPES, PEG4000, pH 7.6, VAPOR DIFFUSION, HANGING DROP, temperature 293K' 
_exptl_crystal_grow.pdbx_pH_range   . 
# 
_diffrn.id                     1 
_diffrn.ambient_temp           100 
_diffrn.ambient_temp_details   ? 
_diffrn.crystal_id             1 
# 
_diffrn_detector.diffrn_id              1 
_diffrn_detector.detector               CCD 
_diffrn_detector.type                   'RIGAKU JUPITER 210' 
_diffrn_detector.pdbx_collection_date   2006-12-20 
_diffrn_detector.details                ? 
# 
_diffrn_radiation.diffrn_id                        1 
_diffrn_radiation.wavelength_id                    1 
_diffrn_radiation.pdbx_monochromatic_or_laue_m_l   M 
_diffrn_radiation.monochromator                    ? 
_diffrn_radiation.pdbx_diffrn_protocol             MAD 
_diffrn_radiation.pdbx_scattering_type             x-ray 
# 
loop_
_diffrn_radiation_wavelength.id 
_diffrn_radiation_wavelength.wavelength 
_diffrn_radiation_wavelength.wt 
1 1.2820 1.0 
2 1.2831 1.0 
# 
_diffrn_source.diffrn_id                   1 
_diffrn_source.source                      SYNCHROTRON 
_diffrn_source.type                        'SPRING-8 BEAMLINE BL26B2' 
_diffrn_source.pdbx_synchrotron_site       SPring-8 
_diffrn_source.pdbx_synchrotron_beamline   BL26B2 
_diffrn_source.pdbx_wavelength             ? 
_diffrn_source.pdbx_wavelength_list        '1.2820, 1.2831' 
# 
_reflns.entry_id                     2YVR 
_reflns.observed_criterion_sigma_I   -3 
_reflns.observed_criterion_sigma_F   ? 
_reflns.d_resolution_low             50 
_reflns.d_resolution_high            1.80 
_reflns.number_obs                   9725 
_reflns.number_all                   ? 
_reflns.percent_possible_obs         99.9 
_reflns.pdbx_Rmerge_I_obs            ? 
_reflns.pdbx_Rsym_value              0.087 
_reflns.pdbx_netI_over_sigmaI        29.1 
_reflns.B_iso_Wilson_estimate        14.9 
_reflns.pdbx_redundancy              14.6 
_reflns.R_free_details               ? 
_reflns.limit_h_max                  ? 
_reflns.limit_h_min                  ? 
_reflns.limit_k_max                  ? 
_reflns.limit_k_min                  ? 
_reflns.limit_l_max                  ? 
_reflns.limit_l_min                  ? 
_reflns.observed_criterion_F_max     ? 
_reflns.observed_criterion_F_min     ? 
_reflns.pdbx_chi_squared             ? 
_reflns.pdbx_scaling_rejects         ? 
_reflns.pdbx_diffrn_id               1 
_reflns.pdbx_ordinal                 1 
# 
_reflns_shell.d_res_high             1.80 
_reflns_shell.d_res_low              1.86 
_reflns_shell.percent_possible_all   99.8 
_reflns_shell.Rmerge_I_obs           ? 
_reflns_shell.pdbx_Rsym_value        0.274 
_reflns_shell.meanI_over_sigI_obs    10.5 
_reflns_shell.pdbx_redundancy        15.4 
_reflns_shell.percent_possible_obs   ? 
_reflns_shell.number_unique_all      940 
_reflns_shell.number_measured_all    ? 
_reflns_shell.number_measured_obs    ? 
_reflns_shell.number_unique_obs      ? 
_reflns_shell.pdbx_chi_squared       ? 
_reflns_shell.pdbx_diffrn_id         ? 
_reflns_shell.pdbx_ordinal           1 
# 
_refine.entry_id                                 2YVR 
_refine.ls_number_reflns_obs                     9403 
_refine.ls_number_reflns_all                     ? 
_refine.pdbx_ls_sigma_I                          ? 
_refine.pdbx_ls_sigma_F                          0.0 
_refine.pdbx_data_cutoff_high_absF               110698.97 
_refine.pdbx_data_cutoff_low_absF                0.000000 
_refine.pdbx_data_cutoff_high_rms_absF           ? 
_refine.ls_d_res_low                             33.12 
_refine.ls_d_res_high                            1.80 
_refine.ls_percent_reflns_obs                    97.4 
_refine.ls_R_factor_obs                          0.187 
_refine.ls_R_factor_all                          ? 
_refine.ls_R_factor_R_work                       0.187 
_refine.ls_R_factor_R_free                       0.218 
_refine.ls_R_factor_R_free_error                 0.010 
_refine.ls_R_factor_R_free_error_details         ? 
_refine.ls_percent_reflns_R_free                 5.3 
_refine.ls_number_reflns_R_free                  499 
_refine.ls_number_parameters                     ? 
_refine.ls_number_restraints                     ? 
_refine.occupancy_min                            ? 
_refine.occupancy_max                            ? 
_refine.correlation_coeff_Fo_to_Fc               ? 
_refine.correlation_coeff_Fo_to_Fc_free          ? 
_refine.B_iso_mean                               24.5 
_refine.aniso_B[1][1]                            1.88 
_refine.aniso_B[2][2]                            1.88 
_refine.aniso_B[3][3]                            -3.75 
_refine.aniso_B[1][2]                            0.00 
_refine.aniso_B[1][3]                            0.00 
_refine.aniso_B[2][3]                            0.00 
_refine.solvent_model_details                    'FLAT MODEL' 
_refine.solvent_model_param_ksol                 0.392125 
_refine.solvent_model_param_bsol                 52.447 
_refine.pdbx_solvent_vdw_probe_radii             ? 
_refine.pdbx_solvent_ion_probe_radii             ? 
_refine.pdbx_solvent_shrinkage_radii             ? 
_refine.pdbx_ls_cross_valid_method               THROUGHOUT 
_refine.details                                  ? 
_refine.pdbx_starting_model                      ? 
_refine.pdbx_method_to_determine_struct          MAD 
_refine.pdbx_isotropic_thermal_model             RESTRAINED 
_refine.pdbx_stereochemistry_target_values       ? 
_refine.pdbx_stereochem_target_val_spec_case     ? 
_refine.pdbx_R_Free_selection_details            RANDOM 
_refine.pdbx_overall_ESU_R                       ? 
_refine.pdbx_overall_ESU_R_Free                  ? 
_refine.overall_SU_ML                            ? 
_refine.overall_SU_B                             ? 
_refine.ls_redundancy_reflns_obs                 ? 
_refine.B_iso_min                                ? 
_refine.B_iso_max                                ? 
_refine.overall_SU_R_Cruickshank_DPI             ? 
_refine.overall_SU_R_free                        ? 
_refine.ls_wR_factor_R_free                      ? 
_refine.ls_wR_factor_R_work                      ? 
_refine.overall_FOM_free_R_set                   ? 
_refine.overall_FOM_work_R_set                   ? 
_refine.pdbx_overall_phase_error                 ? 
_refine.pdbx_refine_id                           'X-RAY DIFFRACTION' 
_refine.pdbx_diffrn_id                           1 
_refine.pdbx_TLS_residual_ADP_flag               ? 
_refine.pdbx_overall_SU_R_free_Cruickshank_DPI   ? 
_refine.pdbx_overall_SU_R_Blow_DPI               ? 
_refine.pdbx_overall_SU_R_free_Blow_DPI          ? 
# 
_refine_analyze.entry_id                        2YVR 
_refine_analyze.Luzzati_coordinate_error_obs    0.18 
_refine_analyze.Luzzati_sigma_a_obs             0.10 
_refine_analyze.Luzzati_d_res_low_obs           5.00 
_refine_analyze.Luzzati_coordinate_error_free   0.23 
_refine_analyze.Luzzati_sigma_a_free            0.14 
_refine_analyze.Luzzati_d_res_low_free          ? 
_refine_analyze.number_disordered_residues      ? 
_refine_analyze.occupancy_sum_hydrogen          ? 
_refine_analyze.occupancy_sum_non_hydrogen      ? 
_refine_analyze.pdbx_Luzzati_d_res_high_obs     ? 
_refine_analyze.pdbx_refine_id                  'X-RAY DIFFRACTION' 
# 
_refine_hist.pdbx_refine_id                   'X-RAY DIFFRACTION' 
_refine_hist.cycle_id                         LAST 
_refine_hist.pdbx_number_atoms_protein        742 
_refine_hist.pdbx_number_atoms_nucleic_acid   0 
_refine_hist.pdbx_number_atoms_ligand         4 
_refine_hist.number_atoms_solvent             95 
_refine_hist.number_atoms_total               841 
_refine_hist.d_res_high                       1.80 
_refine_hist.d_res_low                        33.12 
# 
loop_
_refine_ls_restr.type 
_refine_ls_restr.dev_ideal 
_refine_ls_restr.dev_ideal_target 
_refine_ls_restr.weight 
_refine_ls_restr.number 
_refine_ls_restr.pdbx_refine_id 
_refine_ls_restr.pdbx_restraint_function 
c_bond_d           0.010 ? ? ? 'X-RAY DIFFRACTION' ? 
c_angle_deg        1.6   ? ? ? 'X-RAY DIFFRACTION' ? 
c_dihedral_angle_d 24.0  ? ? ? 'X-RAY DIFFRACTION' ? 
c_improper_angle_d 0.88  ? ? ? 'X-RAY DIFFRACTION' ? 
# 
_refine_ls_shell.pdbx_total_number_of_bins_used   6 
_refine_ls_shell.d_res_high                       1.80 
_refine_ls_shell.d_res_low                        1.91 
_refine_ls_shell.number_reflns_R_work             1397 
_refine_ls_shell.R_factor_R_work                  0.196 
_refine_ls_shell.percent_reflns_obs               94.3 
_refine_ls_shell.R_factor_R_free                  0.243 
_refine_ls_shell.R_factor_R_free_error            0.029 
_refine_ls_shell.percent_reflns_R_free            4.8 
_refine_ls_shell.number_reflns_R_free             71 
_refine_ls_shell.number_reflns_all                ? 
_refine_ls_shell.R_factor_all                     ? 
_refine_ls_shell.number_reflns_obs                ? 
_refine_ls_shell.redundancy_reflns_obs            ? 
_refine_ls_shell.pdbx_refine_id                   'X-RAY DIFFRACTION' 
# 
loop_
_pdbx_xplor_file.serial_no 
_pdbx_xplor_file.param_file 
_pdbx_xplor_file.topol_file 
_pdbx_xplor_file.pdbx_refine_id 
1 protein_rep.param protein.top 'X-RAY DIFFRACTION' 
2 water_rep.param   ?           'X-RAY DIFFRACTION' 
3 ion.param         ?           'X-RAY DIFFRACTION' 
# 
_struct.entry_id                  2YVR 
_struct.title                     'Crystal structure of MS1043' 
_struct.pdbx_model_details        ? 
_struct.pdbx_CASP_flag            ? 
_struct.pdbx_model_type_details   ? 
# 
_struct_keywords.entry_id        2YVR 
_struct_keywords.pdbx_keywords   'METAL BINDING PROTEIN' 
_struct_keywords.text            
;zf-B_box domain, Structural Genomics, NPPSFA, National Project on Protein Structural and Functional Analyses, RIKEN Structural Genomics/Proteomics Initiative, RSGI, METAL BINDING PROTEIN
;
# 
loop_
_struct_asym.id 
_struct_asym.pdbx_blank_PDB_chainid_flag 
_struct_asym.pdbx_modified 
_struct_asym.entity_id 
_struct_asym.details 
A N N 1 ? 
B N N 1 ? 
C N N 2 ? 
D N N 2 ? 
E N N 2 ? 
F N N 2 ? 
G N N 3 ? 
H N N 3 ? 
# 
_struct_ref.id                         1 
_struct_ref.db_name                    UNP 
_struct_ref.db_code                    TIF1B_HUMAN 
_struct_ref.pdbx_db_accession          Q13263 
_struct_ref.entity_id                  1 
_struct_ref.pdbx_seq_one_letter_code   RDGERTVYCNVHKHEPLVLFCESCDTLTCRDCQLNAHKDHQYQFLEDAVR 
_struct_ref.pdbx_align_begin           201 
_struct_ref.pdbx_db_isoform            ? 
# 
loop_
_struct_ref_seq.align_id 
_struct_ref_seq.ref_id 
_struct_ref_seq.pdbx_PDB_id_code 
_struct_ref_seq.pdbx_strand_id 
_struct_ref_seq.seq_align_beg 
_struct_ref_seq.pdbx_seq_align_beg_ins_code 
_struct_ref_seq.seq_align_end 
_struct_ref_seq.pdbx_seq_align_end_ins_code 
_struct_ref_seq.pdbx_db_accession 
_struct_ref_seq.db_align_beg 
_struct_ref_seq.pdbx_db_align_beg_ins_code 
_struct_ref_seq.db_align_end 
_struct_ref_seq.pdbx_db_align_end_ins_code 
_struct_ref_seq.pdbx_auth_seq_align_beg 
_struct_ref_seq.pdbx_auth_seq_align_end 
1 1 2YVR A 1 ? 50 ? Q13263 201 ? 250 ? 1 50 
2 1 2YVR B 1 ? 50 ? Q13263 201 ? 250 ? 1 50 
# 
_pdbx_struct_assembly.id                   1 
_pdbx_struct_assembly.details              author_and_software_defined_assembly 
_pdbx_struct_assembly.method_details       PISA 
_pdbx_struct_assembly.oligomeric_details   dimeric 
_pdbx_struct_assembly.oligomeric_count     2 
# 
loop_
_pdbx_struct_assembly_prop.biol_id 
_pdbx_struct_assembly_prop.type 
_pdbx_struct_assembly_prop.value 
_pdbx_struct_assembly_prop.details 
1 'ABSA (A^2)' 1160  ? 
1 MORE         -12.0 ? 
1 'SSA (A^2)'  6450  ? 
# 
_pdbx_struct_assembly_gen.assembly_id       1 
_pdbx_struct_assembly_gen.oper_expression   1 
_pdbx_struct_assembly_gen.asym_id_list      A,B,C,D,E,F,G,H 
# 
_pdbx_struct_oper_list.id                   1 
_pdbx_struct_oper_list.type                 'identity operation' 
_pdbx_struct_oper_list.name                 1_555 
_pdbx_struct_oper_list.symmetry_operation   x,y,z 
_pdbx_struct_oper_list.matrix[1][1]         1.0000000000 
_pdbx_struct_oper_list.matrix[1][2]         0.0000000000 
_pdbx_struct_oper_list.matrix[1][3]         0.0000000000 
_pdbx_struct_oper_list.vector[1]            0.0000000000 
_pdbx_struct_oper_list.matrix[2][1]         0.0000000000 
_pdbx_struct_oper_list.matrix[2][2]         1.0000000000 
_pdbx_struct_oper_list.matrix[2][3]         0.0000000000 
_pdbx_struct_oper_list.vector[2]            0.0000000000 
_pdbx_struct_oper_list.matrix[3][1]         0.0000000000 
_pdbx_struct_oper_list.matrix[3][2]         0.0000000000 
_pdbx_struct_oper_list.matrix[3][3]         1.0000000000 
_pdbx_struct_oper_list.vector[3]            0.0000000000 
# 
_struct_biol.id        1 
_struct_biol.details   ? 
# 
loop_
_struct_conf.conf_type_id 
_struct_conf.id 
_struct_conf.pdbx_PDB_helix_id 
_struct_conf.beg_label_comp_id 
_struct_conf.beg_label_asym_id 
_struct_conf.beg_label_seq_id 
_struct_conf.pdbx_beg_PDB_ins_code 
_struct_conf.end_label_comp_id 
_struct_conf.end_label_asym_id 
_struct_conf.end_label_seq_id 
_struct_conf.pdbx_end_PDB_ins_code 
_struct_conf.beg_auth_comp_id 
_struct_conf.beg_auth_asym_id 
_struct_conf.beg_auth_seq_id 
_struct_conf.end_auth_comp_id 
_struct_conf.end_auth_asym_id 
_struct_conf.end_auth_seq_id 
_struct_conf.pdbx_PDB_helix_class 
_struct_conf.details 
_struct_conf.pdbx_PDB_helix_length 
HELX_P HELX_P1 1 CYS A 29 ? ASN A 35 ? CYS A 29 ASN A 35 1 ? 7 
HELX_P HELX_P2 2 CYS B 29 ? ASN B 35 ? CYS B 29 ASN B 35 1 ? 7 
# 
_struct_conf_type.id          HELX_P 
_struct_conf_type.criteria    ? 
_struct_conf_type.reference   ? 
# 
loop_
_struct_conn.id 
_struct_conn.conn_type_id 
_struct_conn.pdbx_leaving_atom_flag 
_struct_conn.pdbx_PDB_id 
_struct_conn.ptnr1_label_asym_id 
_struct_conn.ptnr1_label_comp_id 
_struct_conn.ptnr1_label_seq_id 
_struct_conn.ptnr1_label_atom_id 
_struct_conn.pdbx_ptnr1_label_alt_id 
_struct_conn.pdbx_ptnr1_PDB_ins_code 
_struct_conn.pdbx_ptnr1_standard_comp_id 
_struct_conn.ptnr1_symmetry 
_struct_conn.ptnr2_label_asym_id 
_struct_conn.ptnr2_label_comp_id 
_struct_conn.ptnr2_label_seq_id 
_struct_conn.ptnr2_label_atom_id 
_struct_conn.pdbx_ptnr2_label_alt_id 
_struct_conn.pdbx_ptnr2_PDB_ins_code 
_struct_conn.ptnr1_auth_asym_id 
_struct_conn.ptnr1_auth_comp_id 
_struct_conn.ptnr1_auth_seq_id 
_struct_conn.ptnr2_auth_asym_id 
_struct_conn.ptnr2_auth_comp_id 
_struct_conn.ptnr2_auth_seq_id 
_struct_conn.ptnr2_symmetry 
_struct_conn.pdbx_ptnr3_label_atom_id 
_struct_conn.pdbx_ptnr3_label_seq_id 
_struct_conn.pdbx_ptnr3_label_comp_id 
_struct_conn.pdbx_ptnr3_label_asym_id 
_struct_conn.pdbx_ptnr3_label_alt_id 
_struct_conn.pdbx_ptnr3_PDB_ins_code 
_struct_conn.details 
_struct_conn.pdbx_dist_value 
_struct_conn.pdbx_value_order 
_struct_conn.pdbx_role 
metalc1  metalc ? ? A CYS 9  SG  ? ? ? 1_555 C ZN . ZN ? ? A CYS 9  A ZN 1001 1_555 ? ? ? ? ? ? ? 2.357 ? ? 
metalc2  metalc ? ? A HIS 12 ND1 ? ? ? 1_555 C ZN . ZN ? ? A HIS 12 A ZN 1001 1_555 ? ? ? ? ? ? ? 2.117 ? ? 
metalc3  metalc ? ? A CYS 21 SG  ? ? ? 1_555 D ZN . ZN ? ? A CYS 21 A ZN 1002 1_555 ? ? ? ? ? ? ? 2.204 ? ? 
metalc4  metalc ? ? A CYS 24 SG  ? ? ? 1_555 D ZN . ZN ? ? A CYS 24 A ZN 1002 1_555 ? ? ? ? ? ? ? 2.376 ? ? 
metalc5  metalc ? ? A CYS 29 SG  ? ? ? 1_555 C ZN . ZN ? ? A CYS 29 A ZN 1001 1_555 ? ? ? ? ? ? ? 2.321 ? ? 
metalc6  metalc ? ? A CYS 32 SG  ? ? ? 1_555 C ZN . ZN ? ? A CYS 32 A ZN 1001 1_555 ? ? ? ? ? ? ? 2.265 ? ? 
metalc7  metalc ? ? A HIS 37 ND1 ? ? ? 1_555 D ZN . ZN ? ? A HIS 37 A ZN 1002 1_555 ? ? ? ? ? ? ? 2.098 ? ? 
metalc8  metalc ? ? A HIS 40 ND1 ? ? ? 1_555 D ZN . ZN ? ? A HIS 40 A ZN 1002 1_555 ? ? ? ? ? ? ? 2.181 ? ? 
metalc9  metalc ? ? B CYS 9  SG  ? ? ? 1_555 E ZN . ZN ? ? B CYS 9  B ZN 1003 1_555 ? ? ? ? ? ? ? 2.374 ? ? 
metalc10 metalc ? ? B HIS 12 ND1 ? ? ? 1_555 E ZN . ZN ? ? B HIS 12 B ZN 1003 1_555 ? ? ? ? ? ? ? 2.018 ? ? 
metalc11 metalc ? ? B CYS 21 SG  ? ? ? 1_555 F ZN . ZN ? ? B CYS 21 B ZN 1004 1_555 ? ? ? ? ? ? ? 2.286 ? ? 
metalc12 metalc ? ? B CYS 24 SG  ? ? ? 1_555 F ZN . ZN ? ? B CYS 24 B ZN 1004 1_555 ? ? ? ? ? ? ? 2.353 ? ? 
metalc13 metalc ? ? B CYS 29 SG  ? ? ? 1_555 E ZN . ZN ? ? B CYS 29 B ZN 1003 1_555 ? ? ? ? ? ? ? 2.325 ? ? 
metalc14 metalc ? ? B CYS 32 SG  ? ? ? 1_555 E ZN . ZN ? ? B CYS 32 B ZN 1003 1_555 ? ? ? ? ? ? ? 2.359 ? ? 
metalc15 metalc ? ? B HIS 37 ND1 ? ? ? 1_555 F ZN . ZN ? ? B HIS 37 B ZN 1004 1_555 ? ? ? ? ? ? ? 2.094 ? ? 
metalc16 metalc ? ? B HIS 40 ND1 ? ? ? 1_555 F ZN . ZN ? ? B HIS 40 B ZN 1004 1_555 ? ? ? ? ? ? ? 2.037 ? ? 
# 
_struct_conn_type.id          metalc 
_struct_conn_type.criteria    ? 
_struct_conn_type.reference   ? 
# 
loop_
_pdbx_struct_conn_angle.id 
_pdbx_struct_conn_angle.ptnr1_label_atom_id 
_pdbx_struct_conn_angle.ptnr1_label_alt_id 
_pdbx_struct_conn_angle.ptnr1_label_asym_id 
_pdbx_struct_conn_angle.ptnr1_label_comp_id 
_pdbx_struct_conn_angle.ptnr1_label_seq_id 
_pdbx_struct_conn_angle.ptnr1_auth_atom_id 
_pdbx_struct_conn_angle.ptnr1_auth_asym_id 
_pdbx_struct_conn_angle.ptnr1_auth_comp_id 
_pdbx_struct_conn_angle.ptnr1_auth_seq_id 
_pdbx_struct_conn_angle.ptnr1_PDB_ins_code 
_pdbx_struct_conn_angle.ptnr1_symmetry 
_pdbx_struct_conn_angle.ptnr2_label_atom_id 
_pdbx_struct_conn_angle.ptnr2_label_alt_id 
_pdbx_struct_conn_angle.ptnr2_label_asym_id 
_pdbx_struct_conn_angle.ptnr2_label_comp_id 
_pdbx_struct_conn_angle.ptnr2_label_seq_id 
_pdbx_struct_conn_angle.ptnr2_auth_atom_id 
_pdbx_struct_conn_angle.ptnr2_auth_asym_id 
_pdbx_struct_conn_angle.ptnr2_auth_comp_id 
_pdbx_struct_conn_angle.ptnr2_auth_seq_id 
_pdbx_struct_conn_angle.ptnr2_PDB_ins_code 
_pdbx_struct_conn_angle.ptnr2_symmetry 
_pdbx_struct_conn_angle.ptnr3_label_atom_id 
_pdbx_struct_conn_angle.ptnr3_label_alt_id 
_pdbx_struct_conn_angle.ptnr3_label_asym_id 
_pdbx_struct_conn_angle.ptnr3_label_comp_id 
_pdbx_struct_conn_angle.ptnr3_label_seq_id 
_pdbx_struct_conn_angle.ptnr3_auth_atom_id 
_pdbx_struct_conn_angle.ptnr3_auth_asym_id 
_pdbx_struct_conn_angle.ptnr3_auth_comp_id 
_pdbx_struct_conn_angle.ptnr3_auth_seq_id 
_pdbx_struct_conn_angle.ptnr3_PDB_ins_code 
_pdbx_struct_conn_angle.ptnr3_symmetry 
_pdbx_struct_conn_angle.value 
_pdbx_struct_conn_angle.value_esd 
1  SG  ? A CYS 9  ? A CYS 9  ? 1_555 ZN ? C ZN . ? A ZN 1001 ? 1_555 ND1 ? A HIS 12 ? A HIS 12 ? 1_555 109.5 ? 
2  SG  ? A CYS 9  ? A CYS 9  ? 1_555 ZN ? C ZN . ? A ZN 1001 ? 1_555 SG  ? A CYS 29 ? A CYS 29 ? 1_555 119.9 ? 
3  ND1 ? A HIS 12 ? A HIS 12 ? 1_555 ZN ? C ZN . ? A ZN 1001 ? 1_555 SG  ? A CYS 29 ? A CYS 29 ? 1_555 98.0  ? 
4  SG  ? A CYS 9  ? A CYS 9  ? 1_555 ZN ? C ZN . ? A ZN 1001 ? 1_555 SG  ? A CYS 32 ? A CYS 32 ? 1_555 102.8 ? 
5  ND1 ? A HIS 12 ? A HIS 12 ? 1_555 ZN ? C ZN . ? A ZN 1001 ? 1_555 SG  ? A CYS 32 ? A CYS 32 ? 1_555 107.6 ? 
6  SG  ? A CYS 29 ? A CYS 29 ? 1_555 ZN ? C ZN . ? A ZN 1001 ? 1_555 SG  ? A CYS 32 ? A CYS 32 ? 1_555 118.4 ? 
7  SG  ? A CYS 21 ? A CYS 21 ? 1_555 ZN ? D ZN . ? A ZN 1002 ? 1_555 SG  ? A CYS 24 ? A CYS 24 ? 1_555 121.5 ? 
8  SG  ? A CYS 21 ? A CYS 21 ? 1_555 ZN ? D ZN . ? A ZN 1002 ? 1_555 ND1 ? A HIS 37 ? A HIS 37 ? 1_555 112.6 ? 
9  SG  ? A CYS 24 ? A CYS 24 ? 1_555 ZN ? D ZN . ? A ZN 1002 ? 1_555 ND1 ? A HIS 37 ? A HIS 37 ? 1_555 103.5 ? 
10 SG  ? A CYS 21 ? A CYS 21 ? 1_555 ZN ? D ZN . ? A ZN 1002 ? 1_555 ND1 ? A HIS 40 ? A HIS 40 ? 1_555 110.6 ? 
11 SG  ? A CYS 24 ? A CYS 24 ? 1_555 ZN ? D ZN . ? A ZN 1002 ? 1_555 ND1 ? A HIS 40 ? A HIS 40 ? 1_555 97.9  ? 
12 ND1 ? A HIS 37 ? A HIS 37 ? 1_555 ZN ? D ZN . ? A ZN 1002 ? 1_555 ND1 ? A HIS 40 ? A HIS 40 ? 1_555 109.4 ? 
13 SG  ? B CYS 9  ? B CYS 9  ? 1_555 ZN ? E ZN . ? B ZN 1003 ? 1_555 ND1 ? B HIS 12 ? B HIS 12 ? 1_555 111.7 ? 
14 SG  ? B CYS 9  ? B CYS 9  ? 1_555 ZN ? E ZN . ? B ZN 1003 ? 1_555 SG  ? B CYS 29 ? B CYS 29 ? 1_555 121.3 ? 
15 ND1 ? B HIS 12 ? B HIS 12 ? 1_555 ZN ? E ZN . ? B ZN 1003 ? 1_555 SG  ? B CYS 29 ? B CYS 29 ? 1_555 94.7  ? 
16 SG  ? B CYS 9  ? B CYS 9  ? 1_555 ZN ? E ZN . ? B ZN 1003 ? 1_555 SG  ? B CYS 32 ? B CYS 32 ? 1_555 101.7 ? 
17 ND1 ? B HIS 12 ? B HIS 12 ? 1_555 ZN ? E ZN . ? B ZN 1003 ? 1_555 SG  ? B CYS 32 ? B CYS 32 ? 1_555 108.3 ? 
18 SG  ? B CYS 29 ? B CYS 29 ? 1_555 ZN ? E ZN . ? B ZN 1003 ? 1_555 SG  ? B CYS 32 ? B CYS 32 ? 1_555 118.6 ? 
19 SG  ? B CYS 21 ? B CYS 21 ? 1_555 ZN ? F ZN . ? B ZN 1004 ? 1_555 SG  ? B CYS 24 ? B CYS 24 ? 1_555 120.1 ? 
20 SG  ? B CYS 21 ? B CYS 21 ? 1_555 ZN ? F ZN . ? B ZN 1004 ? 1_555 ND1 ? B HIS 37 ? B HIS 37 ? 1_555 111.3 ? 
21 SG  ? B CYS 24 ? B CYS 24 ? 1_555 ZN ? F ZN . ? B ZN 1004 ? 1_555 ND1 ? B HIS 37 ? B HIS 37 ? 1_555 106.6 ? 
22 SG  ? B CYS 21 ? B CYS 21 ? 1_555 ZN ? F ZN . ? B ZN 1004 ? 1_555 ND1 ? B HIS 40 ? B HIS 40 ? 1_555 111.4 ? 
23 SG  ? B CYS 24 ? B CYS 24 ? 1_555 ZN ? F ZN . ? B ZN 1004 ? 1_555 ND1 ? B HIS 40 ? B HIS 40 ? 1_555 100.0 ? 
24 ND1 ? B HIS 37 ? B HIS 37 ? 1_555 ZN ? F ZN . ? B ZN 1004 ? 1_555 ND1 ? B HIS 40 ? B HIS 40 ? 1_555 106.1 ? 
# 
loop_
_struct_sheet.id 
_struct_sheet.type 
_struct_sheet.number_strands 
_struct_sheet.details 
A ? 3 ? 
B ? 3 ? 
# 
loop_
_struct_sheet_order.sheet_id 
_struct_sheet_order.range_id_1 
_struct_sheet_order.range_id_2 
_struct_sheet_order.offset 
_struct_sheet_order.sense 
A 1 2 ? anti-parallel 
A 2 3 ? anti-parallel 
B 1 2 ? anti-parallel 
B 2 3 ? anti-parallel 
# 
loop_
_struct_sheet_range.sheet_id 
_struct_sheet_range.id 
_struct_sheet_range.beg_label_comp_id 
_struct_sheet_range.beg_label_asym_id 
_struct_sheet_range.beg_label_seq_id 
_struct_sheet_range.pdbx_beg_PDB_ins_code 
_struct_sheet_range.end_label_comp_id 
_struct_sheet_range.end_label_asym_id 
_struct_sheet_range.end_label_seq_id 
_struct_sheet_range.pdbx_end_PDB_ins_code 
_struct_sheet_range.beg_auth_comp_id 
_struct_sheet_range.beg_auth_asym_id 
_struct_sheet_range.beg_auth_seq_id 
_struct_sheet_range.end_auth_comp_id 
_struct_sheet_range.end_auth_asym_id 
_struct_sheet_range.end_auth_seq_id 
A 1 THR A 26 ? THR A 28 ? THR A 26 THR A 28 
A 2 LEU A 19 ? CYS A 21 ? LEU A 19 CYS A 21 
A 3 TYR A 42 ? PHE A 44 ? TYR A 42 PHE A 44 
B 1 THR B 26 ? THR B 28 ? THR B 26 THR B 28 
B 2 LEU B 19 ? CYS B 21 ? LEU B 19 CYS B 21 
B 3 TYR B 42 ? PHE B 44 ? TYR B 42 PHE B 44 
# 
loop_
_pdbx_struct_sheet_hbond.sheet_id 
_pdbx_struct_sheet_hbond.range_id_1 
_pdbx_struct_sheet_hbond.range_id_2 
_pdbx_struct_sheet_hbond.range_1_label_atom_id 
_pdbx_struct_sheet_hbond.range_1_label_comp_id 
_pdbx_struct_sheet_hbond.range_1_label_asym_id 
_pdbx_struct_sheet_hbond.range_1_label_seq_id 
_pdbx_struct_sheet_hbond.range_1_PDB_ins_code 
_pdbx_struct_sheet_hbond.range_1_auth_atom_id 
_pdbx_struct_sheet_hbond.range_1_auth_comp_id 
_pdbx_struct_sheet_hbond.range_1_auth_asym_id 
_pdbx_struct_sheet_hbond.range_1_auth_seq_id 
_pdbx_struct_sheet_hbond.range_2_label_atom_id 
_pdbx_struct_sheet_hbond.range_2_label_comp_id 
_pdbx_struct_sheet_hbond.range_2_label_asym_id 
_pdbx_struct_sheet_hbond.range_2_label_seq_id 
_pdbx_struct_sheet_hbond.range_2_PDB_ins_code 
_pdbx_struct_sheet_hbond.range_2_auth_atom_id 
_pdbx_struct_sheet_hbond.range_2_auth_comp_id 
_pdbx_struct_sheet_hbond.range_2_auth_asym_id 
_pdbx_struct_sheet_hbond.range_2_auth_seq_id 
A 1 2 O THR A 26 ? O THR A 26 N CYS A 21 ? N CYS A 21 
A 2 3 N PHE A 20 ? N PHE A 20 O GLN A 43 ? O GLN A 43 
B 1 2 O THR B 26 ? O THR B 26 N CYS B 21 ? N CYS B 21 
B 2 3 N PHE B 20 ? N PHE B 20 O GLN B 43 ? O GLN B 43 
# 
loop_
_struct_site.id 
_struct_site.pdbx_evidence_code 
_struct_site.pdbx_auth_asym_id 
_struct_site.pdbx_auth_comp_id 
_struct_site.pdbx_auth_seq_id 
_struct_site.pdbx_auth_ins_code 
_struct_site.pdbx_num_residues 
_struct_site.details 
AC1 Software A ZN 1001 ? 4 'BINDING SITE FOR RESIDUE ZN A 1001' 
AC2 Software A ZN 1002 ? 4 'BINDING SITE FOR RESIDUE ZN A 1002' 
AC3 Software B ZN 1003 ? 4 'BINDING SITE FOR RESIDUE ZN B 1003' 
AC4 Software B ZN 1004 ? 4 'BINDING SITE FOR RESIDUE ZN B 1004' 
# 
loop_
_struct_site_gen.id 
_struct_site_gen.site_id 
_struct_site_gen.pdbx_num_res 
_struct_site_gen.label_comp_id 
_struct_site_gen.label_asym_id 
_struct_site_gen.label_seq_id 
_struct_site_gen.pdbx_auth_ins_code 
_struct_site_gen.auth_comp_id 
_struct_site_gen.auth_asym_id 
_struct_site_gen.auth_seq_id 
_struct_site_gen.label_atom_id 
_struct_site_gen.label_alt_id 
_struct_site_gen.symmetry 
_struct_site_gen.details 
1  AC1 4 CYS A 9  ? CYS A 9  . ? 1_555 ? 
2  AC1 4 HIS A 12 ? HIS A 12 . ? 1_555 ? 
3  AC1 4 CYS A 29 ? CYS A 29 . ? 1_555 ? 
4  AC1 4 CYS A 32 ? CYS A 32 . ? 1_555 ? 
5  AC2 4 CYS A 21 ? CYS A 21 . ? 1_555 ? 
6  AC2 4 CYS A 24 ? CYS A 24 . ? 1_555 ? 
7  AC2 4 HIS A 37 ? HIS A 37 . ? 1_555 ? 
8  AC2 4 HIS A 40 ? HIS A 40 . ? 1_555 ? 
9  AC3 4 CYS B 9  ? CYS B 9  . ? 1_555 ? 
10 AC3 4 HIS B 12 ? HIS B 12 . ? 1_555 ? 
11 AC3 4 CYS B 29 ? CYS B 29 . ? 1_555 ? 
12 AC3 4 CYS B 32 ? CYS B 32 . ? 1_555 ? 
13 AC4 4 CYS B 21 ? CYS B 21 . ? 1_555 ? 
14 AC4 4 CYS B 24 ? CYS B 24 . ? 1_555 ? 
15 AC4 4 HIS B 37 ? HIS B 37 . ? 1_555 ? 
16 AC4 4 HIS B 40 ? HIS B 40 . ? 1_555 ? 
# 
loop_
_pdbx_validate_torsion.id 
_pdbx_validate_torsion.PDB_model_num 
_pdbx_validate_torsion.auth_comp_id 
_pdbx_validate_torsion.auth_asym_id 
_pdbx_validate_torsion.auth_seq_id 
_pdbx_validate_torsion.PDB_ins_code 
_pdbx_validate_torsion.label_alt_id 
_pdbx_validate_torsion.phi 
_pdbx_validate_torsion.psi 
1 1 ASN A 35 ? ? -99.51  -83.75 
2 1 ASN B 35 ? ? -107.91 -88.29 
3 1 ASP B 39 ? ? 81.65   -13.19 
# 
_pdbx_SG_project.id                    1 
_pdbx_SG_project.project_name          'NPPSFA, National Project on Protein Structural and Functional Analyses' 
_pdbx_SG_project.full_name_of_center   'RIKEN Structural Genomics/Proteomics Initiative' 
_pdbx_SG_project.initial_of_center     RSGI 
# 
loop_
_pdbx_unobs_or_zero_occ_residues.id 
_pdbx_unobs_or_zero_occ_residues.PDB_model_num 
_pdbx_unobs_or_zero_occ_residues.polymer_flag 
_pdbx_unobs_or_zero_occ_residues.occupancy_flag 
_pdbx_unobs_or_zero_occ_residues.auth_asym_id 
_pdbx_unobs_or_zero_occ_residues.auth_comp_id 
_pdbx_unobs_or_zero_occ_residues.auth_seq_id 
_pdbx_unobs_or_zero_occ_residues.PDB_ins_code 
_pdbx_unobs_or_zero_occ_residues.label_asym_id 
_pdbx_unobs_or_zero_occ_residues.label_comp_id 
_pdbx_unobs_or_zero_occ_residues.label_seq_id 
1  1 Y 1 A ARG 1  ? A ARG 1  
2  1 Y 1 A ASP 2  ? A ASP 2  
3  1 Y 1 A ALA 48 ? A ALA 48 
4  1 Y 1 A VAL 49 ? A VAL 49 
5  1 Y 1 A ARG 50 ? A ARG 50 
6  1 Y 1 B ARG 1  ? B ARG 1  
7  1 Y 1 B ASP 2  ? B ASP 2  
8  1 Y 1 B ALA 48 ? B ALA 48 
9  1 Y 1 B VAL 49 ? B VAL 49 
10 1 Y 1 B ARG 50 ? B ARG 50 
# 
loop_
_chem_comp_atom.comp_id 
_chem_comp_atom.atom_id 
_chem_comp_atom.type_symbol 
_chem_comp_atom.pdbx_aromatic_flag 
_chem_comp_atom.pdbx_stereo_config 
_chem_comp_atom.pdbx_ordinal 
ALA N    N  N N 1   
ALA CA   C  N S 2   
ALA C    C  N N 3   
ALA O    O  N N 4   
ALA CB   C  N N 5   
ALA OXT  O  N N 6   
ALA H    H  N N 7   
ALA H2   H  N N 8   
ALA HA   H  N N 9   
ALA HB1  H  N N 10  
ALA HB2  H  N N 11  
ALA HB3  H  N N 12  
ALA HXT  H  N N 13  
ARG N    N  N N 14  
ARG CA   C  N S 15  
ARG C    C  N N 16  
ARG O    O  N N 17  
ARG CB   C  N N 18  
ARG CG   C  N N 19  
ARG CD   C  N N 20  
ARG NE   N  N N 21  
ARG CZ   C  N N 22  
ARG NH1  N  N N 23  
ARG NH2  N  N N 24  
ARG OXT  O  N N 25  
ARG H    H  N N 26  
ARG H2   H  N N 27  
ARG HA   H  N N 28  
ARG HB2  H  N N 29  
ARG HB3  H  N N 30  
ARG HG2  H  N N 31  
ARG HG3  H  N N 32  
ARG HD2  H  N N 33  
ARG HD3  H  N N 34  
ARG HE   H  N N 35  
ARG HH11 H  N N 36  
ARG HH12 H  N N 37  
ARG HH21 H  N N 38  
ARG HH22 H  N N 39  
ARG HXT  H  N N 40  
ASN N    N  N N 41  
ASN CA   C  N S 42  
ASN C    C  N N 43  
ASN O    O  N N 44  
ASN CB   C  N N 45  
ASN CG   C  N N 46  
ASN OD1  O  N N 47  
ASN ND2  N  N N 48  
ASN OXT  O  N N 49  
ASN H    H  N N 50  
ASN H2   H  N N 51  
ASN HA   H  N N 52  
ASN HB2  H  N N 53  
ASN HB3  H  N N 54  
ASN HD21 H  N N 55  
ASN HD22 H  N N 56  
ASN HXT  H  N N 57  
ASP N    N  N N 58  
ASP CA   C  N S 59  
ASP C    C  N N 60  
ASP O    O  N N 61  
ASP CB   C  N N 62  
ASP CG   C  N N 63  
ASP OD1  O  N N 64  
ASP OD2  O  N N 65  
ASP OXT  O  N N 66  
ASP H    H  N N 67  
ASP H2   H  N N 68  
ASP HA   H  N N 69  
ASP HB2  H  N N 70  
ASP HB3  H  N N 71  
ASP HD2  H  N N 72  
ASP HXT  H  N N 73  
CYS N    N  N N 74  
CYS CA   C  N R 75  
CYS C    C  N N 76  
CYS O    O  N N 77  
CYS CB   C  N N 78  
CYS SG   S  N N 79  
CYS OXT  O  N N 80  
CYS H    H  N N 81  
CYS H2   H  N N 82  
CYS HA   H  N N 83  
CYS HB2  H  N N 84  
CYS HB3  H  N N 85  
CYS HG   H  N N 86  
CYS HXT  H  N N 87  
GLN N    N  N N 88  
GLN CA   C  N S 89  
GLN C    C  N N 90  
GLN O    O  N N 91  
GLN CB   C  N N 92  
GLN CG   C  N N 93  
GLN CD   C  N N 94  
GLN OE1  O  N N 95  
GLN NE2  N  N N 96  
GLN OXT  O  N N 97  
GLN H    H  N N 98  
GLN H2   H  N N 99  
GLN HA   H  N N 100 
GLN HB2  H  N N 101 
GLN HB3  H  N N 102 
GLN HG2  H  N N 103 
GLN HG3  H  N N 104 
GLN HE21 H  N N 105 
GLN HE22 H  N N 106 
GLN HXT  H  N N 107 
GLU N    N  N N 108 
GLU CA   C  N S 109 
GLU C    C  N N 110 
GLU O    O  N N 111 
GLU CB   C  N N 112 
GLU CG   C  N N 113 
GLU CD   C  N N 114 
GLU OE1  O  N N 115 
GLU OE2  O  N N 116 
GLU OXT  O  N N 117 
GLU H    H  N N 118 
GLU H2   H  N N 119 
GLU HA   H  N N 120 
GLU HB2  H  N N 121 
GLU HB3  H  N N 122 
GLU HG2  H  N N 123 
GLU HG3  H  N N 124 
GLU HE2  H  N N 125 
GLU HXT  H  N N 126 
GLY N    N  N N 127 
GLY CA   C  N N 128 
GLY C    C  N N 129 
GLY O    O  N N 130 
GLY OXT  O  N N 131 
GLY H    H  N N 132 
GLY H2   H  N N 133 
GLY HA2  H  N N 134 
GLY HA3  H  N N 135 
GLY HXT  H  N N 136 
HIS N    N  N N 137 
HIS CA   C  N S 138 
HIS C    C  N N 139 
HIS O    O  N N 140 
HIS CB   C  N N 141 
HIS CG   C  Y N 142 
HIS ND1  N  Y N 143 
HIS CD2  C  Y N 144 
HIS CE1  C  Y N 145 
HIS NE2  N  Y N 146 
HIS OXT  O  N N 147 
HIS H    H  N N 148 
HIS H2   H  N N 149 
HIS HA   H  N N 150 
HIS HB2  H  N N 151 
HIS HB3  H  N N 152 
HIS HD1  H  N N 153 
HIS HD2  H  N N 154 
HIS HE1  H  N N 155 
HIS HE2  H  N N 156 
HIS HXT  H  N N 157 
HOH O    O  N N 158 
HOH H1   H  N N 159 
HOH H2   H  N N 160 
LEU N    N  N N 161 
LEU CA   C  N S 162 
LEU C    C  N N 163 
LEU O    O  N N 164 
LEU CB   C  N N 165 
LEU CG   C  N N 166 
LEU CD1  C  N N 167 
LEU CD2  C  N N 168 
LEU OXT  O  N N 169 
LEU H    H  N N 170 
LEU H2   H  N N 171 
LEU HA   H  N N 172 
LEU HB2  H  N N 173 
LEU HB3  H  N N 174 
LEU HG   H  N N 175 
LEU HD11 H  N N 176 
LEU HD12 H  N N 177 
LEU HD13 H  N N 178 
LEU HD21 H  N N 179 
LEU HD22 H  N N 180 
LEU HD23 H  N N 181 
LEU HXT  H  N N 182 
LYS N    N  N N 183 
LYS CA   C  N S 184 
LYS C    C  N N 185 
LYS O    O  N N 186 
LYS CB   C  N N 187 
LYS CG   C  N N 188 
LYS CD   C  N N 189 
LYS CE   C  N N 190 
LYS NZ   N  N N 191 
LYS OXT  O  N N 192 
LYS H    H  N N 193 
LYS H2   H  N N 194 
LYS HA   H  N N 195 
LYS HB2  H  N N 196 
LYS HB3  H  N N 197 
LYS HG2  H  N N 198 
LYS HG3  H  N N 199 
LYS HD2  H  N N 200 
LYS HD3  H  N N 201 
LYS HE2  H  N N 202 
LYS HE3  H  N N 203 
LYS HZ1  H  N N 204 
LYS HZ2  H  N N 205 
LYS HZ3  H  N N 206 
LYS HXT  H  N N 207 
PHE N    N  N N 208 
PHE CA   C  N S 209 
PHE C    C  N N 210 
PHE O    O  N N 211 
PHE CB   C  N N 212 
PHE CG   C  Y N 213 
PHE CD1  C  Y N 214 
PHE CD2  C  Y N 215 
PHE CE1  C  Y N 216 
PHE CE2  C  Y N 217 
PHE CZ   C  Y N 218 
PHE OXT  O  N N 219 
PHE H    H  N N 220 
PHE H2   H  N N 221 
PHE HA   H  N N 222 
PHE HB2  H  N N 223 
PHE HB3  H  N N 224 
PHE HD1  H  N N 225 
PHE HD2  H  N N 226 
PHE HE1  H  N N 227 
PHE HE2  H  N N 228 
PHE HZ   H  N N 229 
PHE HXT  H  N N 230 
PRO N    N  N N 231 
PRO CA   C  N S 232 
PRO C    C  N N 233 
PRO O    O  N N 234 
PRO CB   C  N N 235 
PRO CG   C  N N 236 
PRO CD   C  N N 237 
PRO OXT  O  N N 238 
PRO H    H  N N 239 
PRO HA   H  N N 240 
PRO HB2  H  N N 241 
PRO HB3  H  N N 242 
PRO HG2  H  N N 243 
PRO HG3  H  N N 244 
PRO HD2  H  N N 245 
PRO HD3  H  N N 246 
PRO HXT  H  N N 247 
SER N    N  N N 248 
SER CA   C  N S 249 
SER C    C  N N 250 
SER O    O  N N 251 
SER CB   C  N N 252 
SER OG   O  N N 253 
SER OXT  O  N N 254 
SER H    H  N N 255 
SER H2   H  N N 256 
SER HA   H  N N 257 
SER HB2  H  N N 258 
SER HB3  H  N N 259 
SER HG   H  N N 260 
SER HXT  H  N N 261 
THR N    N  N N 262 
THR CA   C  N S 263 
THR C    C  N N 264 
THR O    O  N N 265 
THR CB   C  N R 266 
THR OG1  O  N N 267 
THR CG2  C  N N 268 
THR OXT  O  N N 269 
THR H    H  N N 270 
THR H2   H  N N 271 
THR HA   H  N N 272 
THR HB   H  N N 273 
THR HG1  H  N N 274 
THR HG21 H  N N 275 
THR HG22 H  N N 276 
THR HG23 H  N N 277 
THR HXT  H  N N 278 
TYR N    N  N N 279 
TYR CA   C  N S 280 
TYR C    C  N N 281 
TYR O    O  N N 282 
TYR CB   C  N N 283 
TYR CG   C  Y N 284 
TYR CD1  C  Y N 285 
TYR CD2  C  Y N 286 
TYR CE1  C  Y N 287 
TYR CE2  C  Y N 288 
TYR CZ   C  Y N 289 
TYR OH   O  N N 290 
TYR OXT  O  N N 291 
TYR H    H  N N 292 
TYR H2   H  N N 293 
TYR HA   H  N N 294 
TYR HB2  H  N N 295 
TYR HB3  H  N N 296 
TYR HD1  H  N N 297 
TYR HD2  H  N N 298 
TYR HE1  H  N N 299 
TYR HE2  H  N N 300 
TYR HH   H  N N 301 
TYR HXT  H  N N 302 
VAL N    N  N N 303 
VAL CA   C  N S 304 
VAL C    C  N N 305 
VAL O    O  N N 306 
VAL CB   C  N N 307 
VAL CG1  C  N N 308 
VAL CG2  C  N N 309 
VAL OXT  O  N N 310 
VAL H    H  N N 311 
VAL H2   H  N N 312 
VAL HA   H  N N 313 
VAL HB   H  N N 314 
VAL HG11 H  N N 315 
VAL HG12 H  N N 316 
VAL HG13 H  N N 317 
VAL HG21 H  N N 318 
VAL HG22 H  N N 319 
VAL HG23 H  N N 320 
VAL HXT  H  N N 321 
ZN  ZN   ZN N N 322 
# 
loop_
_chem_comp_bond.comp_id 
_chem_comp_bond.atom_id_1 
_chem_comp_bond.atom_id_2 
_chem_comp_bond.value_order 
_chem_comp_bond.pdbx_aromatic_flag 
_chem_comp_bond.pdbx_stereo_config 
_chem_comp_bond.pdbx_ordinal 
ALA N   CA   sing N N 1   
ALA N   H    sing N N 2   
ALA N   H2   sing N N 3   
ALA CA  C    sing N N 4   
ALA CA  CB   sing N N 5   
ALA CA  HA   sing N N 6   
ALA C   O    doub N N 7   
ALA C   OXT  sing N N 8   
ALA CB  HB1  sing N N 9   
ALA CB  HB2  sing N N 10  
ALA CB  HB3  sing N N 11  
ALA OXT HXT  sing N N 12  
ARG N   CA   sing N N 13  
ARG N   H    sing N N 14  
ARG N   H2   sing N N 15  
ARG CA  C    sing N N 16  
ARG CA  CB   sing N N 17  
ARG CA  HA   sing N N 18  
ARG C   O    doub N N 19  
ARG C   OXT  sing N N 20  
ARG CB  CG   sing N N 21  
ARG CB  HB2  sing N N 22  
ARG CB  HB3  sing N N 23  
ARG CG  CD   sing N N 24  
ARG CG  HG2  sing N N 25  
ARG CG  HG3  sing N N 26  
ARG CD  NE   sing N N 27  
ARG CD  HD2  sing N N 28  
ARG CD  HD3  sing N N 29  
ARG NE  CZ   sing N N 30  
ARG NE  HE   sing N N 31  
ARG CZ  NH1  sing N N 32  
ARG CZ  NH2  doub N N 33  
ARG NH1 HH11 sing N N 34  
ARG NH1 HH12 sing N N 35  
ARG NH2 HH21 sing N N 36  
ARG NH2 HH22 sing N N 37  
ARG OXT HXT  sing N N 38  
ASN N   CA   sing N N 39  
ASN N   H    sing N N 40  
ASN N   H2   sing N N 41  
ASN CA  C    sing N N 42  
ASN CA  CB   sing N N 43  
ASN CA  HA   sing N N 44  
ASN C   O    doub N N 45  
ASN C   OXT  sing N N 46  
ASN CB  CG   sing N N 47  
ASN CB  HB2  sing N N 48  
ASN CB  HB3  sing N N 49  
ASN CG  OD1  doub N N 50  
ASN CG  ND2  sing N N 51  
ASN ND2 HD21 sing N N 52  
ASN ND2 HD22 sing N N 53  
ASN OXT HXT  sing N N 54  
ASP N   CA   sing N N 55  
ASP N   H    sing N N 56  
ASP N   H2   sing N N 57  
ASP CA  C    sing N N 58  
ASP CA  CB   sing N N 59  
ASP CA  HA   sing N N 60  
ASP C   O    doub N N 61  
ASP C   OXT  sing N N 62  
ASP CB  CG   sing N N 63  
ASP CB  HB2  sing N N 64  
ASP CB  HB3  sing N N 65  
ASP CG  OD1  doub N N 66  
ASP CG  OD2  sing N N 67  
ASP OD2 HD2  sing N N 68  
ASP OXT HXT  sing N N 69  
CYS N   CA   sing N N 70  
CYS N   H    sing N N 71  
CYS N   H2   sing N N 72  
CYS CA  C    sing N N 73  
CYS CA  CB   sing N N 74  
CYS CA  HA   sing N N 75  
CYS C   O    doub N N 76  
CYS C   OXT  sing N N 77  
CYS CB  SG   sing N N 78  
CYS CB  HB2  sing N N 79  
CYS CB  HB3  sing N N 80  
CYS SG  HG   sing N N 81  
CYS OXT HXT  sing N N 82  
GLN N   CA   sing N N 83  
GLN N   H    sing N N 84  
GLN N   H2   sing N N 85  
GLN CA  C    sing N N 86  
GLN CA  CB   sing N N 87  
GLN CA  HA   sing N N 88  
GLN C   O    doub N N 89  
GLN C   OXT  sing N N 90  
GLN CB  CG   sing N N 91  
GLN CB  HB2  sing N N 92  
GLN CB  HB3  sing N N 93  
GLN CG  CD   sing N N 94  
GLN CG  HG2  sing N N 95  
GLN CG  HG3  sing N N 96  
GLN CD  OE1  doub N N 97  
GLN CD  NE2  sing N N 98  
GLN NE2 HE21 sing N N 99  
GLN NE2 HE22 sing N N 100 
GLN OXT HXT  sing N N 101 
GLU N   CA   sing N N 102 
GLU N   H    sing N N 103 
GLU N   H2   sing N N 104 
GLU CA  C    sing N N 105 
GLU CA  CB   sing N N 106 
GLU CA  HA   sing N N 107 
GLU C   O    doub N N 108 
GLU C   OXT  sing N N 109 
GLU CB  CG   sing N N 110 
GLU CB  HB2  sing N N 111 
GLU CB  HB3  sing N N 112 
GLU CG  CD   sing N N 113 
GLU CG  HG2  sing N N 114 
GLU CG  HG3  sing N N 115 
GLU CD  OE1  doub N N 116 
GLU CD  OE2  sing N N 117 
GLU OE2 HE2  sing N N 118 
GLU OXT HXT  sing N N 119 
GLY N   CA   sing N N 120 
GLY N   H    sing N N 121 
GLY N   H2   sing N N 122 
GLY CA  C    sing N N 123 
GLY CA  HA2  sing N N 124 
GLY CA  HA3  sing N N 125 
GLY C   O    doub N N 126 
GLY C   OXT  sing N N 127 
GLY OXT HXT  sing N N 128 
HIS N   CA   sing N N 129 
HIS N   H    sing N N 130 
HIS N   H2   sing N N 131 
HIS CA  C    sing N N 132 
HIS CA  CB   sing N N 133 
HIS CA  HA   sing N N 134 
HIS C   O    doub N N 135 
HIS C   OXT  sing N N 136 
HIS CB  CG   sing N N 137 
HIS CB  HB2  sing N N 138 
HIS CB  HB3  sing N N 139 
HIS CG  ND1  sing Y N 140 
HIS CG  CD2  doub Y N 141 
HIS ND1 CE1  doub Y N 142 
HIS ND1 HD1  sing N N 143 
HIS CD2 NE2  sing Y N 144 
HIS CD2 HD2  sing N N 145 
HIS CE1 NE2  sing Y N 146 
HIS CE1 HE1  sing N N 147 
HIS NE2 HE2  sing N N 148 
HIS OXT HXT  sing N N 149 
HOH O   H1   sing N N 150 
HOH O   H2   sing N N 151 
LEU N   CA   sing N N 152 
LEU N   H    sing N N 153 
LEU N   H2   sing N N 154 
LEU CA  C    sing N N 155 
LEU CA  CB   sing N N 156 
LEU CA  HA   sing N N 157 
LEU C   O    doub N N 158 
LEU C   OXT  sing N N 159 
LEU CB  CG   sing N N 160 
LEU CB  HB2  sing N N 161 
LEU CB  HB3  sing N N 162 
LEU CG  CD1  sing N N 163 
LEU CG  CD2  sing N N 164 
LEU CG  HG   sing N N 165 
LEU CD1 HD11 sing N N 166 
LEU CD1 HD12 sing N N 167 
LEU CD1 HD13 sing N N 168 
LEU CD2 HD21 sing N N 169 
LEU CD2 HD22 sing N N 170 
LEU CD2 HD23 sing N N 171 
LEU OXT HXT  sing N N 172 
LYS N   CA   sing N N 173 
LYS N   H    sing N N 174 
LYS N   H2   sing N N 175 
LYS CA  C    sing N N 176 
LYS CA  CB   sing N N 177 
LYS CA  HA   sing N N 178 
LYS C   O    doub N N 179 
LYS C   OXT  sing N N 180 
LYS CB  CG   sing N N 181 
LYS CB  HB2  sing N N 182 
LYS CB  HB3  sing N N 183 
LYS CG  CD   sing N N 184 
LYS CG  HG2  sing N N 185 
LYS CG  HG3  sing N N 186 
LYS CD  CE   sing N N 187 
LYS CD  HD2  sing N N 188 
LYS CD  HD3  sing N N 189 
LYS CE  NZ   sing N N 190 
LYS CE  HE2  sing N N 191 
LYS CE  HE3  sing N N 192 
LYS NZ  HZ1  sing N N 193 
LYS NZ  HZ2  sing N N 194 
LYS NZ  HZ3  sing N N 195 
LYS OXT HXT  sing N N 196 
PHE N   CA   sing N N 197 
PHE N   H    sing N N 198 
PHE N   H2   sing N N 199 
PHE CA  C    sing N N 200 
PHE CA  CB   sing N N 201 
PHE CA  HA   sing N N 202 
PHE C   O    doub N N 203 
PHE C   OXT  sing N N 204 
PHE CB  CG   sing N N 205 
PHE CB  HB2  sing N N 206 
PHE CB  HB3  sing N N 207 
PHE CG  CD1  doub Y N 208 
PHE CG  CD2  sing Y N 209 
PHE CD1 CE1  sing Y N 210 
PHE CD1 HD1  sing N N 211 
PHE CD2 CE2  doub Y N 212 
PHE CD2 HD2  sing N N 213 
PHE CE1 CZ   doub Y N 214 
PHE CE1 HE1  sing N N 215 
PHE CE2 CZ   sing Y N 216 
PHE CE2 HE2  sing N N 217 
PHE CZ  HZ   sing N N 218 
PHE OXT HXT  sing N N 219 
PRO N   CA   sing N N 220 
PRO N   CD   sing N N 221 
PRO N   H    sing N N 222 
PRO CA  C    sing N N 223 
PRO CA  CB   sing N N 224 
PRO CA  HA   sing N N 225 
PRO C   O    doub N N 226 
PRO C   OXT  sing N N 227 
PRO CB  CG   sing N N 228 
PRO CB  HB2  sing N N 229 
PRO CB  HB3  sing N N 230 
PRO CG  CD   sing N N 231 
PRO CG  HG2  sing N N 232 
PRO CG  HG3  sing N N 233 
PRO CD  HD2  sing N N 234 
PRO CD  HD3  sing N N 235 
PRO OXT HXT  sing N N 236 
SER N   CA   sing N N 237 
SER N   H    sing N N 238 
SER N   H2   sing N N 239 
SER CA  C    sing N N 240 
SER CA  CB   sing N N 241 
SER CA  HA   sing N N 242 
SER C   O    doub N N 243 
SER C   OXT  sing N N 244 
SER CB  OG   sing N N 245 
SER CB  HB2  sing N N 246 
SER CB  HB3  sing N N 247 
SER OG  HG   sing N N 248 
SER OXT HXT  sing N N 249 
THR N   CA   sing N N 250 
THR N   H    sing N N 251 
THR N   H2   sing N N 252 
THR CA  C    sing N N 253 
THR CA  CB   sing N N 254 
THR CA  HA   sing N N 255 
THR C   O    doub N N 256 
THR C   OXT  sing N N 257 
THR CB  OG1  sing N N 258 
THR CB  CG2  sing N N 259 
THR CB  HB   sing N N 260 
THR OG1 HG1  sing N N 261 
THR CG2 HG21 sing N N 262 
THR CG2 HG22 sing N N 263 
THR CG2 HG23 sing N N 264 
THR OXT HXT  sing N N 265 
TYR N   CA   sing N N 266 
TYR N   H    sing N N 267 
TYR N   H2   sing N N 268 
TYR CA  C    sing N N 269 
TYR CA  CB   sing N N 270 
TYR CA  HA   sing N N 271 
TYR C   O    doub N N 272 
TYR C   OXT  sing N N 273 
TYR CB  CG   sing N N 274 
TYR CB  HB2  sing N N 275 
TYR CB  HB3  sing N N 276 
TYR CG  CD1  doub Y N 277 
TYR CG  CD2  sing Y N 278 
TYR CD1 CE1  sing Y N 279 
TYR CD1 HD1  sing N N 280 
TYR CD2 CE2  doub Y N 281 
TYR CD2 HD2  sing N N 282 
TYR CE1 CZ   doub Y N 283 
TYR CE1 HE1  sing N N 284 
TYR CE2 CZ   sing Y N 285 
TYR CE2 HE2  sing N N 286 
TYR CZ  OH   sing N N 287 
TYR OH  HH   sing N N 288 
TYR OXT HXT  sing N N 289 
VAL N   CA   sing N N 290 
VAL N   H    sing N N 291 
VAL N   H2   sing N N 292 
VAL CA  C    sing N N 293 
VAL CA  CB   sing N N 294 
VAL CA  HA   sing N N 295 
VAL C   O    doub N N 296 
VAL C   OXT  sing N N 297 
VAL CB  CG1  sing N N 298 
VAL CB  CG2  sing N N 299 
VAL CB  HB   sing N N 300 
VAL CG1 HG11 sing N N 301 
VAL CG1 HG12 sing N N 302 
VAL CG1 HG13 sing N N 303 
VAL CG2 HG21 sing N N 304 
VAL CG2 HG22 sing N N 305 
VAL CG2 HG23 sing N N 306 
VAL OXT HXT  sing N N 307 
# 
_atom_sites.entry_id                    2YVR 
_atom_sites.fract_transf_matrix[1][1]   0.00510501 
_atom_sites.fract_transf_matrix[1][2]   -0.02480439 
_atom_sites.fract_transf_matrix[1][3]   0.00422318 
_atom_sites.fract_transf_matrix[2][1]   0.00839110 
_atom_sites.fract_transf_matrix[2][2]   -0.00238421 
_atom_sites.fract_transf_matrix[2][3]   -0.02414662 
_atom_sites.fract_transf_matrix[3][1]   0.00734246 
_atom_sites.fract_transf_matrix[3][2]   0.00191341 
_atom_sites.fract_transf_matrix[3][3]   0.00236262 
_atom_sites.fract_transf_vector[1]      0.535722 
_atom_sites.fract_transf_vector[2]      0.038691 
_atom_sites.fract_transf_vector[3]      0.157633 
# 
loop_
_atom_type.symbol 
C  
N  
O  
S  
ZN 
# 
loop_
_atom_site.group_PDB 
_atom_site.id 
_atom_site.type_symbol 
_atom_site.label_atom_id 
_atom_site.label_alt_id 
_atom_site.label_comp_id 
_atom_site.label_asym_id 
_atom_site.label_entity_id 
_atom_site.label_seq_id 
_atom_site.pdbx_PDB_ins_code 
_atom_site.Cartn_x 
_atom_site.Cartn_y 
_atom_site.Cartn_z 
_atom_site.occupancy 
_atom_site.B_iso_or_equiv 
_atom_site.pdbx_formal_charge 
_atom_site.auth_seq_id 
_atom_site.auth_comp_id 
_atom_site.auth_asym_id 
_atom_site.auth_atom_id 
_atom_site.pdbx_PDB_model_num 
ATOM   1   N  N   . GLY A 1 3  ? 6.839   -9.685  -12.389 1.00 29.10 ? 3    GLY A N   1 
ATOM   2   C  CA  . GLY A 1 3  ? 5.603   -9.591  -11.521 1.00 22.06 ? 3    GLY A CA  1 
ATOM   3   C  C   . GLY A 1 3  ? 5.181   -8.151  -11.227 1.00 23.68 ? 3    GLY A C   1 
ATOM   4   O  O   . GLY A 1 3  ? 5.954   -7.204  -11.409 1.00 26.29 ? 3    GLY A O   1 
ATOM   5   N  N   . GLU A 1 4  ? 3.946   -8.003  -10.755 1.00 24.31 ? 4    GLU A N   1 
ATOM   6   C  CA  . GLU A 1 4  ? 3.350   -6.698  -10.453 1.00 28.50 ? 4    GLU A CA  1 
ATOM   7   C  C   . GLU A 1 4  ? 2.826   -6.577  -9.024  1.00 21.33 ? 4    GLU A C   1 
ATOM   8   O  O   . GLU A 1 4  ? 2.150   -5.596  -8.713  1.00 22.66 ? 4    GLU A O   1 
ATOM   9   C  CB  . GLU A 1 4  ? 2.151   -6.446  -11.388 1.00 29.68 ? 4    GLU A CB  1 
ATOM   10  C  CG  . GLU A 1 4  ? 2.408   -6.762  -12.829 1.00 43.43 ? 4    GLU A CG  1 
ATOM   11  C  CD  . GLU A 1 4  ? 3.436   -5.837  -13.414 1.00 59.78 ? 4    GLU A CD  1 
ATOM   12  O  OE1 . GLU A 1 4  ? 4.216   -6.286  -14.285 1.00 64.02 ? 4    GLU A OE1 1 
ATOM   13  O  OE2 . GLU A 1 4  ? 3.458   -4.654  -12.999 1.00 59.53 ? 4    GLU A OE2 1 
ATOM   14  N  N   . ARG A 1 5  ? 3.103   -7.547  -8.162  1.00 20.00 ? 5    ARG A N   1 
ATOM   15  C  CA  . ARG A 1 5  ? 2.560   -7.466  -6.804  1.00 18.78 ? 5    ARG A CA  1 
ATOM   16  C  C   . ARG A 1 5  ? 3.315   -6.560  -5.857  1.00 21.13 ? 5    ARG A C   1 
ATOM   17  O  O   . ARG A 1 5  ? 2.709   -5.895  -5.034  1.00 18.46 ? 5    ARG A O   1 
ATOM   18  C  CB  . ARG A 1 5  ? 2.412   -8.855  -6.178  1.00 15.43 ? 5    ARG A CB  1 
ATOM   19  C  CG  . ARG A 1 5  ? 1.127   -9.524  -6.618  1.00 15.85 ? 5    ARG A CG  1 
ATOM   20  C  CD  . ARG A 1 5  ? 0.919   -10.867 -5.956  1.00 15.49 ? 5    ARG A CD  1 
ATOM   21  N  NE  . ARG A 1 5  ? -0.354  -11.457 -6.351  1.00 14.61 ? 5    ARG A NE  1 
ATOM   22  C  CZ  . ARG A 1 5  ? -0.734  -12.677 -5.982  1.00 22.76 ? 5    ARG A CZ  1 
ATOM   23  N  NH1 . ARG A 1 5  ? 0.068   -13.411 -5.198  1.00 19.40 ? 5    ARG A NH1 1 
ATOM   24  N  NH2 . ARG A 1 5  ? -1.883  -13.174 -6.423  1.00 23.43 ? 5    ARG A NH2 1 
ATOM   25  N  N   . THR A 1 6  ? 4.632   -6.563  -5.938  1.00 15.38 ? 6    THR A N   1 
ATOM   26  C  CA  . THR A 1 6  ? 5.411   -5.663  -5.087  1.00 17.59 ? 6    THR A CA  1 
ATOM   27  C  C   . THR A 1 6  ? 5.160   -4.272  -5.653  1.00 19.41 ? 6    THR A C   1 
ATOM   28  O  O   . THR A 1 6  ? 5.199   -4.078  -6.878  1.00 16.37 ? 6    THR A O   1 
ATOM   29  C  CB  . THR A 1 6  ? 6.904   -5.963  -5.170  1.00 22.78 ? 6    THR A CB  1 
ATOM   30  O  OG1 . THR A 1 6  ? 7.101   -7.349  -4.885  1.00 18.77 ? 6    THR A OG1 1 
ATOM   31  C  CG2 . THR A 1 6  ? 7.685   -5.121  -4.147  1.00 20.61 ? 6    THR A CG2 1 
ATOM   32  N  N   . VAL A 1 7  ? 4.884   -3.305  -4.772  1.00 15.22 ? 7    VAL A N   1 
ATOM   33  C  CA  . VAL A 1 7  ? 4.617   -1.939  -5.226  1.00 12.83 ? 7    VAL A CA  1 
ATOM   34  C  C   . VAL A 1 7  ? 5.734   -1.047  -4.751  1.00 15.90 ? 7    VAL A C   1 
ATOM   35  O  O   . VAL A 1 7  ? 6.027   -1.011  -3.564  1.00 17.76 ? 7    VAL A O   1 
ATOM   36  C  CB  . VAL A 1 7  ? 3.306   -1.397  -4.651  1.00 13.99 ? 7    VAL A CB  1 
ATOM   37  C  CG1 . VAL A 1 7  ? 2.973   -0.054  -5.310  1.00 18.10 ? 7    VAL A CG1 1 
ATOM   38  C  CG2 . VAL A 1 7  ? 2.194   -2.404  -4.884  1.00 13.19 ? 7    VAL A CG2 1 
ATOM   39  N  N   . TYR A 1 8  ? 6.365   -0.337  -5.681  1.00 15.50 ? 8    TYR A N   1 
ATOM   40  C  CA  . TYR A 1 8  ? 7.480   0.521   -5.345  1.00 12.94 ? 8    TYR A CA  1 
ATOM   41  C  C   . TYR A 1 8  ? 7.072   1.967   -5.193  1.00 19.84 ? 8    TYR A C   1 
ATOM   42  O  O   . TYR A 1 8  ? 6.149   2.441   -5.835  1.00 19.31 ? 8    TYR A O   1 
ATOM   43  C  CB  . TYR A 1 8  ? 8.559   0.391   -6.423  1.00 13.64 ? 8    TYR A CB  1 
ATOM   44  C  CG  . TYR A 1 8  ? 9.218   -0.947  -6.353  1.00 16.39 ? 8    TYR A CG  1 
ATOM   45  C  CD1 . TYR A 1 8  ? 10.263  -1.180  -5.457  1.00 19.76 ? 8    TYR A CD1 1 
ATOM   46  C  CD2 . TYR A 1 8  ? 8.739   -2.021  -7.121  1.00 20.03 ? 8    TYR A CD2 1 
ATOM   47  C  CE1 . TYR A 1 8  ? 10.816  -2.446  -5.318  1.00 22.46 ? 8    TYR A CE1 1 
ATOM   48  C  CE2 . TYR A 1 8  ? 9.286   -3.293  -6.981  1.00 23.96 ? 8    TYR A CE2 1 
ATOM   49  C  CZ  . TYR A 1 8  ? 10.319  -3.493  -6.079  1.00 32.02 ? 8    TYR A CZ  1 
ATOM   50  O  OH  . TYR A 1 8  ? 10.838  -4.753  -5.908  1.00 32.80 ? 8    TYR A OH  1 
ATOM   51  N  N   . CYS A 1 9  ? 7.757   2.660   -4.303  1.00 13.54 ? 9    CYS A N   1 
ATOM   52  C  CA  . CYS A 1 9  ? 7.480   4.059   -4.072  1.00 15.43 ? 9    CYS A CA  1 
ATOM   53  C  C   . CYS A 1 9  ? 7.786   4.835   -5.369  1.00 15.74 ? 9    CYS A C   1 
ATOM   54  O  O   . CYS A 1 9  ? 8.718   4.499   -6.110  1.00 16.04 ? 9    CYS A O   1 
ATOM   55  C  CB  . CYS A 1 9  ? 8.365   4.572   -2.942  1.00 15.54 ? 9    CYS A CB  1 
ATOM   56  S  SG  . CYS A 1 9  ? 8.116   6.288   -2.555  1.00 16.67 ? 9    CYS A SG  1 
ATOM   57  N  N   . ASN A 1 10 ? 6.980   5.857   -5.632  1.00 19.07 ? 10   ASN A N   1 
ATOM   58  C  CA  . ASN A 1 10 ? 7.152   6.706   -6.812  1.00 26.29 ? 10   ASN A CA  1 
ATOM   59  C  C   . ASN A 1 10 ? 8.233   7.760   -6.588  1.00 35.54 ? 10   ASN A C   1 
ATOM   60  O  O   . ASN A 1 10 ? 8.711   8.377   -7.547  1.00 35.38 ? 10   ASN A O   1 
ATOM   61  C  CB  . ASN A 1 10 ? 5.841   7.417   -7.147  1.00 32.04 ? 10   ASN A CB  1 
ATOM   62  C  CG  . ASN A 1 10 ? 4.801   6.482   -7.726  1.00 46.71 ? 10   ASN A CG  1 
ATOM   63  O  OD1 . ASN A 1 10 ? 3.601   6.695   -7.551  1.00 52.18 ? 10   ASN A OD1 1 
ATOM   64  N  ND2 . ASN A 1 10 ? 5.254   5.444   -8.435  1.00 43.80 ? 10   ASN A ND2 1 
ATOM   65  N  N   . VAL A 1 11 ? 8.616   7.973   -5.330  1.00 30.33 ? 11   VAL A N   1 
ATOM   66  C  CA  . VAL A 1 11 ? 9.646   8.962   -5.027  1.00 31.98 ? 11   VAL A CA  1 
ATOM   67  C  C   . VAL A 1 11 ? 10.994  8.253   -4.893  1.00 31.33 ? 11   VAL A C   1 
ATOM   68  O  O   . VAL A 1 11 ? 11.995  8.650   -5.491  1.00 28.86 ? 11   VAL A O   1 
ATOM   69  C  CB  . VAL A 1 11 ? 9.319   9.708   -3.709  1.00 34.42 ? 11   VAL A CB  1 
ATOM   70  C  CG1 . VAL A 1 11 ? 10.415  10.698  -3.383  1.00 34.49 ? 11   VAL A CG1 1 
ATOM   71  C  CG2 . VAL A 1 11 ? 7.980   10.399  -3.823  1.00 36.88 ? 11   VAL A CG2 1 
ATOM   72  N  N   . HIS A 1 12 ? 11.005  7.184   -4.111  1.00 21.98 ? 12   HIS A N   1 
ATOM   73  C  CA  . HIS A 1 12 ? 12.214  6.407   -3.879  1.00 18.65 ? 12   HIS A CA  1 
ATOM   74  C  C   . HIS A 1 12 ? 12.036  5.128   -4.707  1.00 23.88 ? 12   HIS A C   1 
ATOM   75  O  O   . HIS A 1 12 ? 11.596  4.091   -4.215  1.00 19.01 ? 12   HIS A O   1 
ATOM   76  C  CB  . HIS A 1 12 ? 12.329  6.148   -2.363  1.00 16.27 ? 12   HIS A CB  1 
ATOM   77  C  CG  . HIS A 1 12 ? 12.213  7.402   -1.542  1.00 15.64 ? 12   HIS A CG  1 
ATOM   78  N  ND1 . HIS A 1 12 ? 11.035  7.790   -0.945  1.00 14.51 ? 12   HIS A ND1 1 
ATOM   79  C  CD2 . HIS A 1 12 ? 13.101  8.398   -1.293  1.00 19.31 ? 12   HIS A CD2 1 
ATOM   80  C  CE1 . HIS A 1 12 ? 11.198  8.958   -0.354  1.00 24.06 ? 12   HIS A CE1 1 
ATOM   81  N  NE2 . HIS A 1 12 ? 12.442  9.352   -0.554  1.00 17.05 ? 12   HIS A NE2 1 
ATOM   82  N  N   . LYS A 1 13 ? 12.369  5.231   -5.996  1.00 27.90 ? 13   LYS A N   1 
ATOM   83  C  CA  . LYS A 1 13 ? 12.188  4.149   -6.985  1.00 29.78 ? 13   LYS A CA  1 
ATOM   84  C  C   . LYS A 1 13 ? 12.492  2.693   -6.654  1.00 26.33 ? 13   LYS A C   1 
ATOM   85  O  O   . LYS A 1 13 ? 11.816  1.796   -7.143  1.00 26.20 ? 13   LYS A O   1 
ATOM   86  C  CB  . LYS A 1 13 ? 12.930  4.525   -8.283  1.00 39.20 ? 13   LYS A CB  1 
ATOM   87  C  CG  . LYS A 1 13 ? 14.332  5.094   -8.050  1.00 47.45 ? 13   LYS A CG  1 
ATOM   88  C  CD  . LYS A 1 13 ? 15.096  5.348   -9.356  1.00 53.74 ? 13   LYS A CD  1 
ATOM   89  C  CE  . LYS A 1 13 ? 16.494  5.891   -9.076  1.00 54.53 ? 13   LYS A CE  1 
ATOM   90  N  NZ  . LYS A 1 13 ? 17.347  5.906   -10.303 1.00 60.14 ? 13   LYS A NZ  1 
ATOM   91  N  N   . HIS A 1 14 ? 13.502  2.431   -5.842  1.00 18.98 ? 14   HIS A N   1 
ATOM   92  C  CA  . HIS A 1 14 ? 13.818  1.044   -5.544  1.00 21.16 ? 14   HIS A CA  1 
ATOM   93  C  C   . HIS A 1 14 ? 13.375  0.640   -4.151  1.00 20.21 ? 14   HIS A C   1 
ATOM   94  O  O   . HIS A 1 14 ? 13.774  -0.421  -3.653  1.00 23.29 ? 14   HIS A O   1 
ATOM   95  C  CB  . HIS A 1 14 ? 15.316  0.804   -5.728  1.00 29.45 ? 14   HIS A CB  1 
ATOM   96  C  CG  . HIS A 1 14 ? 15.769  0.953   -7.148  1.00 35.26 ? 14   HIS A CG  1 
ATOM   97  N  ND1 . HIS A 1 14 ? 16.779  1.813   -7.520  1.00 36.57 ? 14   HIS A ND1 1 
ATOM   98  C  CD2 . HIS A 1 14 ? 15.326  0.373   -8.293  1.00 29.84 ? 14   HIS A CD2 1 
ATOM   99  C  CE1 . HIS A 1 14 ? 16.938  1.759   -8.833  1.00 40.78 ? 14   HIS A CE1 1 
ATOM   100 N  NE2 . HIS A 1 14 ? 16.069  0.894   -9.326  1.00 43.22 ? 14   HIS A NE2 1 
ATOM   101 N  N   . GLU A 1 15 ? 12.525  1.463   -3.543  1.00 15.36 ? 15   GLU A N   1 
ATOM   102 C  CA  . GLU A 1 15 ? 12.006  1.164   -2.203  1.00 18.75 ? 15   GLU A CA  1 
ATOM   103 C  C   . GLU A 1 15 ? 10.559  0.664   -2.271  1.00 12.40 ? 15   GLU A C   1 
ATOM   104 O  O   . GLU A 1 15 ? 9.680   1.324   -2.851  1.00 16.95 ? 15   GLU A O   1 
ATOM   105 C  CB  . GLU A 1 15 ? 12.063  2.412   -1.305  1.00 17.67 ? 15   GLU A CB  1 
ATOM   106 C  CG  . GLU A 1 15 ? 13.474  2.813   -0.814  1.00 19.21 ? 15   GLU A CG  1 
ATOM   107 C  CD  . GLU A 1 15 ? 14.083  1.800   0.142   1.00 29.02 ? 15   GLU A CD  1 
ATOM   108 O  OE1 . GLU A 1 15 ? 13.351  1.244   0.989   1.00 21.03 ? 15   GLU A OE1 1 
ATOM   109 O  OE2 . GLU A 1 15 ? 15.310  1.571   0.065   1.00 29.88 ? 15   GLU A OE2 1 
ATOM   110 N  N   . PRO A 1 16 ? 10.293  -0.503  -1.700  1.00 11.65 ? 16   PRO A N   1 
ATOM   111 C  CA  . PRO A 1 16 ? 8.920   -1.015  -1.728  1.00 11.99 ? 16   PRO A CA  1 
ATOM   112 C  C   . PRO A 1 16 ? 8.044   -0.358  -0.652  1.00 12.83 ? 16   PRO A C   1 
ATOM   113 O  O   . PRO A 1 16 ? 8.541   0.092   0.387   1.00 13.67 ? 16   PRO A O   1 
ATOM   114 C  CB  . PRO A 1 16 ? 9.105   -2.518  -1.496  1.00 21.08 ? 16   PRO A CB  1 
ATOM   115 C  CG  . PRO A 1 16 ? 10.332  -2.571  -0.596  1.00 17.14 ? 16   PRO A CG  1 
ATOM   116 C  CD  . PRO A 1 16 ? 11.243  -1.499  -1.163  1.00 15.16 ? 16   PRO A CD  1 
ATOM   117 N  N   . LEU A 1 17 ? 6.745   -0.262  -0.925  1.00 12.77 ? 17   LEU A N   1 
ATOM   118 C  CA  . LEU A 1 17 ? 5.820   0.308   0.044   1.00 10.58 ? 17   LEU A CA  1 
ATOM   119 C  C   . LEU A 1 17 ? 5.534   -0.812  1.006   1.00 13.90 ? 17   LEU A C   1 
ATOM   120 O  O   . LEU A 1 17 ? 4.815   -1.770  0.676   1.00 20.34 ? 17   LEU A O   1 
ATOM   121 C  CB  . LEU A 1 17 ? 4.530   0.780   -0.649  1.00 9.75  ? 17   LEU A CB  1 
ATOM   122 C  CG  . LEU A 1 17 ? 4.801   1.912   -1.650  1.00 13.63 ? 17   LEU A CG  1 
ATOM   123 C  CD1 . LEU A 1 17 ? 3.485   2.229   -2.399  1.00 14.95 ? 17   LEU A CD1 1 
ATOM   124 C  CD2 . LEU A 1 17 ? 5.281   3.183   -0.915  1.00 15.63 ? 17   LEU A CD2 1 
ATOM   125 N  N   . VAL A 1 18 ? 6.133   -0.707  2.191   1.00 11.39 ? 18   VAL A N   1 
ATOM   126 C  CA  . VAL A 1 18 ? 6.003   -1.713  3.215   1.00 10.18 ? 18   VAL A CA  1 
ATOM   127 C  C   . VAL A 1 18 ? 5.419   -1.181  4.523   1.00 16.04 ? 18   VAL A C   1 
ATOM   128 O  O   . VAL A 1 18 ? 5.236   -1.941  5.489   1.00 15.41 ? 18   VAL A O   1 
ATOM   129 C  CB  . VAL A 1 18 ? 7.377   -2.347  3.567   1.00 15.03 ? 18   VAL A CB  1 
ATOM   130 C  CG1 . VAL A 1 18 ? 7.901   -3.144  2.365   1.00 21.98 ? 18   VAL A CG1 1 
ATOM   131 C  CG2 . VAL A 1 18 ? 8.384   -1.266  3.974   1.00 16.20 ? 18   VAL A CG2 1 
ATOM   132 N  N   . LEU A 1 19 ? 5.148   0.117   4.541   1.00 11.64 ? 19   LEU A N   1 
ATOM   133 C  CA  . LEU A 1 19 ? 4.619   0.785   5.727   1.00 13.26 ? 19   LEU A CA  1 
ATOM   134 C  C   . LEU A 1 19 ? 3.336   1.520   5.432   1.00 15.80 ? 19   LEU A C   1 
ATOM   135 O  O   . LEU A 1 19 ? 3.003   1.798   4.277   1.00 14.48 ? 19   LEU A O   1 
ATOM   136 C  CB  . LEU A 1 19 ? 5.655   1.799   6.240   1.00 14.50 ? 19   LEU A CB  1 
ATOM   137 C  CG  . LEU A 1 19 ? 6.976   1.182   6.706   1.00 15.12 ? 19   LEU A CG  1 
ATOM   138 C  CD1 . LEU A 1 19 ? 8.143   1.849   6.016   1.00 19.82 ? 19   LEU A CD1 1 
ATOM   139 C  CD2 . LEU A 1 19 ? 7.096   1.330   8.180   1.00 16.43 ? 19   LEU A CD2 1 
ATOM   140 N  N   . PHE A 1 20 ? 2.615   1.847   6.501   1.00 15.62 ? 20   PHE A N   1 
ATOM   141 C  CA  . PHE A 1 20 ? 1.400   2.597   6.368   1.00 12.02 ? 20   PHE A CA  1 
ATOM   142 C  C   . PHE A 1 20 ? 1.493   3.660   7.445   1.00 18.38 ? 20   PHE A C   1 
ATOM   143 O  O   . PHE A 1 20 ? 1.613   3.349   8.636   1.00 16.74 ? 20   PHE A O   1 
ATOM   144 C  CB  . PHE A 1 20 ? 0.149   1.725   6.585   1.00 13.73 ? 20   PHE A CB  1 
ATOM   145 C  CG  . PHE A 1 20 ? -1.135  2.429   6.216   1.00 17.69 ? 20   PHE A CG  1 
ATOM   146 C  CD1 . PHE A 1 20 ? -1.422  2.742   4.880   1.00 22.26 ? 20   PHE A CD1 1 
ATOM   147 C  CD2 . PHE A 1 20 ? -2.042  2.815   7.209   1.00 28.23 ? 20   PHE A CD2 1 
ATOM   148 C  CE1 . PHE A 1 20 ? -2.590  3.429   4.534   1.00 24.11 ? 20   PHE A CE1 1 
ATOM   149 C  CE2 . PHE A 1 20 ? -3.216  3.503   6.871   1.00 25.56 ? 20   PHE A CE2 1 
ATOM   150 C  CZ  . PHE A 1 20 ? -3.488  3.810   5.538   1.00 19.88 ? 20   PHE A CZ  1 
ATOM   151 N  N   . CYS A 1 21 ? 1.485   4.911   7.017   1.00 14.66 ? 21   CYS A N   1 
ATOM   152 C  CA  . CYS A 1 21 ? 1.541   5.986   7.976   1.00 18.69 ? 21   CYS A CA  1 
ATOM   153 C  C   . CYS A 1 21 ? 0.131   6.219   8.487   1.00 26.72 ? 21   CYS A C   1 
ATOM   154 O  O   . CYS A 1 21 ? -0.731  6.661   7.733   1.00 22.91 ? 21   CYS A O   1 
ATOM   155 C  CB  . CYS A 1 21 ? 2.063   7.271   7.349   1.00 12.89 ? 21   CYS A CB  1 
ATOM   156 S  SG  . CYS A 1 21 ? 2.122   8.600   8.612   1.00 18.91 ? 21   CYS A SG  1 
ATOM   157 N  N   . GLU A 1 22 ? -0.086  5.917   9.764   1.00 20.14 ? 22   GLU A N   1 
ATOM   158 C  CA  . GLU A 1 22 ? -1.392  6.085   10.395  1.00 27.90 ? 22   GLU A CA  1 
ATOM   159 C  C   . GLU A 1 22 ? -1.803  7.539   10.546  1.00 27.22 ? 22   GLU A C   1 
ATOM   160 O  O   . GLU A 1 22 ? -2.990  7.864   10.512  1.00 26.64 ? 22   GLU A O   1 
ATOM   161 C  CB  . GLU A 1 22 ? -1.398  5.428   11.766  1.00 22.80 ? 22   GLU A CB  1 
ATOM   162 C  CG  . GLU A 1 22 ? -1.214  3.935   11.735  1.00 31.48 ? 22   GLU A CG  1 
ATOM   163 C  CD  . GLU A 1 22 ? -1.187  3.340   13.127  1.00 41.15 ? 22   GLU A CD  1 
ATOM   164 O  OE1 . GLU A 1 22 ? -2.152  3.566   13.885  1.00 54.63 ? 22   GLU A OE1 1 
ATOM   165 O  OE2 . GLU A 1 22 ? -0.206  2.646   13.465  1.00 42.75 ? 22   GLU A OE2 1 
ATOM   166 N  N   . SER A 1 23 ? -0.833  8.424   10.717  1.00 26.99 ? 23   SER A N   1 
ATOM   167 C  CA  . SER A 1 23 ? -1.158  9.830   10.870  1.00 26.39 ? 23   SER A CA  1 
ATOM   168 C  C   . SER A 1 23 ? -1.759  10.399  9.587   1.00 32.65 ? 23   SER A C   1 
ATOM   169 O  O   . SER A 1 23 ? -2.694  11.211  9.627   1.00 28.38 ? 23   SER A O   1 
ATOM   170 C  CB  . SER A 1 23 ? 0.104   10.621  11.259  1.00 27.75 ? 23   SER A CB  1 
ATOM   171 O  OG  . SER A 1 23 ? 0.631   10.137  12.491  1.00 24.66 ? 23   SER A OG  1 
ATOM   172 N  N   . CYS A 1 24 ? -1.258  9.930   8.448   1.00 21.30 ? 24   CYS A N   1 
ATOM   173 C  CA  . CYS A 1 24 ? -1.691  10.439  7.152   1.00 21.20 ? 24   CYS A CA  1 
ATOM   174 C  C   . CYS A 1 24 ? -2.533  9.469   6.319   1.00 21.95 ? 24   CYS A C   1 
ATOM   175 O  O   . CYS A 1 24 ? -2.956  9.828   5.231   1.00 28.54 ? 24   CYS A O   1 
ATOM   176 C  CB  . CYS A 1 24 ? -0.458  10.830  6.327   1.00 25.78 ? 24   CYS A CB  1 
ATOM   177 S  SG  . CYS A 1 24 ? 0.677   12.008  7.105   1.00 22.69 ? 24   CYS A SG  1 
ATOM   178 N  N   . ASP A 1 25 ? -2.744  8.261   6.834   1.00 16.36 ? 25   ASP A N   1 
ATOM   179 C  CA  . ASP A 1 25 ? -3.458  7.194   6.130   1.00 22.77 ? 25   ASP A CA  1 
ATOM   180 C  C   . ASP A 1 25 ? -2.881  7.089   4.730   1.00 27.44 ? 25   ASP A C   1 
ATOM   181 O  O   . ASP A 1 25 ? -3.593  7.211   3.739   1.00 27.08 ? 25   ASP A O   1 
ATOM   182 C  CB  . ASP A 1 25 ? -4.964  7.495   6.088   1.00 28.04 ? 25   ASP A CB  1 
ATOM   183 C  CG  . ASP A 1 25 ? -5.558  7.634   7.471   1.00 37.62 ? 25   ASP A CG  1 
ATOM   184 O  OD1 . ASP A 1 25 ? -5.367  6.711   8.296   1.00 45.84 ? 25   ASP A OD1 1 
ATOM   185 O  OD2 . ASP A 1 25 ? -6.216  8.661   7.734   1.00 43.53 ? 25   ASP A OD2 1 
ATOM   186 N  N   . THR A 1 26 ? -1.570  6.876   4.646   1.00 17.71 ? 26   THR A N   1 
ATOM   187 C  CA  . THR A 1 26 ? -0.936  6.801   3.348   1.00 16.52 ? 26   THR A CA  1 
ATOM   188 C  C   . THR A 1 26 ? 0.128   5.732   3.361   1.00 22.43 ? 26   THR A C   1 
ATOM   189 O  O   . THR A 1 26 ? 0.762   5.483   4.397   1.00 16.86 ? 26   THR A O   1 
ATOM   190 C  CB  . THR A 1 26 ? -0.285  8.133   2.918   1.00 20.95 ? 26   THR A CB  1 
ATOM   191 O  OG1 . THR A 1 26 ? 0.789   8.456   3.799   1.00 40.51 ? 26   THR A OG1 1 
ATOM   192 C  CG2 . THR A 1 26 ? -1.289  9.274   2.936   1.00 22.11 ? 26   THR A CG2 1 
ATOM   193 N  N   . LEU A 1 27 ? 0.285   5.064   2.216   1.00 16.18 ? 27   LEU A N   1 
ATOM   194 C  CA  . LEU A 1 27 ? 1.299   4.014   2.087   1.00 11.86 ? 27   LEU A CA  1 
ATOM   195 C  C   . LEU A 1 27 ? 2.654   4.702   1.949   1.00 15.42 ? 27   LEU A C   1 
ATOM   196 O  O   . LEU A 1 27 ? 2.776   5.691   1.219   1.00 15.88 ? 27   LEU A O   1 
ATOM   197 C  CB  . LEU A 1 27 ? 1.017   3.178   0.843   1.00 11.61 ? 27   LEU A CB  1 
ATOM   198 C  CG  . LEU A 1 27 ? -0.185  2.242   1.049   1.00 12.22 ? 27   LEU A CG  1 
ATOM   199 C  CD1 . LEU A 1 27 ? -0.704  1.796   -0.349  1.00 15.38 ? 27   LEU A CD1 1 
ATOM   200 C  CD2 . LEU A 1 27 ? 0.213   1.058   1.889   1.00 12.96 ? 27   LEU A CD2 1 
ATOM   201 N  N   . THR A 1 28 ? 3.670   4.164   2.613   1.00 11.46 ? 28   THR A N   1 
ATOM   202 C  CA  . THR A 1 28 ? 4.998   4.764   2.569   1.00 11.48 ? 28   THR A CA  1 
ATOM   203 C  C   . THR A 1 28 ? 6.092   3.719   2.470   1.00 13.68 ? 28   THR A C   1 
ATOM   204 O  O   . THR A 1 28 ? 5.869   2.536   2.740   1.00 11.66 ? 28   THR A O   1 
ATOM   205 C  CB  . THR A 1 28 ? 5.295   5.544   3.841   1.00 13.78 ? 28   THR A CB  1 
ATOM   206 O  OG1 . THR A 1 28 ? 5.143   4.666   4.961   1.00 15.74 ? 28   THR A OG1 1 
ATOM   207 C  CG2 . THR A 1 28 ? 4.300   6.711   4.003   1.00 16.37 ? 28   THR A CG2 1 
ATOM   208 N  N   . CYS A 1 29 ? 7.277   4.174   2.077   1.00 9.79  ? 29   CYS A N   1 
ATOM   209 C  CA  . CYS A 1 29 ? 8.436   3.289   2.017   1.00 10.80 ? 29   CYS A CA  1 
ATOM   210 C  C   . CYS A 1 29 ? 9.312   3.729   3.182   1.00 12.18 ? 29   CYS A C   1 
ATOM   211 O  O   . CYS A 1 29 ? 9.021   4.738   3.823   1.00 9.93  ? 29   CYS A O   1 
ATOM   212 C  CB  . CYS A 1 29 ? 9.201   3.463   0.705   1.00 9.21  ? 29   CYS A CB  1 
ATOM   213 S  SG  . CYS A 1 29 ? 10.267  4.906   0.584   1.00 12.52 ? 29   CYS A SG  1 
ATOM   214 N  N   . ARG A 1 30 ? 10.413  3.019   3.442   1.00 10.43 ? 30   ARG A N   1 
ATOM   215 C  CA  . ARG A 1 30 ? 11.268  3.424   4.556   1.00 8.17  ? 30   ARG A CA  1 
ATOM   216 C  C   . ARG A 1 30 ? 11.692  4.885   4.525   1.00 10.58 ? 30   ARG A C   1 
ATOM   217 O  O   . ARG A 1 30 ? 11.648  5.582   5.551   1.00 10.90 ? 30   ARG A O   1 
ATOM   218 C  CB  . ARG A 1 30 ? 12.522  2.548   4.577   1.00 10.09 ? 30   ARG A CB  1 
ATOM   219 C  CG  . ARG A 1 30 ? 12.221  1.057   4.768   1.00 12.54 ? 30   ARG A CG  1 
ATOM   220 C  CD  . ARG A 1 30 ? 13.546  0.278   4.891   1.00 15.05 ? 30   ARG A CD  1 
ATOM   221 N  NE  . ARG A 1 30 ? 14.353  0.426   3.675   1.00 15.45 ? 30   ARG A NE  1 
ATOM   222 C  CZ  . ARG A 1 30 ? 15.647  0.114   3.599   1.00 24.37 ? 30   ARG A CZ  1 
ATOM   223 N  NH1 . ARG A 1 30 ? 16.271  -0.361  4.668   1.00 17.05 ? 30   ARG A NH1 1 
ATOM   224 N  NH2 . ARG A 1 30 ? 16.326  0.288   2.467   1.00 22.67 ? 30   ARG A NH2 1 
ATOM   225 N  N   . ASP A 1 31 ? 12.123  5.359   3.358   1.00 12.09 ? 31   ASP A N   1 
ATOM   226 C  CA  . ASP A 1 31 ? 12.591  6.754   3.250   1.00 10.85 ? 31   ASP A CA  1 
ATOM   227 C  C   . ASP A 1 31 ? 11.478  7.764   3.461   1.00 18.16 ? 31   ASP A C   1 
ATOM   228 O  O   . ASP A 1 31 ? 11.683  8.792   4.115   1.00 16.11 ? 31   ASP A O   1 
ATOM   229 C  CB  . ASP A 1 31 ? 13.265  6.981   1.895   1.00 12.41 ? 31   ASP A CB  1 
ATOM   230 C  CG  . ASP A 1 31 ? 14.601  6.266   1.774   1.00 27.43 ? 31   ASP A CG  1 
ATOM   231 O  OD1 . ASP A 1 31 ? 15.413  6.372   2.707   1.00 34.46 ? 31   ASP A OD1 1 
ATOM   232 O  OD2 . ASP A 1 31 ? 14.849  5.617   0.734   1.00 32.51 ? 31   ASP A OD2 1 
ATOM   233 N  N   . CYS A 1 32 ? 10.301  7.477   2.906   1.00 17.37 ? 32   CYS A N   1 
ATOM   234 C  CA  . CYS A 1 32 ? 9.152   8.374   3.070   1.00 18.47 ? 32   CYS A CA  1 
ATOM   235 C  C   . CYS A 1 32 ? 8.850   8.478   4.542   1.00 15.19 ? 32   CYS A C   1 
ATOM   236 O  O   . CYS A 1 32 ? 8.637   9.558   5.060   1.00 17.21 ? 32   CYS A O   1 
ATOM   237 C  CB  . CYS A 1 32 ? 7.883   7.809   2.395   1.00 16.94 ? 32   CYS A CB  1 
ATOM   238 S  SG  . CYS A 1 32 ? 7.863   8.026   0.602   1.00 24.71 ? 32   CYS A SG  1 
ATOM   239 N  N   . GLN A 1 33 ? 8.828   7.328   5.222   1.00 12.12 ? 33   GLN A N   1 
ATOM   240 C  CA  . GLN A 1 33 ? 8.451   7.328   6.623   1.00 12.68 ? 33   GLN A CA  1 
ATOM   241 C  C   . GLN A 1 33 ? 9.435   8.076   7.503   1.00 18.62 ? 33   GLN A C   1 
ATOM   242 O  O   . GLN A 1 33 ? 9.017   8.792   8.400   1.00 14.51 ? 33   GLN A O   1 
ATOM   243 C  CB  . GLN A 1 33 ? 8.255   5.906   7.138   1.00 9.90  ? 33   GLN A CB  1 
ATOM   244 C  CG  . GLN A 1 33 ? 7.464   5.826   8.453   1.00 12.15 ? 33   GLN A CG  1 
ATOM   245 C  CD  . GLN A 1 33 ? 6.039   6.371   8.322   1.00 18.35 ? 33   GLN A CD  1 
ATOM   246 O  OE1 . GLN A 1 33 ? 5.577   7.184   9.139   1.00 17.48 ? 33   GLN A OE1 1 
ATOM   247 N  NE2 . GLN A 1 33 ? 5.348   5.930   7.297   1.00 12.86 ? 33   GLN A NE2 1 
ATOM   248 N  N   . LEU A 1 34 ? 10.733  7.926   7.243   1.00 12.28 ? 34   LEU A N   1 
ATOM   249 C  CA  . LEU A 1 34 ? 11.732  8.614   8.068   1.00 13.35 ? 34   LEU A CA  1 
ATOM   250 C  C   . LEU A 1 34 ? 11.904  10.106  7.773   1.00 16.83 ? 34   LEU A C   1 
ATOM   251 O  O   . LEU A 1 34 ? 12.325  10.862  8.635   1.00 17.64 ? 34   LEU A O   1 
ATOM   252 C  CB  . LEU A 1 34 ? 13.111  7.937   7.897   1.00 13.56 ? 34   LEU A CB  1 
ATOM   253 C  CG  . LEU A 1 34 ? 13.197  6.518   8.454   1.00 15.97 ? 34   LEU A CG  1 
ATOM   254 C  CD1 . LEU A 1 34 ? 14.502  5.859   7.986   1.00 14.46 ? 34   LEU A CD1 1 
ATOM   255 C  CD2 . LEU A 1 34 ? 13.138  6.568   9.987   1.00 12.67 ? 34   LEU A CD2 1 
ATOM   256 N  N   . ASN A 1 35 ? 11.585  10.514  6.553   1.00 15.65 ? 35   ASN A N   1 
ATOM   257 C  CA  . ASN A 1 35 ? 11.778  11.907  6.126   1.00 19.78 ? 35   ASN A CA  1 
ATOM   258 C  C   . ASN A 1 35 ? 10.495  12.729  6.182   1.00 22.00 ? 35   ASN A C   1 
ATOM   259 O  O   . ASN A 1 35 ? 10.206  13.410  7.164   1.00 21.44 ? 35   ASN A O   1 
ATOM   260 C  CB  . ASN A 1 35 ? 12.310  11.914  4.687   1.00 25.64 ? 35   ASN A CB  1 
ATOM   261 C  CG  . ASN A 1 35 ? 13.785  11.556  4.597   1.00 39.65 ? 35   ASN A CG  1 
ATOM   262 O  OD1 . ASN A 1 35 ? 14.652  12.426  4.723   1.00 44.94 ? 35   ASN A OD1 1 
ATOM   263 N  ND2 . ASN A 1 35 ? 14.081  10.271  4.376   1.00 29.38 ? 35   ASN A ND2 1 
ATOM   264 N  N   . ALA A 1 36 ? 9.709   12.620  5.125   1.00 22.59 ? 36   ALA A N   1 
ATOM   265 C  CA  . ALA A 1 36 ? 8.461   13.357  5.044   1.00 22.05 ? 36   ALA A CA  1 
ATOM   266 C  C   . ALA A 1 36 ? 7.500   13.021  6.163   1.00 26.69 ? 36   ALA A C   1 
ATOM   267 O  O   . ALA A 1 36 ? 6.721   13.869  6.571   1.00 26.19 ? 36   ALA A O   1 
ATOM   268 C  CB  . ALA A 1 36 ? 7.797   13.124  3.675   1.00 25.07 ? 36   ALA A CB  1 
ATOM   269 N  N   . HIS A 1 37 ? 7.562   11.805  6.703   1.00 15.87 ? 37   HIS A N   1 
ATOM   270 C  CA  . HIS A 1 37 ? 6.638   11.438  7.768   1.00 17.90 ? 37   HIS A CA  1 
ATOM   271 C  C   . HIS A 1 37 ? 7.278   11.296  9.154   1.00 14.47 ? 37   HIS A C   1 
ATOM   272 O  O   . HIS A 1 37 ? 6.782   10.580  10.049  1.00 18.77 ? 37   HIS A O   1 
ATOM   273 C  CB  . HIS A 1 37 ? 5.913   10.156  7.347   1.00 16.58 ? 37   HIS A CB  1 
ATOM   274 C  CG  . HIS A 1 37 ? 5.095   10.321  6.099   1.00 20.51 ? 37   HIS A CG  1 
ATOM   275 N  ND1 . HIS A 1 37 ? 3.743   10.594  6.121   1.00 19.73 ? 37   HIS A ND1 1 
ATOM   276 C  CD2 . HIS A 1 37 ? 5.454   10.323  4.790   1.00 24.27 ? 37   HIS A CD2 1 
ATOM   277 C  CE1 . HIS A 1 37 ? 3.307   10.763  4.884   1.00 25.55 ? 37   HIS A CE1 1 
ATOM   278 N  NE2 . HIS A 1 37 ? 4.324   10.608  4.058   1.00 19.52 ? 37   HIS A NE2 1 
ATOM   279 N  N   . LYS A 1 38 ? 8.389   11.999  9.332   1.00 17.19 ? 38   LYS A N   1 
ATOM   280 C  CA  . LYS A 1 38 ? 9.118   11.971  10.608  1.00 19.97 ? 38   LYS A CA  1 
ATOM   281 C  C   . LYS A 1 38 ? 8.234   12.121  11.837  1.00 18.66 ? 38   LYS A C   1 
ATOM   282 O  O   . LYS A 1 38 ? 7.410   13.050  11.954  1.00 24.02 ? 38   LYS A O   1 
ATOM   283 C  CB  . LYS A 1 38 ? 10.195  13.054  10.611  1.00 18.75 ? 38   LYS A CB  1 
ATOM   284 C  CG  . LYS A 1 38 ? 11.083  13.056  11.852  1.00 18.44 ? 38   LYS A CG  1 
ATOM   285 C  CD  . LYS A 1 38 ? 12.302  13.959  11.596  1.00 27.80 ? 38   LYS A CD  1 
ATOM   286 C  CE  . LYS A 1 38 ? 13.296  13.924  12.756  1.00 27.95 ? 38   LYS A CE  1 
ATOM   287 N  NZ  . LYS A 1 38 ? 12.726  14.542  13.966  1.00 28.04 ? 38   LYS A NZ  1 
ATOM   288 N  N   . ASP A 1 39 ? 8.391   11.175  12.749  1.00 17.92 ? 39   ASP A N   1 
ATOM   289 C  CA  . ASP A 1 39 ? 7.650   11.120  13.996  1.00 19.86 ? 39   ASP A CA  1 
ATOM   290 C  C   . ASP A 1 39 ? 6.143   10.830  13.919  1.00 23.31 ? 39   ASP A C   1 
ATOM   291 O  O   . ASP A 1 39 ? 5.454   10.820  14.940  1.00 31.51 ? 39   ASP A O   1 
ATOM   292 C  CB  . ASP A 1 39 ? 7.980   12.377  14.816  1.00 24.17 ? 39   ASP A CB  1 
ATOM   293 C  CG  . ASP A 1 39 ? 9.488   12.479  15.111  1.00 38.54 ? 39   ASP A CG  1 
ATOM   294 O  OD1 . ASP A 1 39 ? 10.131  11.411  15.261  1.00 25.44 ? 39   ASP A OD1 1 
ATOM   295 O  OD2 . ASP A 1 39 ? 10.035  13.597  15.183  1.00 37.35 ? 39   ASP A OD2 1 
ATOM   296 N  N   . HIS A 1 40 ? 5.631   10.561  12.714  1.00 17.98 ? 40   HIS A N   1 
ATOM   297 C  CA  . HIS A 1 40 ? 4.220   10.183  12.595  1.00 17.21 ? 40   HIS A CA  1 
ATOM   298 C  C   . HIS A 1 40 ? 4.102   8.747   13.077  1.00 21.70 ? 40   HIS A C   1 
ATOM   299 O  O   . HIS A 1 40 ? 5.118   8.038   13.204  1.00 21.06 ? 40   HIS A O   1 
ATOM   300 C  CB  . HIS A 1 40 ? 3.735   10.265  11.152  1.00 18.62 ? 40   HIS A CB  1 
ATOM   301 C  CG  . HIS A 1 40 ? 3.653   11.653  10.624  1.00 17.49 ? 40   HIS A CG  1 
ATOM   302 N  ND1 . HIS A 1 40 ? 3.310   11.930  9.318   1.00 18.90 ? 40   HIS A ND1 1 
ATOM   303 C  CD2 . HIS A 1 40 ? 3.969   12.845  11.192  1.00 16.96 ? 40   HIS A CD2 1 
ATOM   304 C  CE1 . HIS A 1 40 ? 3.421   13.228  9.098   1.00 23.30 ? 40   HIS A CE1 1 
ATOM   305 N  NE2 . HIS A 1 40 ? 3.823   13.804  10.218  1.00 18.76 ? 40   HIS A NE2 1 
ATOM   306 N  N   . GLN A 1 41 ? 2.866   8.330   13.357  1.00 19.09 ? 41   GLN A N   1 
ATOM   307 C  CA  . GLN A 1 41 ? 2.566   6.997   13.836  1.00 24.12 ? 41   GLN A CA  1 
ATOM   308 C  C   . GLN A 1 41 ? 2.484   6.085   12.635  1.00 19.48 ? 41   GLN A C   1 
ATOM   309 O  O   . GLN A 1 41 ? 1.916   6.470   11.616  1.00 19.55 ? 41   GLN A O   1 
ATOM   310 C  CB  . GLN A 1 41 ? 1.240   6.990   14.609  1.00 25.19 ? 41   GLN A CB  1 
ATOM   311 C  CG  . GLN A 1 41 ? 1.355   7.683   15.936  1.00 46.95 ? 41   GLN A CG  1 
ATOM   312 C  CD  . GLN A 1 41 ? 2.672   7.356   16.625  1.00 60.86 ? 41   GLN A CD  1 
ATOM   313 O  OE1 . GLN A 1 41 ? 2.954   6.194   16.925  1.00 69.35 ? 41   GLN A OE1 1 
ATOM   314 N  NE2 . GLN A 1 41 ? 3.495   8.383   16.865  1.00 62.47 ? 41   GLN A NE2 1 
ATOM   315 N  N   . TYR A 1 42 ? 3.057   4.892   12.744  1.00 17.56 ? 42   TYR A N   1 
ATOM   316 C  CA  . TYR A 1 42 ? 3.034   3.990   11.596  1.00 14.36 ? 42   TYR A CA  1 
ATOM   317 C  C   . TYR A 1 42 ? 3.148   2.564   12.033  1.00 15.42 ? 42   TYR A C   1 
ATOM   318 O  O   . TYR A 1 42 ? 3.413   2.272   13.208  1.00 20.56 ? 42   TYR A O   1 
ATOM   319 C  CB  . TYR A 1 42 ? 4.196   4.344   10.660  1.00 13.77 ? 42   TYR A CB  1 
ATOM   320 C  CG  . TYR A 1 42 ? 5.567   4.075   11.265  1.00 13.52 ? 42   TYR A CG  1 
ATOM   321 C  CD1 . TYR A 1 42 ? 6.155   2.810   11.182  1.00 17.61 ? 42   TYR A CD1 1 
ATOM   322 C  CD2 . TYR A 1 42 ? 6.270   5.085   11.933  1.00 16.80 ? 42   TYR A CD2 1 
ATOM   323 C  CE1 . TYR A 1 42 ? 7.393   2.544   11.737  1.00 16.87 ? 42   TYR A CE1 1 
ATOM   324 C  CE2 . TYR A 1 42 ? 7.531   4.827   12.491  1.00 15.88 ? 42   TYR A CE2 1 
ATOM   325 C  CZ  . TYR A 1 42 ? 8.081   3.555   12.391  1.00 16.36 ? 42   TYR A CZ  1 
ATOM   326 O  OH  . TYR A 1 42 ? 9.310   3.283   12.956  1.00 17.99 ? 42   TYR A OH  1 
ATOM   327 N  N   . GLN A 1 43 ? 2.901   1.665   11.087  1.00 14.88 ? 43   GLN A N   1 
ATOM   328 C  CA  . GLN A 1 43 ? 3.058   0.239   11.307  1.00 15.83 ? 43   GLN A CA  1 
ATOM   329 C  C   . GLN A 1 43 ? 3.572   -0.345  9.998   1.00 14.16 ? 43   GLN A C   1 
ATOM   330 O  O   . GLN A 1 43 ? 3.240   0.171   8.935   1.00 17.98 ? 43   GLN A O   1 
ATOM   331 C  CB  . GLN A 1 43 ? 1.719   -0.426  11.619  1.00 23.33 ? 43   GLN A CB  1 
ATOM   332 C  CG  . GLN A 1 43 ? 1.171   -0.056  12.986  1.00 32.61 ? 43   GLN A CG  1 
ATOM   333 C  CD  . GLN A 1 43 ? -0.016  -0.916  13.374  1.00 41.19 ? 43   GLN A CD  1 
ATOM   334 O  OE1 . GLN A 1 43 ? 0.084   -2.147  13.394  1.00 43.88 ? 43   GLN A OE1 1 
ATOM   335 N  NE2 . GLN A 1 43 ? -1.151  -0.276  13.688  1.00 45.62 ? 43   GLN A NE2 1 
ATOM   336 N  N   . PHE A 1 44 ? 4.390   -1.388  10.073  1.00 17.05 ? 44   PHE A N   1 
ATOM   337 C  CA  . PHE A 1 44 ? 4.801   -2.070  8.844   1.00 19.27 ? 44   PHE A CA  1 
ATOM   338 C  C   . PHE A 1 44 ? 3.539   -2.822  8.437   1.00 23.79 ? 44   PHE A C   1 
ATOM   339 O  O   . PHE A 1 44 ? 2.814   -3.314  9.303   1.00 22.15 ? 44   PHE A O   1 
ATOM   340 C  CB  . PHE A 1 44 ? 5.920   -3.066  9.121   1.00 18.81 ? 44   PHE A CB  1 
ATOM   341 C  CG  . PHE A 1 44 ? 7.277   -2.433  9.129   1.00 20.07 ? 44   PHE A CG  1 
ATOM   342 C  CD1 . PHE A 1 44 ? 7.991   -2.302  7.945   1.00 20.21 ? 44   PHE A CD1 1 
ATOM   343 C  CD2 . PHE A 1 44 ? 7.834   -1.961  10.319  1.00 18.60 ? 44   PHE A CD2 1 
ATOM   344 C  CE1 . PHE A 1 44 ? 9.258   -1.715  7.931   1.00 17.49 ? 44   PHE A CE1 1 
ATOM   345 C  CE2 . PHE A 1 44 ? 9.096   -1.372  10.322  1.00 22.50 ? 44   PHE A CE2 1 
ATOM   346 C  CZ  . PHE A 1 44 ? 9.809   -1.251  9.126   1.00 19.00 ? 44   PHE A CZ  1 
ATOM   347 N  N   . LEU A 1 45 ? 3.276   -2.921  7.138   1.00 19.18 ? 45   LEU A N   1 
ATOM   348 C  CA  . LEU A 1 45 ? 2.076   -3.598  6.667   1.00 26.18 ? 45   LEU A CA  1 
ATOM   349 C  C   . LEU A 1 45 ? 1.969   -5.013  7.224   1.00 30.53 ? 45   LEU A C   1 
ATOM   350 O  O   . LEU A 1 45 ? 0.921   -5.395  7.733   1.00 31.15 ? 45   LEU A O   1 
ATOM   351 C  CB  . LEU A 1 45 ? 2.034   -3.591  5.131   1.00 21.31 ? 45   LEU A CB  1 
ATOM   352 C  CG  . LEU A 1 45 ? 1.836   -2.206  4.483   1.00 21.14 ? 45   LEU A CG  1 
ATOM   353 C  CD1 . LEU A 1 45 ? 2.082   -2.254  2.960   1.00 22.94 ? 45   LEU A CD1 1 
ATOM   354 C  CD2 . LEU A 1 45 ? 0.420   -1.743  4.767   1.00 26.80 ? 45   LEU A CD2 1 
ATOM   355 N  N   . GLU A 1 46 ? 3.046   -5.785  7.137   1.00 33.01 ? 46   GLU A N   1 
ATOM   356 C  CA  . GLU A 1 46 ? 3.046   -7.148  7.657   1.00 44.99 ? 46   GLU A CA  1 
ATOM   357 C  C   . GLU A 1 46 ? 2.863   -7.138  9.183   1.00 48.26 ? 46   GLU A C   1 
ATOM   358 O  O   . GLU A 1 46 ? 2.460   -8.136  9.783   1.00 54.42 ? 46   GLU A O   1 
ATOM   359 C  CB  . GLU A 1 46 ? 4.364   -7.836  7.295   1.00 46.02 ? 46   GLU A CB  1 
ATOM   360 C  CG  . GLU A 1 46 ? 5.049   -8.507  8.480   1.00 56.72 ? 46   GLU A CG  1 
ATOM   361 C  CD  . GLU A 1 46 ? 6.285   -9.287  8.087   1.00 60.88 ? 46   GLU A CD  1 
ATOM   362 O  OE1 . GLU A 1 46 ? 7.188   -8.696  7.448   1.00 58.83 ? 46   GLU A OE1 1 
ATOM   363 O  OE2 . GLU A 1 46 ? 6.348   -10.492 8.425   1.00 63.50 ? 46   GLU A OE2 1 
ATOM   364 N  N   . ASP A 1 47 ? 3.161   -5.986  9.779   1.00 51.30 ? 47   ASP A N   1 
ATOM   365 C  CA  . ASP A 1 47 ? 3.082   -5.720  11.216  1.00 50.50 ? 47   ASP A CA  1 
ATOM   366 C  C   . ASP A 1 47 ? 4.366   -6.151  11.939  1.00 51.13 ? 47   ASP A C   1 
ATOM   367 O  O   . ASP A 1 47 ? 5.094   -5.256  12.440  1.00 44.53 ? 47   ASP A O   1 
ATOM   368 C  CB  . ASP A 1 47 ? 1.836   -6.381  11.837  1.00 47.54 ? 47   ASP A CB  1 
ATOM   369 C  CG  . ASP A 1 47 ? 0.531   -5.823  11.267  1.00 50.88 ? 47   ASP A CG  1 
ATOM   370 O  OD1 . ASP A 1 47 ? 0.441   -4.597  11.052  1.00 42.58 ? 47   ASP A OD1 1 
ATOM   371 O  OD2 . ASP A 1 47 ? -0.416  -6.608  11.035  1.00 61.99 ? 47   ASP A OD2 1 
ATOM   372 N  N   . GLY B 1 3  ? 2.526   16.372  -4.372  1.00 58.51 ? 3    GLY B N   1 
ATOM   373 C  CA  . GLY B 1 3  ? 1.165   15.761  -4.415  1.00 57.53 ? 3    GLY B CA  1 
ATOM   374 C  C   . GLY B 1 3  ? 1.184   14.290  -4.790  1.00 60.79 ? 3    GLY B C   1 
ATOM   375 O  O   . GLY B 1 3  ? 0.628   13.892  -5.808  1.00 61.80 ? 3    GLY B O   1 
ATOM   376 N  N   . GLU B 1 4  ? 1.828   13.472  -3.965  1.00 65.11 ? 4    GLU B N   1 
ATOM   377 C  CA  . GLU B 1 4  ? 1.898   12.034  -4.219  1.00 63.52 ? 4    GLU B CA  1 
ATOM   378 C  C   . GLU B 1 4  ? 1.048   11.300  -3.177  1.00 60.52 ? 4    GLU B C   1 
ATOM   379 O  O   . GLU B 1 4  ? 1.372   10.173  -2.781  1.00 62.80 ? 4    GLU B O   1 
ATOM   380 C  CB  . GLU B 1 4  ? 3.353   11.528  -4.129  1.00 66.97 ? 4    GLU B CB  1 
ATOM   381 C  CG  . GLU B 1 4  ? 4.441   12.593  -3.888  1.00 67.28 ? 4    GLU B CG  1 
ATOM   382 C  CD  . GLU B 1 4  ? 4.881   13.310  -5.164  1.00 68.62 ? 4    GLU B CD  1 
ATOM   383 O  OE1 . GLU B 1 4  ? 4.251   14.329  -5.542  1.00 71.24 ? 4    GLU B OE1 1 
ATOM   384 O  OE2 . GLU B 1 4  ? 5.860   12.843  -5.792  1.00 59.73 ? 4    GLU B OE2 1 
ATOM   385 N  N   . ARG B 1 5  ? -0.043  11.928  -2.745  1.00 53.13 ? 5    ARG B N   1 
ATOM   386 C  CA  . ARG B 1 5  ? -0.902  11.338  -1.717  1.00 52.30 ? 5    ARG B CA  1 
ATOM   387 C  C   . ARG B 1 5  ? -1.439  9.941   -2.011  1.00 45.22 ? 5    ARG B C   1 
ATOM   388 O  O   . ARG B 1 5  ? -1.321  9.032   -1.184  1.00 46.65 ? 5    ARG B O   1 
ATOM   389 C  CB  . ARG B 1 5  ? -2.080  12.263  -1.413  1.00 53.86 ? 5    ARG B CB  1 
ATOM   390 C  CG  . ARG B 1 5  ? -1.680  13.609  -0.846  1.00 59.20 ? 5    ARG B CG  1 
ATOM   391 C  CD  . ARG B 1 5  ? -2.909  14.420  -0.435  1.00 66.15 ? 5    ARG B CD  1 
ATOM   392 N  NE  . ARG B 1 5  ? -2.563  15.807  -0.121  1.00 75.54 ? 5    ARG B NE  1 
ATOM   393 C  CZ  . ARG B 1 5  ? -3.416  16.711  0.360   1.00 78.22 ? 5    ARG B CZ  1 
ATOM   394 N  NH1 . ARG B 1 5  ? -4.683  16.383  0.598   1.00 75.12 ? 5    ARG B NH1 1 
ATOM   395 N  NH2 . ARG B 1 5  ? -3.001  17.953  0.593   1.00 79.77 ? 5    ARG B NH2 1 
ATOM   396 N  N   . THR B 1 6  ? -2.025  9.774   -3.188  1.00 29.11 ? 6    THR B N   1 
ATOM   397 C  CA  . THR B 1 6  ? -2.610  8.496   -3.564  1.00 22.76 ? 6    THR B CA  1 
ATOM   398 C  C   . THR B 1 6  ? -1.613  7.591   -4.261  1.00 17.38 ? 6    THR B C   1 
ATOM   399 O  O   . THR B 1 6  ? -0.841  8.042   -5.101  1.00 16.92 ? 6    THR B O   1 
ATOM   400 C  CB  . THR B 1 6  ? -3.811  8.735   -4.496  1.00 25.42 ? 6    THR B CB  1 
ATOM   401 O  OG1 . THR B 1 6  ? -4.726  9.632   -3.856  1.00 32.09 ? 6    THR B OG1 1 
ATOM   402 C  CG2 . THR B 1 6  ? -4.527  7.434   -4.808  1.00 16.99 ? 6    THR B CG2 1 
ATOM   403 N  N   . VAL B 1 7  ? -1.622  6.305   -3.906  1.00 19.76 ? 7    VAL B N   1 
ATOM   404 C  CA  . VAL B 1 7  ? -0.751  5.318   -4.544  1.00 11.41 ? 7    VAL B CA  1 
ATOM   405 C  C   . VAL B 1 7  ? -1.728  4.448   -5.335  1.00 13.03 ? 7    VAL B C   1 
ATOM   406 O  O   . VAL B 1 7  ? -2.758  4.027   -4.787  1.00 16.53 ? 7    VAL B O   1 
ATOM   407 C  CB  . VAL B 1 7  ? -0.056  4.424   -3.496  1.00 17.22 ? 7    VAL B CB  1 
ATOM   408 C  CG1 . VAL B 1 7  ? 0.726   3.343   -4.185  1.00 21.09 ? 7    VAL B CG1 1 
ATOM   409 C  CG2 . VAL B 1 7  ? 0.834   5.261   -2.627  1.00 26.52 ? 7    VAL B CG2 1 
ATOM   410 N  N   . TYR B 1 8  ? -1.414  4.185   -6.602  1.00 14.37 ? 8    TYR B N   1 
ATOM   411 C  CA  . TYR B 1 8  ? -2.313  3.416   -7.460  1.00 11.83 ? 8    TYR B CA  1 
ATOM   412 C  C   . TYR B 1 8  ? -1.861  2.010   -7.735  1.00 15.05 ? 8    TYR B C   1 
ATOM   413 O  O   . TYR B 1 8  ? -0.681  1.676   -7.592  1.00 15.61 ? 8    TYR B O   1 
ATOM   414 C  CB  . TYR B 1 8  ? -2.503  4.134   -8.794  1.00 13.26 ? 8    TYR B CB  1 
ATOM   415 C  CG  . TYR B 1 8  ? -3.141  5.500   -8.626  1.00 12.51 ? 8    TYR B CG  1 
ATOM   416 C  CD1 . TYR B 1 8  ? -4.524  5.667   -8.740  1.00 18.48 ? 8    TYR B CD1 1 
ATOM   417 C  CD2 . TYR B 1 8  ? -2.359  6.618   -8.325  1.00 20.07 ? 8    TYR B CD2 1 
ATOM   418 C  CE1 . TYR B 1 8  ? -5.112  6.926   -8.555  1.00 11.98 ? 8    TYR B CE1 1 
ATOM   419 C  CE2 . TYR B 1 8  ? -2.938  7.874   -8.135  1.00 15.08 ? 8    TYR B CE2 1 
ATOM   420 C  CZ  . TYR B 1 8  ? -4.313  8.016   -8.253  1.00 17.91 ? 8    TYR B CZ  1 
ATOM   421 O  OH  . TYR B 1 8  ? -4.887  9.270   -8.093  1.00 21.03 ? 8    TYR B OH  1 
ATOM   422 N  N   . CYS B 1 9  ? -2.814  1.193   -8.165  1.00 13.37 ? 9    CYS B N   1 
ATOM   423 C  CA  . CYS B 1 9  ? -2.539  -0.199  -8.471  1.00 13.01 ? 9    CYS B CA  1 
ATOM   424 C  C   . CYS B 1 9  ? -1.661  -0.338  -9.713  1.00 18.79 ? 9    CYS B C   1 
ATOM   425 O  O   . CYS B 1 9  ? -1.829  0.397   -10.687 1.00 13.55 ? 9    CYS B O   1 
ATOM   426 C  CB  . CYS B 1 9  ? -3.864  -0.942  -8.705  1.00 17.05 ? 9    CYS B CB  1 
ATOM   427 S  SG  . CYS B 1 9  ? -3.678  -2.722  -9.051  1.00 14.51 ? 9    CYS B SG  1 
ATOM   428 N  N   . ASN B 1 10 ? -0.733  -1.298  -9.667  1.00 15.63 ? 10   ASN B N   1 
ATOM   429 C  CA  . ASN B 1 10 ? 0.142   -1.571  -10.794 1.00 17.26 ? 10   ASN B CA  1 
ATOM   430 C  C   . ASN B 1 10 ? -0.658  -2.127  -11.969 1.00 17.48 ? 10   ASN B C   1 
ATOM   431 O  O   . ASN B 1 10 ? -0.251  -1.969  -13.122 1.00 20.26 ? 10   ASN B O   1 
ATOM   432 C  CB  . ASN B 1 10 ? 1.225   -2.605  -10.424 1.00 15.13 ? 10   ASN B CB  1 
ATOM   433 C  CG  . ASN B 1 10 ? 2.325   -2.023  -9.558  1.00 19.81 ? 10   ASN B CG  1 
ATOM   434 O  OD1 . ASN B 1 10 ? 2.590   -0.822  -9.600  1.00 24.77 ? 10   ASN B OD1 1 
ATOM   435 N  ND2 . ASN B 1 10 ? 2.981   -2.877  -8.777  1.00 19.99 ? 10   ASN B ND2 1 
ATOM   436 N  N   . VAL B 1 11 ? -1.787  -2.782  -11.675 1.00 15.22 ? 11   VAL B N   1 
ATOM   437 C  CA  . VAL B 1 11 ? -2.621  -3.406  -12.693 1.00 16.53 ? 11   VAL B CA  1 
ATOM   438 C  C   . VAL B 1 11 ? -3.802  -2.559  -13.157 1.00 20.30 ? 11   VAL B C   1 
ATOM   439 O  O   . VAL B 1 11 ? -4.018  -2.382  -14.347 1.00 23.11 ? 11   VAL B O   1 
ATOM   440 C  CB  . VAL B 1 11 ? -3.139  -4.787  -12.178 1.00 21.39 ? 11   VAL B CB  1 
ATOM   441 C  CG1 . VAL B 1 11 ? -4.152  -5.368  -13.134 1.00 21.72 ? 11   VAL B CG1 1 
ATOM   442 C  CG2 . VAL B 1 11 ? -1.956  -5.741  -12.016 1.00 28.43 ? 11   VAL B CG2 1 
ATOM   443 N  N   . HIS B 1 12 ? -4.580  -2.051  -12.211 1.00 15.53 ? 12   HIS B N   1 
ATOM   444 C  CA  . HIS B 1 12 ? -5.735  -1.203  -12.544 1.00 12.77 ? 12   HIS B CA  1 
ATOM   445 C  C   . HIS B 1 12 ? -5.213  0.202   -12.278 1.00 15.30 ? 12   HIS B C   1 
ATOM   446 O  O   . HIS B 1 12 ? -5.344  0.731   -11.197 1.00 12.67 ? 12   HIS B O   1 
ATOM   447 C  CB  . HIS B 1 12 ? -6.906  -1.567  -11.627 1.00 12.96 ? 12   HIS B CB  1 
ATOM   448 C  CG  . HIS B 1 12 ? -7.210  -3.034  -11.618 1.00 13.40 ? 12   HIS B CG  1 
ATOM   449 N  ND1 . HIS B 1 12 ? -6.744  -3.888  -10.630 1.00 10.29 ? 12   HIS B ND1 1 
ATOM   450 C  CD2 . HIS B 1 12 ? -7.901  -3.804  -12.493 1.00 15.28 ? 12   HIS B CD2 1 
ATOM   451 C  CE1 . HIS B 1 12 ? -7.138  -5.123  -10.911 1.00 13.78 ? 12   HIS B CE1 1 
ATOM   452 N  NE2 . HIS B 1 12 ? -7.841  -5.099  -12.032 1.00 16.05 ? 12   HIS B NE2 1 
ATOM   453 N  N   . LYS B 1 13 ? -4.592  0.777   -13.312 1.00 15.91 ? 13   LYS B N   1 
ATOM   454 C  CA  . LYS B 1 13 ? -3.889  2.060   -13.226 1.00 16.25 ? 13   LYS B CA  1 
ATOM   455 C  C   . LYS B 1 13 ? -4.582  3.262   -12.634 1.00 16.40 ? 13   LYS B C   1 
ATOM   456 O  O   . LYS B 1 13 ? -3.902  4.146   -12.081 1.00 15.00 ? 13   LYS B O   1 
ATOM   457 C  CB  . LYS B 1 13 ? -3.332  2.421   -14.613 1.00 20.36 ? 13   LYS B CB  1 
ATOM   458 C  CG  . LYS B 1 13 ? -2.522  1.306   -15.257 1.00 27.50 ? 13   LYS B CG  1 
ATOM   459 C  CD  . LYS B 1 13 ? -1.303  0.984   -14.448 1.00 34.50 ? 13   LYS B CD  1 
ATOM   460 C  CE  . LYS B 1 13 ? -0.251  0.298   -15.305 1.00 36.40 ? 13   LYS B CE  1 
ATOM   461 N  NZ  . LYS B 1 13 ? 1.040   0.262   -14.564 1.00 41.70 ? 13   LYS B NZ  1 
ATOM   462 N  N   . HIS B 1 14 ? -5.913  3.331   -12.738 1.00 14.22 ? 14   HIS B N   1 
ATOM   463 C  CA  . HIS B 1 14 ? -6.601  4.493   -12.138 1.00 16.13 ? 14   HIS B CA  1 
ATOM   464 C  C   . HIS B 1 14 ? -7.226  4.211   -10.761 1.00 15.91 ? 14   HIS B C   1 
ATOM   465 O  O   . HIS B 1 14 ? -7.837  5.099   -10.162 1.00 17.29 ? 14   HIS B O   1 
ATOM   466 C  CB  . HIS B 1 14 ? -7.674  5.046   -13.075 1.00 15.87 ? 14   HIS B CB  1 
ATOM   467 C  CG  . HIS B 1 14 ? -7.127  5.808   -14.243 1.00 16.79 ? 14   HIS B CG  1 
ATOM   468 N  ND1 . HIS B 1 14 ? -7.902  6.666   -14.997 1.00 17.79 ? 14   HIS B ND1 1 
ATOM   469 C  CD2 . HIS B 1 14 ? -5.890  5.832   -14.796 1.00 24.09 ? 14   HIS B CD2 1 
ATOM   470 C  CE1 . HIS B 1 14 ? -7.166  7.189   -15.962 1.00 23.56 ? 14   HIS B CE1 1 
ATOM   471 N  NE2 . HIS B 1 14 ? -5.942  6.699   -15.865 1.00 21.81 ? 14   HIS B NE2 1 
ATOM   472 N  N   . GLU B 1 15 ? -7.023  2.992   -10.255 1.00 12.12 ? 15   GLU B N   1 
ATOM   473 C  CA  . GLU B 1 15 ? -7.563  2.601   -8.942  1.00 13.59 ? 15   GLU B CA  1 
ATOM   474 C  C   . GLU B 1 15 ? -6.586  2.725   -7.796  1.00 14.57 ? 15   GLU B C   1 
ATOM   475 O  O   . GLU B 1 15 ? -5.466  2.213   -7.861  1.00 15.59 ? 15   GLU B O   1 
ATOM   476 C  CB  . GLU B 1 15 ? -8.035  1.146   -8.972  1.00 14.36 ? 15   GLU B CB  1 
ATOM   477 C  CG  . GLU B 1 15 ? -9.308  0.912   -9.738  1.00 11.39 ? 15   GLU B CG  1 
ATOM   478 C  CD  . GLU B 1 15 ? -10.504 1.553   -9.073  1.00 14.76 ? 15   GLU B CD  1 
ATOM   479 O  OE1 . GLU B 1 15 ? -10.550 1.610   -7.833  1.00 18.79 ? 15   GLU B OE1 1 
ATOM   480 O  OE2 . GLU B 1 15 ? -11.421 1.988   -9.800  1.00 21.19 ? 15   GLU B OE2 1 
ATOM   481 N  N   . PRO B 1 16 ? -6.998  3.395   -6.713  1.00 11.77 ? 16   PRO B N   1 
ATOM   482 C  CA  . PRO B 1 16 ? -6.137  3.557   -5.539  1.00 11.03 ? 16   PRO B CA  1 
ATOM   483 C  C   . PRO B 1 16 ? -5.929  2.216   -4.810  1.00 13.30 ? 16   PRO B C   1 
ATOM   484 O  O   . PRO B 1 16 ? -6.868  1.427   -4.681  1.00 10.56 ? 16   PRO B O   1 
ATOM   485 C  CB  . PRO B 1 16 ? -6.939  4.507   -4.653  1.00 17.12 ? 16   PRO B CB  1 
ATOM   486 C  CG  . PRO B 1 16 ? -7.850  5.223   -5.608  1.00 22.74 ? 16   PRO B CG  1 
ATOM   487 C  CD  . PRO B 1 16 ? -8.246  4.173   -6.574  1.00 11.25 ? 16   PRO B CD  1 
ATOM   488 N  N   . LEU B 1 17 ? -4.719  1.981   -4.311  1.00 11.80 ? 17   LEU B N   1 
ATOM   489 C  CA  . LEU B 1 17 ? -4.448  0.779   -3.522  1.00 9.58  ? 17   LEU B CA  1 
ATOM   490 C  C   . LEU B 1 17 ? -4.977  1.126   -2.126  1.00 15.86 ? 17   LEU B C   1 
ATOM   491 O  O   . LEU B 1 17 ? -4.431  2.008   -1.451  1.00 17.63 ? 17   LEU B O   1 
ATOM   492 C  CB  . LEU B 1 17 ? -2.938  0.523   -3.437  1.00 13.07 ? 17   LEU B CB  1 
ATOM   493 C  CG  . LEU B 1 17 ? -2.319  -0.040  -4.696  1.00 13.56 ? 17   LEU B CG  1 
ATOM   494 C  CD1 . LEU B 1 17 ? -0.770  -0.155  -4.487  1.00 14.76 ? 17   LEU B CD1 1 
ATOM   495 C  CD2 . LEU B 1 17 ? -2.962  -1.412  -4.984  1.00 12.74 ? 17   LEU B CD2 1 
ATOM   496 N  N   . VAL B 1 18 ? -6.054  0.468   -1.713  1.00 12.97 ? 18   VAL B N   1 
ATOM   497 C  CA  . VAL B 1 18 ? -6.667  0.763   -0.424  1.00 13.94 ? 18   VAL B CA  1 
ATOM   498 C  C   . VAL B 1 18 ? -6.879  -0.458  0.464   1.00 16.39 ? 18   VAL B C   1 
ATOM   499 O  O   . VAL B 1 18 ? -7.355  -0.353  1.592   1.00 14.77 ? 18   VAL B O   1 
ATOM   500 C  CB  . VAL B 1 18 ? -8.014  1.489   -0.642  1.00 16.77 ? 18   VAL B CB  1 
ATOM   501 C  CG1 . VAL B 1 18 ? -7.776  2.843   -1.293  1.00 20.87 ? 18   VAL B CG1 1 
ATOM   502 C  CG2 . VAL B 1 18 ? -8.940  0.639   -1.525  1.00 14.75 ? 18   VAL B CG2 1 
ATOM   503 N  N   . LEU B 1 19 ? -6.512  -1.620  -0.048  1.00 13.35 ? 19   LEU B N   1 
ATOM   504 C  CA  . LEU B 1 19 ? -6.671  -2.861  0.700   1.00 10.56 ? 19   LEU B CA  1 
ATOM   505 C  C   . LEU B 1 19 ? -5.385  -3.665  0.768   1.00 14.10 ? 19   LEU B C   1 
ATOM   506 O  O   . LEU B 1 19 ? -4.433  -3.447  0.015   1.00 12.27 ? 19   LEU B O   1 
ATOM   507 C  CB  . LEU B 1 19 ? -7.720  -3.731  0.009   1.00 13.89 ? 19   LEU B CB  1 
ATOM   508 C  CG  . LEU B 1 19 ? -9.095  -3.071  -0.144  1.00 11.74 ? 19   LEU B CG  1 
ATOM   509 C  CD1 . LEU B 1 19 ? -9.428  -2.884  -1.621  1.00 14.91 ? 19   LEU B CD1 1 
ATOM   510 C  CD2 . LEU B 1 19 ? -10.146 -3.951  0.556   1.00 15.44 ? 19   LEU B CD2 1 
ATOM   511 N  N   . PHE B 1 20 ? -5.367  -4.616  1.676   1.00 11.65 ? 20   PHE B N   1 
ATOM   512 C  CA  . PHE B 1 20 ? -4.225  -5.503  1.752   1.00 15.39 ? 20   PHE B CA  1 
ATOM   513 C  C   . PHE B 1 20 ? -4.833  -6.891  1.761   1.00 15.19 ? 20   PHE B C   1 
ATOM   514 O  O   . PHE B 1 20 ? -5.693  -7.187  2.591   1.00 17.14 ? 20   PHE B O   1 
ATOM   515 C  CB  . PHE B 1 20 ? -3.433  -5.259  3.019   1.00 13.42 ? 20   PHE B CB  1 
ATOM   516 C  CG  . PHE B 1 20 ? -2.133  -6.023  3.069   1.00 19.02 ? 20   PHE B CG  1 
ATOM   517 C  CD1 . PHE B 1 20 ? -0.967  -5.461  2.554   1.00 23.77 ? 20   PHE B CD1 1 
ATOM   518 C  CD2 . PHE B 1 20 ? -2.078  -7.285  3.642   1.00 22.99 ? 20   PHE B CD2 1 
ATOM   519 C  CE1 . PHE B 1 20 ? 0.245   -6.162  2.626   1.00 25.25 ? 20   PHE B CE1 1 
ATOM   520 C  CE2 . PHE B 1 20 ? -0.877  -7.986  3.712   1.00 22.24 ? 20   PHE B CE2 1 
ATOM   521 C  CZ  . PHE B 1 20 ? 0.275   -7.419  3.207   1.00 22.40 ? 20   PHE B CZ  1 
ATOM   522 N  N   . CYS B 1 21 ? -4.429  -7.738  0.811   1.00 12.36 ? 21   CYS B N   1 
ATOM   523 C  CA  . CYS B 1 21 ? -4.943  -9.096  0.793   1.00 14.09 ? 21   CYS B CA  1 
ATOM   524 C  C   . CYS B 1 21 ? -4.028  -9.933  1.674   1.00 15.99 ? 21   CYS B C   1 
ATOM   525 O  O   . CYS B 1 21 ? -2.838  -10.143 1.362   1.00 13.41 ? 21   CYS B O   1 
ATOM   526 C  CB  . CYS B 1 21 ? -4.955  -9.705  -0.596  1.00 12.13 ? 21   CYS B CB  1 
ATOM   527 S  SG  . CYS B 1 21 ? -5.573  -11.388 -0.583  1.00 15.55 ? 21   CYS B SG  1 
ATOM   528 N  N   . GLU B 1 22 ? -4.596  -10.425 2.767   1.00 14.59 ? 22   GLU B N   1 
ATOM   529 C  CA  . GLU B 1 22 ? -3.829  -11.201 3.722   1.00 20.12 ? 22   GLU B CA  1 
ATOM   530 C  C   . GLU B 1 22 ? -3.415  -12.567 3.196   1.00 24.37 ? 22   GLU B C   1 
ATOM   531 O  O   . GLU B 1 22 ? -2.371  -13.086 3.581   1.00 27.59 ? 22   GLU B O   1 
ATOM   532 C  CB  . GLU B 1 22 ? -4.644  -11.373 4.997   1.00 23.62 ? 22   GLU B CB  1 
ATOM   533 C  CG  . GLU B 1 22 ? -4.961  -10.090 5.709   1.00 26.07 ? 22   GLU B CG  1 
ATOM   534 C  CD  . GLU B 1 22 ? -6.069  -10.300 6.738   1.00 43.17 ? 22   GLU B CD  1 
ATOM   535 O  OE1 . GLU B 1 22 ? -6.119  -11.398 7.337   1.00 44.17 ? 22   GLU B OE1 1 
ATOM   536 O  OE2 . GLU B 1 22 ? -6.881  -9.376  6.945   1.00 41.66 ? 22   GLU B OE2 1 
ATOM   537 N  N   . SER B 1 23 ? -4.251  -13.160 2.356   1.00 21.72 ? 23   SER B N   1 
ATOM   538 C  CA  . SER B 1 23 ? -3.970  -14.465 1.776   1.00 23.89 ? 23   SER B CA  1 
ATOM   539 C  C   . SER B 1 23 ? -2.732  -14.422 0.890   1.00 25.36 ? 23   SER B C   1 
ATOM   540 O  O   . SER B 1 23 ? -2.023  -15.418 0.737   1.00 29.17 ? 23   SER B O   1 
ATOM   541 C  CB  . SER B 1 23 ? -5.160  -14.937 0.942   1.00 24.24 ? 23   SER B CB  1 
ATOM   542 O  OG  . SER B 1 23 ? -6.318  -15.055 1.756   1.00 24.65 ? 23   SER B OG  1 
ATOM   543 N  N   . CYS B 1 24 ? -2.469  -13.254 0.326   1.00 19.44 ? 24   CYS B N   1 
ATOM   544 C  CA  . CYS B 1 24 ? -1.334  -13.077 -0.572  1.00 18.26 ? 24   CYS B CA  1 
ATOM   545 C  C   . CYS B 1 24 ? -0.267  -12.115 -0.071  1.00 19.64 ? 24   CYS B C   1 
ATOM   546 O  O   . CYS B 1 24 ? 0.742   -11.941 -0.752  1.00 23.33 ? 24   CYS B O   1 
ATOM   547 C  CB  . CYS B 1 24 ? -1.846  -12.566 -1.939  1.00 20.51 ? 24   CYS B CB  1 
ATOM   548 S  SG  . CYS B 1 24 ? -3.045  -13.603 -2.789  1.00 19.54 ? 24   CYS B SG  1 
ATOM   549 N  N   . ASP B 1 25 ? -0.476  -11.472 1.084   1.00 21.14 ? 25   ASP B N   1 
ATOM   550 C  CA  . ASP B 1 25 ? 0.463   -10.454 1.572   1.00 21.55 ? 25   ASP B CA  1 
ATOM   551 C  C   . ASP B 1 25 ? 0.728   -9.441  0.448   1.00 17.44 ? 25   ASP B C   1 
ATOM   552 O  O   . ASP B 1 25 ? 1.869   -9.061  0.181   1.00 16.10 ? 25   ASP B O   1 
ATOM   553 C  CB  . ASP B 1 25 ? 1.784   -11.102 1.988   1.00 29.14 ? 25   ASP B CB  1 
ATOM   554 C  CG  . ASP B 1 25 ? 1.596   -12.114 3.091   1.00 42.01 ? 25   ASP B CG  1 
ATOM   555 O  OD1 . ASP B 1 25 ? 1.020   -11.735 4.131   1.00 37.11 ? 25   ASP B OD1 1 
ATOM   556 O  OD2 . ASP B 1 25 ? 2.016   -13.276 2.914   1.00 37.64 ? 25   ASP B OD2 1 
ATOM   557 N  N   . THR B 1 26 ? -0.346  -8.982  -0.185  1.00 13.19 ? 26   THR B N   1 
ATOM   558 C  CA  . THR B 1 26 ? -0.237  -8.102  -1.339  1.00 15.17 ? 26   THR B CA  1 
ATOM   559 C  C   . THR B 1 26 ? -1.175  -6.921  -1.261  1.00 15.53 ? 26   THR B C   1 
ATOM   560 O  O   . THR B 1 26 ? -2.329  -7.084  -0.897  1.00 13.76 ? 26   THR B O   1 
ATOM   561 C  CB  . THR B 1 26 ? -0.571  -8.943  -2.622  1.00 20.68 ? 26   THR B CB  1 
ATOM   562 O  OG1 . THR B 1 26 ? 0.480   -9.893  -2.857  1.00 23.09 ? 26   THR B OG1 1 
ATOM   563 C  CG2 . THR B 1 26 ? -0.771  -8.085  -3.864  1.00 14.14 ? 26   THR B CG2 1 
ATOM   564 N  N   . LEU B 1 27 ? -0.678  -5.735  -1.591  1.00 14.95 ? 27   LEU B N   1 
ATOM   565 C  CA  . LEU B 1 27 ? -1.546  -4.554  -1.638  1.00 12.98 ? 27   LEU B CA  1 
ATOM   566 C  C   . LEU B 1 27 ? -2.505  -4.724  -2.827  1.00 13.30 ? 27   LEU B C   1 
ATOM   567 O  O   . LEU B 1 27 ? -2.089  -5.146  -3.911  1.00 13.09 ? 27   LEU B O   1 
ATOM   568 C  CB  . LEU B 1 27 ? -0.710  -3.282  -1.840  1.00 12.77 ? 27   LEU B CB  1 
ATOM   569 C  CG  . LEU B 1 27 ? 0.119   -2.894  -0.608  1.00 19.14 ? 27   LEU B CG  1 
ATOM   570 C  CD1 . LEU B 1 27 ? 1.257   -1.958  -1.000  1.00 17.15 ? 27   LEU B CD1 1 
ATOM   571 C  CD2 . LEU B 1 27 ? -0.790  -2.270  0.412   1.00 16.77 ? 27   LEU B CD2 1 
ATOM   572 N  N   . THR B 1 28 ? -3.774  -4.343  -2.653  1.00 10.62 ? 28   THR B N   1 
ATOM   573 C  CA  . THR B 1 28 ? -4.745  -4.511  -3.714  1.00 8.20  ? 28   THR B CA  1 
ATOM   574 C  C   . THR B 1 28 ? -5.692  -3.302  -3.814  1.00 9.13  ? 28   THR B C   1 
ATOM   575 O  O   . THR B 1 28 ? -5.828  -2.542  -2.855  1.00 10.71 ? 28   THR B O   1 
ATOM   576 C  CB  . THR B 1 28 ? -5.635  -5.746  -3.439  1.00 13.80 ? 28   THR B CB  1 
ATOM   577 O  OG1 . THR B 1 28 ? -6.182  -5.633  -2.115  1.00 14.57 ? 28   THR B OG1 1 
ATOM   578 C  CG2 . THR B 1 28 ? -4.837  -7.058  -3.588  1.00 10.69 ? 28   THR B CG2 1 
ATOM   579 N  N   . CYS B 1 29 ? -6.301  -3.125  -4.988  1.00 10.55 ? 29   CYS B N   1 
ATOM   580 C  CA  . CYS B 1 29 ? -7.296  -2.058  -5.184  1.00 12.36 ? 29   CYS B CA  1 
ATOM   581 C  C   . CYS B 1 29 ? -8.651  -2.768  -5.157  1.00 10.85 ? 29   CYS B C   1 
ATOM   582 O  O   . CYS B 1 29 ? -8.705  -3.984  -5.003  1.00 9.92  ? 29   CYS B O   1 
ATOM   583 C  CB  . CYS B 1 29 ? -7.115  -1.337  -6.526  1.00 9.03  ? 29   CYS B CB  1 
ATOM   584 S  SG  . CYS B 1 29 ? -7.610  -2.335  -7.969  1.00 10.94 ? 29   CYS B SG  1 
ATOM   585 N  N   . ARG B 1 30 ? -9.751  -2.029  -5.323  1.00 8.50  ? 30   ARG B N   1 
ATOM   586 C  CA  . ARG B 1 30 ? -11.078 -2.647  -5.267  1.00 9.49  ? 30   ARG B CA  1 
ATOM   587 C  C   . ARG B 1 30 ? -11.293 -3.716  -6.328  1.00 8.41  ? 30   ARG B C   1 
ATOM   588 O  O   . ARG B 1 30 ? -11.874 -4.767  -6.052  1.00 9.82  ? 30   ARG B O   1 
ATOM   589 C  CB  . ARG B 1 30 ? -12.155 -1.559  -5.414  1.00 9.15  ? 30   ARG B CB  1 
ATOM   590 C  CG  . ARG B 1 30 ? -12.096 -0.522  -4.341  1.00 15.53 ? 30   ARG B CG  1 
ATOM   591 C  CD  . ARG B 1 30 ? -12.862 0.719   -4.798  1.00 23.21 ? 30   ARG B CD  1 
ATOM   592 N  NE  . ARG B 1 30 ? -13.073 1.633   -3.678  1.00 37.17 ? 30   ARG B NE  1 
ATOM   593 C  CZ  . ARG B 1 30 ? -12.189 2.521   -3.215  1.00 42.73 ? 30   ARG B CZ  1 
ATOM   594 N  NH1 . ARG B 1 30 ? -10.987 2.663   -3.762  1.00 27.91 ? 30   ARG B NH1 1 
ATOM   595 N  NH2 . ARG B 1 30 ? -12.508 3.269   -2.169  1.00 45.29 ? 30   ARG B NH2 1 
ATOM   596 N  N   . ASP B 1 31 ? -10.830 -3.449  -7.545  1.00 10.87 ? 31   ASP B N   1 
ATOM   597 C  CA  . ASP B 1 31 ? -10.982 -4.405  -8.621  1.00 11.13 ? 31   ASP B CA  1 
ATOM   598 C  C   . ASP B 1 31 ? -10.178 -5.688  -8.349  1.00 10.64 ? 31   ASP B C   1 
ATOM   599 O  O   . ASP B 1 31 ? -10.665 -6.776  -8.592  1.00 12.60 ? 31   ASP B O   1 
ATOM   600 C  CB  . ASP B 1 31 ? -10.553 -3.764  -9.955  1.00 12.61 ? 31   ASP B CB  1 
ATOM   601 C  CG  . ASP B 1 31 ? -11.569 -2.726  -10.459 1.00 21.33 ? 31   ASP B CG  1 
ATOM   602 O  OD1 . ASP B 1 31 ? -12.773 -2.866  -10.175 1.00 17.57 ? 31   ASP B OD1 1 
ATOM   603 O  OD2 . ASP B 1 31 ? -11.167 -1.772  -11.143 1.00 20.84 ? 31   ASP B OD2 1 
ATOM   604 N  N   . CYS B 1 32 ? -8.943  -5.542  -7.869  1.00 11.13 ? 32   CYS B N   1 
ATOM   605 C  CA  . CYS B 1 32 ? -8.111  -6.702  -7.536  1.00 11.44 ? 32   CYS B CA  1 
ATOM   606 C  C   . CYS B 1 32 ? -8.839  -7.554  -6.510  1.00 13.86 ? 32   CYS B C   1 
ATOM   607 O  O   . CYS B 1 32 ? -8.951  -8.765  -6.665  1.00 11.92 ? 32   CYS B O   1 
ATOM   608 C  CB  . CYS B 1 32 ? -6.810  -6.295  -6.851  1.00 15.27 ? 32   CYS B CB  1 
ATOM   609 S  SG  . CYS B 1 32 ? -5.437  -5.725  -7.883  1.00 15.70 ? 32   CYS B SG  1 
ATOM   610 N  N   . GLN B 1 33 ? -9.315  -6.916  -5.443  1.00 11.74 ? 33   GLN B N   1 
ATOM   611 C  CA  . GLN B 1 33 ? -9.937  -7.698  -4.369  1.00 12.03 ? 33   GLN B CA  1 
ATOM   612 C  C   . GLN B 1 33 ? -11.219 -8.426  -4.760  1.00 11.86 ? 33   GLN B C   1 
ATOM   613 O  O   . GLN B 1 33 ? -11.486 -9.513  -4.254  1.00 15.57 ? 33   GLN B O   1 
ATOM   614 C  CB  . GLN B 1 33 ? -10.169 -6.812  -3.117  1.00 11.33 ? 33   GLN B CB  1 
ATOM   615 C  CG  . GLN B 1 33 ? -10.177 -7.641  -1.827  1.00 12.61 ? 33   GLN B CG  1 
ATOM   616 C  CD  . GLN B 1 33 ? -8.839  -8.311  -1.561  1.00 10.14 ? 33   GLN B CD  1 
ATOM   617 O  OE1 . GLN B 1 33 ? -7.800  -7.654  -1.585  1.00 12.91 ? 33   GLN B OE1 1 
ATOM   618 N  NE2 . GLN B 1 33 ? -8.855  -9.624  -1.301  1.00 11.36 ? 33   GLN B NE2 1 
ATOM   619 N  N   . LEU B 1 34 ? -12.002 -7.857  -5.674  1.00 11.21 ? 34   LEU B N   1 
ATOM   620 C  CA  . LEU B 1 34 ? -13.250 -8.498  -6.069  1.00 11.75 ? 34   LEU B CA  1 
ATOM   621 C  C   . LEU B 1 34 ? -13.058 -9.516  -7.166  1.00 15.59 ? 34   LEU B C   1 
ATOM   622 O  O   . LEU B 1 34 ? -13.909 -10.363 -7.350  1.00 17.17 ? 34   LEU B O   1 
ATOM   623 C  CB  . LEU B 1 34 ? -14.249 -7.454  -6.558  1.00 13.15 ? 34   LEU B CB  1 
ATOM   624 C  CG  . LEU B 1 34 ? -14.780 -6.495  -5.516  1.00 12.13 ? 34   LEU B CG  1 
ATOM   625 C  CD1 . LEU B 1 34 ? -15.423 -5.284  -6.233  1.00 12.18 ? 34   LEU B CD1 1 
ATOM   626 C  CD2 . LEU B 1 34 ? -15.805 -7.213  -4.635  1.00 16.45 ? 34   LEU B CD2 1 
ATOM   627 N  N   . ASN B 1 35 ? -11.943 -9.442  -7.887  1.00 11.03 ? 35   ASN B N   1 
ATOM   628 C  CA  . ASN B 1 35 ? -11.708 -10.351 -8.998  1.00 17.68 ? 35   ASN B CA  1 
ATOM   629 C  C   . ASN B 1 35 ? -10.653 -11.411 -8.757  1.00 17.66 ? 35   ASN B C   1 
ATOM   630 O  O   . ASN B 1 35 ? -10.962 -12.491 -8.268  1.00 17.17 ? 35   ASN B O   1 
ATOM   631 C  CB  . ASN B 1 35 ? -11.396 -9.518  -10.244 1.00 21.32 ? 35   ASN B CB  1 
ATOM   632 C  CG  . ASN B 1 35 ? -12.605 -8.702  -10.702 1.00 21.51 ? 35   ASN B CG  1 
ATOM   633 O  OD1 . ASN B 1 35 ? -13.452 -9.195  -11.437 1.00 23.46 ? 35   ASN B OD1 1 
ATOM   634 N  ND2 . ASN B 1 35 ? -12.695 -7.455  -10.250 1.00 20.27 ? 35   ASN B ND2 1 
ATOM   635 N  N   . ALA B 1 36 ? -9.398  -11.106 -9.045  1.00 15.84 ? 36   ALA B N   1 
ATOM   636 C  CA  . ALA B 1 36 ? -8.368  -12.124 -8.869  1.00 21.25 ? 36   ALA B CA  1 
ATOM   637 C  C   . ALA B 1 36 ? -8.289  -12.639 -7.438  1.00 20.82 ? 36   ALA B C   1 
ATOM   638 O  O   . ALA B 1 36 ? -7.953  -13.809 -7.213  1.00 19.10 ? 36   ALA B O   1 
ATOM   639 C  CB  . ALA B 1 36 ? -7.008  -11.580 -9.285  1.00 26.01 ? 36   ALA B CB  1 
ATOM   640 N  N   . HIS B 1 37 ? -8.606  -11.767 -6.476  1.00 15.01 ? 37   HIS B N   1 
ATOM   641 C  CA  . HIS B 1 37 ? -8.524  -12.112 -5.078  1.00 12.45 ? 37   HIS B CA  1 
ATOM   642 C  C   . HIS B 1 37 ? -9.840  -12.495 -4.422  1.00 15.26 ? 37   HIS B C   1 
ATOM   643 O  O   . HIS B 1 37 ? -9.926  -12.534 -3.195  1.00 16.50 ? 37   HIS B O   1 
ATOM   644 C  CB  . HIS B 1 37 ? -7.847  -10.949 -4.337  1.00 12.02 ? 37   HIS B CB  1 
ATOM   645 C  CG  . HIS B 1 37 ? -6.443  -10.697 -4.802  1.00 18.81 ? 37   HIS B CG  1 
ATOM   646 N  ND1 . HIS B 1 37 ? -5.343  -11.259 -4.190  1.00 16.75 ? 37   HIS B ND1 1 
ATOM   647 C  CD2 . HIS B 1 37 ? -5.964  -9.992  -5.855  1.00 12.55 ? 37   HIS B CD2 1 
ATOM   648 C  CE1 . HIS B 1 37 ? -4.246  -10.907 -4.841  1.00 18.18 ? 37   HIS B CE1 1 
ATOM   649 N  NE2 . HIS B 1 37 ? -4.598  -10.142 -5.858  1.00 14.50 ? 37   HIS B NE2 1 
ATOM   650 N  N   . LYS B 1 38 ? -10.858 -12.779 -5.229  1.00 14.23 ? 38   LYS B N   1 
ATOM   651 C  CA  . LYS B 1 38 ? -12.147 -13.171 -4.655  1.00 20.09 ? 38   LYS B CA  1 
ATOM   652 C  C   . LYS B 1 38 ? -11.944 -14.355 -3.715  1.00 23.84 ? 38   LYS B C   1 
ATOM   653 O  O   . LYS B 1 38 ? -11.181 -15.274 -4.024  1.00 23.69 ? 38   LYS B O   1 
ATOM   654 C  CB  . LYS B 1 38 ? -13.127 -13.575 -5.748  1.00 19.11 ? 38   LYS B CB  1 
ATOM   655 C  CG  . LYS B 1 38 ? -14.500 -13.968 -5.198  1.00 19.06 ? 38   LYS B CG  1 
ATOM   656 C  CD  . LYS B 1 38 ? -15.489 -14.234 -6.311  1.00 27.77 ? 38   LYS B CD  1 
ATOM   657 C  CE  . LYS B 1 38 ? -16.802 -14.778 -5.744  1.00 28.15 ? 38   LYS B CE  1 
ATOM   658 N  NZ  . LYS B 1 38 ? -17.733 -15.012 -6.870  1.00 31.56 ? 38   LYS B NZ  1 
ATOM   659 N  N   . ASP B 1 39 ? -12.613 -14.319 -2.562  1.00 28.30 ? 39   ASP B N   1 
ATOM   660 C  CA  . ASP B 1 39 ? -12.524 -15.387 -1.556  1.00 26.15 ? 39   ASP B CA  1 
ATOM   661 C  C   . ASP B 1 39 ? -11.308 -15.306 -0.651  1.00 28.73 ? 39   ASP B C   1 
ATOM   662 O  O   . ASP B 1 39 ? -11.251 -16.001 0.358   1.00 27.02 ? 39   ASP B O   1 
ATOM   663 C  CB  . ASP B 1 39 ? -12.555 -16.794 -2.193  1.00 35.35 ? 39   ASP B CB  1 
ATOM   664 C  CG  . ASP B 1 39 ? -13.903 -17.137 -2.818  1.00 36.07 ? 39   ASP B CG  1 
ATOM   665 O  OD1 . ASP B 1 39 ? -14.950 -16.738 -2.267  1.00 37.50 ? 39   ASP B OD1 1 
ATOM   666 O  OD2 . ASP B 1 39 ? -13.916 -17.832 -3.854  1.00 45.13 ? 39   ASP B OD2 1 
ATOM   667 N  N   . HIS B 1 40 ? -10.324 -14.480 -1.000  1.00 17.14 ? 40   HIS B N   1 
ATOM   668 C  CA  . HIS B 1 40 ? -9.156  -14.345 -0.150  1.00 16.60 ? 40   HIS B CA  1 
ATOM   669 C  C   . HIS B 1 40 ? -9.523  -13.474 1.051   1.00 16.19 ? 40   HIS B C   1 
ATOM   670 O  O   . HIS B 1 40 ? -10.499 -12.713 1.006   1.00 18.59 ? 40   HIS B O   1 
ATOM   671 C  CB  . HIS B 1 40 ? -7.998  -13.674 -0.907  1.00 18.02 ? 40   HIS B CB  1 
ATOM   672 C  CG  . HIS B 1 40 ? -7.506  -14.444 -2.093  1.00 21.88 ? 40   HIS B CG  1 
ATOM   673 N  ND1 . HIS B 1 40 ? -6.382  -14.069 -2.805  1.00 15.48 ? 40   HIS B ND1 1 
ATOM   674 C  CD2 . HIS B 1 40 ? -8.013  -15.528 -2.736  1.00 26.58 ? 40   HIS B CD2 1 
ATOM   675 C  CE1 . HIS B 1 40 ? -6.226  -14.882 -3.838  1.00 21.26 ? 40   HIS B CE1 1 
ATOM   676 N  NE2 . HIS B 1 40 ? -7.202  -15.774 -3.820  1.00 22.97 ? 40   HIS B NE2 1 
ATOM   677 N  N   . GLN B 1 41 ? -8.728  -13.564 2.107   1.00 16.59 ? 41   GLN B N   1 
ATOM   678 C  CA  . GLN B 1 41 ? -8.962  -12.762 3.298   1.00 18.58 ? 41   GLN B CA  1 
ATOM   679 C  C   . GLN B 1 41 ? -8.287  -11.435 3.096   1.00 17.38 ? 41   GLN B C   1 
ATOM   680 O  O   . GLN B 1 41 ? -7.162  -11.381 2.606   1.00 18.60 ? 41   GLN B O   1 
ATOM   681 C  CB  . GLN B 1 41 ? -8.381  -13.454 4.525   1.00 26.27 ? 41   GLN B CB  1 
ATOM   682 C  CG  . GLN B 1 41 ? -9.172  -14.677 4.912   1.00 33.93 ? 41   GLN B CG  1 
ATOM   683 C  CD  . GLN B 1 41 ? -10.578 -14.311 5.288   1.00 36.10 ? 41   GLN B CD  1 
ATOM   684 O  OE1 . GLN B 1 41 ? -10.781 -13.526 6.212   1.00 44.49 ? 41   GLN B OE1 1 
ATOM   685 N  NE2 . GLN B 1 41 ? -11.564 -14.858 4.568   1.00 40.64 ? 41   GLN B NE2 1 
ATOM   686 N  N   . TYR B 1 42 ? -8.954  -10.360 3.512   1.00 12.89 ? 42   TYR B N   1 
ATOM   687 C  CA  . TYR B 1 42 ? -8.386  -9.037  3.311   1.00 14.53 ? 42   TYR B CA  1 
ATOM   688 C  C   . TYR B 1 42 ? -8.845  -8.065  4.358   1.00 15.82 ? 42   TYR B C   1 
ATOM   689 O  O   . TYR B 1 42 ? -9.727  -8.366  5.167   1.00 17.56 ? 42   TYR B O   1 
ATOM   690 C  CB  . TYR B 1 42 ? -8.828  -8.504  1.938   1.00 15.55 ? 42   TYR B CB  1 
ATOM   691 C  CG  . TYR B 1 42 ? -10.319 -8.233  1.813   1.00 11.56 ? 42   TYR B CG  1 
ATOM   692 C  CD1 . TYR B 1 42 ? -10.850 -6.975  2.100   1.00 13.92 ? 42   TYR B CD1 1 
ATOM   693 C  CD2 . TYR B 1 42 ? -11.204 -9.244  1.404   1.00 11.99 ? 42   TYR B CD2 1 
ATOM   694 C  CE1 . TYR B 1 42 ? -12.223 -6.727  1.988   1.00 15.10 ? 42   TYR B CE1 1 
ATOM   695 C  CE2 . TYR B 1 42 ? -12.568 -9.000  1.279   1.00 17.56 ? 42   TYR B CE2 1 
ATOM   696 C  CZ  . TYR B 1 42 ? -13.068 -7.743  1.572   1.00 14.24 ? 42   TYR B CZ  1 
ATOM   697 O  OH  . TYR B 1 42 ? -14.427 -7.497  1.395   1.00 16.26 ? 42   TYR B OH  1 
ATOM   698 N  N   . GLN B 1 43 ? -8.218  -6.903  4.345   1.00 13.83 ? 43   GLN B N   1 
ATOM   699 C  CA  . GLN B 1 43 ? -8.622  -5.782  5.194   1.00 19.61 ? 43   GLN B CA  1 
ATOM   700 C  C   . GLN B 1 43 ? -8.362  -4.473  4.460   1.00 21.40 ? 43   GLN B C   1 
ATOM   701 O  O   . GLN B 1 43 ? -7.441  -4.372  3.642   1.00 17.88 ? 43   GLN B O   1 
ATOM   702 C  CB  . GLN B 1 43 ? -7.847  -5.750  6.519   1.00 24.56 ? 43   GLN B CB  1 
ATOM   703 C  CG  . GLN B 1 43 ? -8.402  -6.657  7.611   1.00 32.16 ? 43   GLN B CG  1 
ATOM   704 C  CD  . GLN B 1 43 ? -7.773  -6.360  8.971   1.00 33.45 ? 43   GLN B CD  1 
ATOM   705 O  OE1 . GLN B 1 43 ? -6.637  -6.742  9.242   1.00 41.06 ? 43   GLN B OE1 1 
ATOM   706 N  NE2 . GLN B 1 43 ? -8.513  -5.663  9.820   1.00 42.52 ? 43   GLN B NE2 1 
ATOM   707 N  N   . PHE B 1 44 ? -9.200  -3.475  4.706   1.00 17.66 ? 44   PHE B N   1 
ATOM   708 C  CA  . PHE B 1 44 ? -8.943  -2.169  4.127   1.00 14.21 ? 44   PHE B CA  1 
ATOM   709 C  C   . PHE B 1 44 ? -7.746  -1.664  4.948   1.00 18.82 ? 44   PHE B C   1 
ATOM   710 O  O   . PHE B 1 44 ? -7.637  -1.948  6.139   1.00 21.68 ? 44   PHE B O   1 
ATOM   711 C  CB  . PHE B 1 44 ? -10.140 -1.248  4.330   1.00 16.65 ? 44   PHE B CB  1 
ATOM   712 C  CG  . PHE B 1 44 ? -11.165 -1.355  3.246   1.00 13.91 ? 44   PHE B CG  1 
ATOM   713 C  CD1 . PHE B 1 44 ? -11.015 -0.634  2.063   1.00 20.95 ? 44   PHE B CD1 1 
ATOM   714 C  CD2 . PHE B 1 44 ? -12.257 -2.212  3.388   1.00 21.25 ? 44   PHE B CD2 1 
ATOM   715 C  CE1 . PHE B 1 44 ? -11.950 -0.770  1.021   1.00 17.93 ? 44   PHE B CE1 1 
ATOM   716 C  CE2 . PHE B 1 44 ? -13.189 -2.355  2.364   1.00 16.69 ? 44   PHE B CE2 1 
ATOM   717 C  CZ  . PHE B 1 44 ? -13.036 -1.634  1.175   1.00 20.87 ? 44   PHE B CZ  1 
ATOM   718 N  N   . LEU B 1 45 ? -6.830  -0.948  4.321   1.00 19.33 ? 45   LEU B N   1 
ATOM   719 C  CA  . LEU B 1 45 ? -5.666  -0.455  5.062   1.00 23.68 ? 45   LEU B CA  1 
ATOM   720 C  C   . LEU B 1 45 ? -6.052  0.363   6.293   1.00 23.33 ? 45   LEU B C   1 
ATOM   721 O  O   . LEU B 1 45 ? -5.507  0.157   7.368   1.00 26.39 ? 45   LEU B O   1 
ATOM   722 C  CB  . LEU B 1 45 ? -4.782  0.363   4.130   1.00 19.61 ? 45   LEU B CB  1 
ATOM   723 C  CG  . LEU B 1 45 ? -4.175  -0.530  3.030   1.00 20.19 ? 45   LEU B CG  1 
ATOM   724 C  CD1 . LEU B 1 45 ? -3.490  0.333   2.011   1.00 19.96 ? 45   LEU B CD1 1 
ATOM   725 C  CD2 . LEU B 1 45 ? -3.198  -1.513  3.639   1.00 21.43 ? 45   LEU B CD2 1 
ATOM   726 N  N   . GLU B 1 46 ? -7.001  1.277   6.157   1.00 28.85 ? 46   GLU B N   1 
ATOM   727 C  CA  . GLU B 1 46 ? -7.392  2.054   7.331   1.00 39.44 ? 46   GLU B CA  1 
ATOM   728 C  C   . GLU B 1 46 ? -7.916  1.169   8.471   1.00 42.62 ? 46   GLU B C   1 
ATOM   729 O  O   . GLU B 1 46 ? -7.780  1.525   9.643   1.00 39.05 ? 46   GLU B O   1 
ATOM   730 C  CB  . GLU B 1 46 ? -8.402  3.111   6.924   1.00 42.42 ? 46   GLU B CB  1 
ATOM   731 C  CG  . GLU B 1 46 ? -7.795  4.037   5.895   1.00 50.63 ? 46   GLU B CG  1 
ATOM   732 C  CD  . GLU B 1 46 ? -8.737  5.107   5.417   1.00 58.81 ? 46   GLU B CD  1 
ATOM   733 O  OE1 . GLU B 1 46 ? -8.273  6.005   4.679   1.00 51.46 ? 46   GLU B OE1 1 
ATOM   734 O  OE2 . GLU B 1 46 ? -9.936  5.049   5.778   1.00 67.24 ? 46   GLU B OE2 1 
ATOM   735 N  N   . ASP B 1 47 ? -8.479  0.004   8.135   1.00 44.02 ? 47   ASP B N   1 
ATOM   736 C  CA  . ASP B 1 47 ? -8.982  -0.945  9.145   1.00 44.90 ? 47   ASP B CA  1 
ATOM   737 C  C   . ASP B 1 47 ? -7.884  -1.862  9.711   1.00 46.49 ? 47   ASP B C   1 
ATOM   738 O  O   . ASP B 1 47 ? -8.052  -2.331  10.851  1.00 51.59 ? 47   ASP B O   1 
ATOM   739 C  CB  . ASP B 1 47 ? -10.092 -1.850  8.583   1.00 40.11 ? 47   ASP B CB  1 
ATOM   740 C  CG  . ASP B 1 47 ? -11.348 -1.087  8.199   1.00 45.55 ? 47   ASP B CG  1 
ATOM   741 O  OD1 . ASP B 1 47 ? -11.629 -0.030  8.806   1.00 47.46 ? 47   ASP B OD1 1 
ATOM   742 O  OD2 . ASP B 1 47 ? -12.069 -1.567  7.297   1.00 42.20 ? 47   ASP B OD2 1 
HETATM 743 ZN ZN  . ZN  C 2 .  ? 9.279   6.678   -0.543  1.00 16.77 ? 1001 ZN  A ZN  1 
HETATM 744 ZN ZN  . ZN  D 2 .  ? 2.475   10.615  7.792   1.00 20.29 ? 1002 ZN  A ZN  1 
HETATM 745 ZN ZN  . ZN  E 2 .  ? -5.869  -3.610  -8.833  1.00 13.77 ? 1003 ZN  B ZN  1 
HETATM 746 ZN ZN  . ZN  F 2 .  ? -5.108  -12.504 -2.523  1.00 18.04 ? 1004 ZN  B ZN  1 
HETATM 747 O  O   . HOH G 3 .  ? 10.914  0.525   1.792   1.00 10.89 ? 1003 HOH A O   1 
HETATM 748 O  O   . HOH G 3 .  ? 7.351   8.237   11.229  1.00 17.87 ? 1004 HOH A O   1 
HETATM 749 O  O   . HOH G 3 .  ? 1.145   5.158   -7.773  1.00 15.63 ? 1005 HOH A O   1 
HETATM 750 O  O   . HOH G 3 .  ? 2.138   -5.415  -2.334  1.00 16.65 ? 1006 HOH A O   1 
HETATM 751 O  O   . HOH G 3 .  ? 4.826   -2.326  12.785  1.00 25.03 ? 1007 HOH A O   1 
HETATM 752 O  O   . HOH G 3 .  ? 5.573   -4.704  5.651   1.00 27.63 ? 1008 HOH A O   1 
HETATM 753 O  O   . HOH G 3 .  ? 4.659   -3.701  -1.822  1.00 23.30 ? 1009 HOH A O   1 
HETATM 754 O  O   . HOH G 3 .  ? 5.372   -0.485  -8.421  1.00 20.82 ? 1010 HOH A O   1 
HETATM 755 O  O   . HOH G 3 .  ? 10.108  9.230   16.382  1.00 24.24 ? 1011 HOH A O   1 
HETATM 756 O  O   . HOH G 3 .  ? 15.261  4.220   -4.164  1.00 25.48 ? 1012 HOH A O   1 
HETATM 757 O  O   . HOH G 3 .  ? 8.027   -9.577  -10.469 1.00 31.07 ? 1013 HOH A O   1 
HETATM 758 O  O   . HOH G 3 .  ? -1.708  5.692   -0.022  1.00 23.01 ? 1014 HOH A O   1 
HETATM 759 O  O   . HOH G 3 .  ? 10.771  5.871   13.595  1.00 25.05 ? 1015 HOH A O   1 
HETATM 760 O  O   . HOH G 3 .  ? 3.201   16.476  10.709  1.00 23.10 ? 1016 HOH A O   1 
HETATM 761 O  O   . HOH G 3 .  ? 12.704  12.551  15.761  1.00 30.99 ? 1017 HOH A O   1 
HETATM 762 O  O   . HOH G 3 .  ? 6.448   -4.890  -9.082  1.00 28.69 ? 1018 HOH A O   1 
HETATM 763 O  O   . HOH G 3 .  ? 4.629   6.385   -4.031  1.00 31.79 ? 1019 HOH A O   1 
HETATM 764 O  O   . HOH G 3 .  ? -0.638  -6.419  -8.808  1.00 26.62 ? 1020 HOH A O   1 
HETATM 765 O  O   . HOH G 3 .  ? -4.429  4.771   13.274  1.00 42.07 ? 1021 HOH A O   1 
HETATM 766 O  O   . HOH G 3 .  ? 6.533   6.943   15.415  1.00 39.37 ? 1022 HOH A O   1 
HETATM 767 O  O   . HOH G 3 .  ? 7.978   16.811  7.297   1.00 54.45 ? 1023 HOH A O   1 
HETATM 768 O  O   . HOH G 3 .  ? -3.374  -15.782 -5.954  1.00 35.97 ? 1024 HOH A O   1 
HETATM 769 O  O   . HOH G 3 .  ? 3.688   3.835   -5.645  1.00 30.29 ? 1025 HOH A O   1 
HETATM 770 O  O   . HOH G 3 .  ? 16.188  8.782   3.507   1.00 39.70 ? 1026 HOH A O   1 
HETATM 771 O  O   . HOH G 3 .  ? 3.926   7.436   0.045   1.00 46.54 ? 1027 HOH A O   1 
HETATM 772 O  O   . HOH G 3 .  ? 9.235   -9.019  -6.112  1.00 46.36 ? 1028 HOH A O   1 
HETATM 773 O  O   . HOH G 3 .  ? 7.176   4.944   -10.400 1.00 49.32 ? 1029 HOH A O   1 
HETATM 774 O  O   . HOH G 3 .  ? 11.929  -1.972  2.689   1.00 18.50 ? 1030 HOH A O   1 
HETATM 775 O  O   . HOH G 3 .  ? 1.041   16.309  8.919   1.00 30.97 ? 1031 HOH A O   1 
HETATM 776 O  O   . HOH G 3 .  ? -0.447  13.825  9.416   1.00 27.83 ? 1032 HOH A O   1 
HETATM 777 O  O   . HOH G 3 .  ? -3.450  -12.445 -8.712  1.00 31.78 ? 1033 HOH A O   1 
HETATM 778 O  O   . HOH G 3 .  ? 6.478   9.126   17.673  1.00 44.69 ? 1034 HOH A O   1 
HETATM 779 O  O   . HOH G 3 .  ? 4.111   2.500   -7.940  1.00 37.13 ? 1035 HOH A O   1 
HETATM 780 O  O   . HOH G 3 .  ? -2.500  -8.262  10.464  1.00 46.17 ? 1036 HOH A O   1 
HETATM 781 O  O   . HOH G 3 .  ? 6.051   2.430   -9.528  1.00 51.03 ? 1037 HOH A O   1 
HETATM 782 O  O   . HOH G 3 .  ? 5.638   16.100  7.750   1.00 44.04 ? 1038 HOH A O   1 
HETATM 783 O  O   . HOH G 3 .  ? 14.277  -1.903  0.880   1.00 38.25 ? 1039 HOH A O   1 
HETATM 784 O  O   . HOH G 3 .  ? 16.390  4.601   -1.018  1.00 37.66 ? 1040 HOH A O   1 
HETATM 785 O  O   . HOH G 3 .  ? 4.209   10.701  1.556   1.00 48.65 ? 1041 HOH A O   1 
HETATM 786 O  O   . HOH G 3 .  ? 8.774   -10.445 -8.104  1.00 45.48 ? 1042 HOH A O   1 
HETATM 787 O  O   . HOH G 3 .  ? 1.354   2.800   15.546  1.00 45.22 ? 1043 HOH A O   1 
HETATM 788 O  O   . HOH G 3 .  ? 12.777  9.845   -8.264  1.00 49.24 ? 1044 HOH A O   1 
HETATM 789 O  O   . HOH G 3 .  ? 8.214   3.274   -8.587  1.00 39.44 ? 1045 HOH A O   1 
HETATM 790 O  O   . HOH G 3 .  ? 6.448   -5.814  -0.680  1.00 42.92 ? 1046 HOH A O   1 
HETATM 791 O  O   . HOH H 3 .  ? -9.536  0.898   -5.534  1.00 12.76 ? 1005 HOH B O   1 
HETATM 792 O  O   . HOH H 3 .  ? -8.224  1.370   -13.594 1.00 17.05 ? 1006 HOH B O   1 
HETATM 793 O  O   . HOH H 3 .  ? 4.061   14.082  -8.854  1.00 16.33 ? 1007 HOH B O   1 
HETATM 794 O  O   . HOH H 3 .  ? -0.745  -3.236  -7.531  1.00 17.07 ? 1008 HOH B O   1 
HETATM 795 O  O   . HOH H 3 .  ? -8.318  7.840   -10.514 1.00 16.57 ? 1009 HOH B O   1 
HETATM 796 O  O   . HOH H 3 .  ? 0.120   -5.108  -5.518  1.00 16.75 ? 1010 HOH B O   1 
HETATM 797 O  O   . HOH H 3 .  ? 0.048   2.575   -11.283 1.00 22.72 ? 1011 HOH B O   1 
HETATM 798 O  O   . HOH H 3 .  ? -11.277 -11.178 -1.349  1.00 20.65 ? 1012 HOH B O   1 
HETATM 799 O  O   . HOH H 3 .  ? -14.519 -4.883  -10.314 1.00 27.45 ? 1013 HOH B O   1 
HETATM 800 O  O   . HOH H 3 .  ? 4.888   16.586  -7.041  1.00 29.91 ? 1014 HOH B O   1 
HETATM 801 O  O   . HOH H 3 .  ? -8.024  1.845   3.243   1.00 23.79 ? 1015 HOH B O   1 
HETATM 802 O  O   . HOH H 3 .  ? -2.417  -9.289  -7.362  1.00 20.95 ? 1016 HOH B O   1 
HETATM 803 O  O   . HOH H 3 .  ? -3.650  4.892   -2.068  1.00 26.50 ? 1017 HOH B O   1 
HETATM 804 O  O   . HOH H 3 .  ? -11.562 -4.179  6.296   1.00 22.03 ? 1018 HOH B O   1 
HETATM 805 O  O   . HOH H 3 .  ? -15.650 -9.760  0.024   1.00 24.33 ? 1019 HOH B O   1 
HETATM 806 O  O   . HOH H 3 .  ? -14.399 -12.479 -1.043  1.00 30.64 ? 1020 HOH B O   1 
HETATM 807 O  O   . HOH H 3 .  ? 1.676   1.543   -8.622  1.00 23.63 ? 1021 HOH B O   1 
HETATM 808 O  O   . HOH H 3 .  ? -11.964 0.577   -12.297 1.00 32.43 ? 1022 HOH B O   1 
HETATM 809 O  O   . HOH H 3 .  ? -3.255  11.413  -8.480  1.00 32.92 ? 1023 HOH B O   1 
HETATM 810 O  O   . HOH H 3 .  ? -5.095  -14.100 -7.132  1.00 32.81 ? 1024 HOH B O   1 
HETATM 811 O  O   . HOH H 3 .  ? -8.667  -12.304 8.432   1.00 31.37 ? 1025 HOH B O   1 
HETATM 812 O  O   . HOH H 3 .  ? -17.056 -13.508 -9.248  1.00 36.48 ? 1026 HOH B O   1 
HETATM 813 O  O   . HOH H 3 .  ? -2.454  -6.486  -6.744  1.00 26.62 ? 1027 HOH B O   1 
HETATM 814 O  O   . HOH H 3 .  ? -5.213  -3.621  8.742   1.00 43.12 ? 1028 HOH B O   1 
HETATM 815 O  O   . HOH H 3 .  ? -5.553  0.125   -16.094 1.00 30.30 ? 1029 HOH B O   1 
HETATM 816 O  O   . HOH H 3 .  ? -18.468 -15.414 -3.664  1.00 41.14 ? 1030 HOH B O   1 
HETATM 817 O  O   . HOH H 3 .  ? -9.933  -16.050 -6.317  1.00 36.84 ? 1031 HOH B O   1 
HETATM 818 O  O   . HOH H 3 .  ? -10.361 5.405   -2.391  1.00 31.17 ? 1032 HOH B O   1 
HETATM 819 O  O   . HOH H 3 .  ? -12.373 3.861   -7.181  1.00 39.57 ? 1033 HOH B O   1 
HETATM 820 O  O   . HOH H 3 .  ? -3.134  -2.652  -17.080 1.00 50.79 ? 1034 HOH B O   1 
HETATM 821 O  O   . HOH H 3 .  ? -3.640  8.467   0.372   1.00 54.47 ? 1035 HOH B O   1 
HETATM 822 O  O   . HOH H 3 .  ? -4.641  -1.987  10.771  1.00 38.77 ? 1036 HOH B O   1 
HETATM 823 O  O   . HOH H 3 .  ? -2.684  -16.554 -2.287  1.00 53.64 ? 1037 HOH B O   1 
HETATM 824 O  O   . HOH H 3 .  ? -12.156 -17.208 -6.527  1.00 46.55 ? 1038 HOH B O   1 
HETATM 825 O  O   . HOH H 3 .  ? -16.690 -3.549  -11.863 1.00 18.23 ? 1039 HOH B O   1 
HETATM 826 O  O   . HOH H 3 .  ? -2.922  -9.807  -9.778  1.00 41.13 ? 1040 HOH B O   1 
HETATM 827 O  O   . HOH H 3 .  ? -3.221  0.163   10.689  1.00 44.40 ? 1041 HOH B O   1 
HETATM 828 O  O   . HOH H 3 .  ? 5.680   19.063  -7.352  1.00 50.91 ? 1042 HOH B O   1 
HETATM 829 O  O   . HOH H 3 .  ? -15.120 -12.093 -9.342  1.00 35.68 ? 1043 HOH B O   1 
HETATM 830 O  O   . HOH H 3 .  ? -14.301 3.335   -5.102  1.00 43.06 ? 1044 HOH B O   1 
HETATM 831 O  O   . HOH H 3 .  ? -5.317  -6.332  11.970  1.00 41.92 ? 1045 HOH B O   1 
HETATM 832 O  O   . HOH H 3 .  ? 1.670   13.067  -9.862  1.00 30.63 ? 1046 HOH B O   1 
HETATM 833 O  O   . HOH H 3 .  ? -18.244 -4.759  -13.731 1.00 41.07 ? 1047 HOH B O   1 
HETATM 834 O  O   . HOH H 3 .  ? -4.051  3.753   0.696   1.00 38.19 ? 1048 HOH B O   1 
HETATM 835 O  O   . HOH H 3 .  ? -6.229  3.884   2.300   1.00 50.41 ? 1049 HOH B O   1 
HETATM 836 O  O   . HOH H 3 .  ? -4.511  2.342   10.385  1.00 46.86 ? 1050 HOH B O   1 
HETATM 837 O  O   . HOH H 3 .  ? -10.940 -5.635  8.339   1.00 50.19 ? 1051 HOH B O   1 
HETATM 838 O  O   . HOH H 3 .  ? -13.160 3.683   -10.676 1.00 54.34 ? 1052 HOH B O   1 
HETATM 839 O  O   . HOH H 3 .  ? -2.543  -10.353 -12.124 1.00 52.81 ? 1053 HOH B O   1 
HETATM 840 O  O   . HOH H 3 .  ? -14.266 -1.792  -12.376 1.00 40.91 ? 1054 HOH B O   1 
HETATM 841 O  O   . HOH H 3 .  ? -12.318 -14.583 -9.186  1.00 47.09 ? 1055 HOH B O   1 
# 
